data_1Y7H
#
_entry.id   1Y7H
#
_cell.length_a   45.630
_cell.length_b   137.736
_cell.length_c   171.208
_cell.angle_alpha   90.00
_cell.angle_beta   90.10
_cell.angle_gamma   90.00
#
_symmetry.space_group_name_H-M   'P 1 21 1'
#
loop_
_entity.id
_entity.type
_entity.pdbx_description
1 polymer 'salicylic acid-binding protein 2'
2 non-polymer 'THIOCYANATE ION'
3 water water
#
_entity_poly.entity_id   1
_entity_poly.type   'polypeptide(L)'
_entity_poly.pdbx_seq_one_letter_code
;MKEGKHFVLVHGACHGGWSWYKLKPLLEAAGHKVTALDLAASGTDLRKIEELRTLYDYTLPL(MSE)EL(MSE)ESLSAD
EKVILVGHSLGG(MSE)NLGLA(MSE)EKYPQKIYAAVFLAAF(MSE)PDSVHNSSFVLEQYNERTPAENWLDTQFLPYG
SPEEPLTS(MSE)FFGPKFLAHKLYQLCSPEDLALASSLVRPSSLF(MSE)EDLSKAKYFTDERFGSVKRVYIVCTEDKG
IPEEFQRWQIDNIGVTEAIEIKGADH(MSE)A(MSE)LCEPQKLCASLLEIAHKYNLEHHHHHH
;
_entity_poly.pdbx_strand_id   A,B,C,D,E,F,G,H
#
# COMPACT_ATOMS: atom_id res chain seq x y z
N LYS A 2 6.32 -20.27 -66.94
CA LYS A 2 7.40 -19.50 -66.24
C LYS A 2 8.69 -20.34 -66.18
N GLU A 3 9.82 -19.66 -66.24
CA GLU A 3 11.12 -20.33 -66.21
C GLU A 3 11.45 -20.91 -64.83
N GLY A 4 12.18 -22.02 -64.83
CA GLY A 4 12.56 -22.67 -63.58
C GLY A 4 13.96 -23.24 -63.66
N LYS A 5 14.77 -22.97 -62.64
CA LYS A 5 16.15 -23.47 -62.61
C LYS A 5 16.25 -24.90 -62.07
N HIS A 6 17.35 -25.56 -62.41
CA HIS A 6 17.64 -26.93 -61.96
C HIS A 6 18.87 -26.86 -61.05
N PHE A 7 18.64 -27.04 -59.75
CA PHE A 7 19.73 -27.00 -58.78
C PHE A 7 20.29 -28.43 -58.63
N VAL A 8 21.59 -28.57 -58.84
CA VAL A 8 22.25 -29.85 -58.69
C VAL A 8 23.12 -29.65 -57.47
N LEU A 9 22.62 -30.11 -56.33
CA LEU A 9 23.32 -29.98 -55.05
C LEU A 9 24.31 -31.12 -54.89
N VAL A 10 25.50 -30.79 -54.44
CA VAL A 10 26.54 -31.79 -54.26
C VAL A 10 27.07 -31.82 -52.84
N HIS A 11 26.76 -32.91 -52.14
CA HIS A 11 27.16 -33.09 -50.75
C HIS A 11 28.68 -33.06 -50.55
N GLY A 12 29.09 -32.81 -49.31
CA GLY A 12 30.50 -32.77 -48.97
C GLY A 12 30.96 -34.14 -48.52
N ALA A 13 32.16 -34.24 -47.97
CA ALA A 13 32.72 -35.52 -47.51
C ALA A 13 32.04 -36.17 -46.30
N CYS A 14 31.99 -37.50 -46.32
CA CYS A 14 31.38 -38.31 -45.25
C CYS A 14 29.86 -38.14 -45.17
N HIS A 15 29.31 -37.41 -46.13
CA HIS A 15 27.88 -37.18 -46.16
C HIS A 15 27.24 -37.72 -47.42
N GLY A 16 25.97 -37.37 -47.59
CA GLY A 16 25.23 -37.83 -48.74
C GLY A 16 24.16 -36.86 -49.18
N GLY A 17 23.43 -37.23 -50.22
CA GLY A 17 22.38 -36.38 -50.73
C GLY A 17 21.32 -36.05 -49.71
N TRP A 18 21.33 -36.76 -48.58
CA TRP A 18 20.35 -36.54 -47.52
C TRP A 18 20.59 -35.25 -46.76
N SER A 19 21.82 -34.76 -46.79
CA SER A 19 22.12 -33.52 -46.07
C SER A 19 21.34 -32.31 -46.61
N TRP A 20 20.72 -32.45 -47.78
CA TRP A 20 19.98 -31.33 -48.36
C TRP A 20 18.48 -31.43 -48.14
N TYR A 21 18.08 -32.33 -47.24
CA TYR A 21 16.67 -32.55 -46.95
C TYR A 21 15.90 -31.30 -46.50
N LYS A 22 16.61 -30.33 -45.94
CA LYS A 22 15.93 -29.12 -45.51
C LYS A 22 15.85 -28.13 -46.64
N LEU A 23 16.91 -28.03 -47.44
CA LEU A 23 16.94 -27.08 -48.56
C LEU A 23 16.14 -27.55 -49.78
N LYS A 24 16.16 -28.85 -50.06
CA LYS A 24 15.49 -29.39 -51.22
C LYS A 24 14.04 -28.94 -51.38
N PRO A 25 13.20 -29.14 -50.34
CA PRO A 25 11.78 -28.76 -50.37
C PRO A 25 11.63 -27.27 -50.63
N LEU A 26 12.44 -26.47 -49.94
CA LEU A 26 12.39 -25.01 -50.10
C LEU A 26 12.70 -24.55 -51.53
N LEU A 27 13.73 -25.09 -52.17
CA LEU A 27 14.00 -24.66 -53.54
C LEU A 27 12.86 -25.13 -54.45
N GLU A 28 12.26 -26.27 -54.14
CA GLU A 28 11.16 -26.76 -54.96
C GLU A 28 9.90 -25.90 -54.86
N ALA A 29 9.57 -25.44 -53.66
CA ALA A 29 8.38 -24.60 -53.50
C ALA A 29 8.48 -23.34 -54.36
N ALA A 30 9.72 -22.92 -54.69
CA ALA A 30 9.91 -21.75 -55.53
C ALA A 30 9.83 -22.21 -57.00
N GLY A 31 9.16 -23.33 -57.23
CA GLY A 31 9.04 -23.86 -58.57
C GLY A 31 10.35 -24.25 -59.24
N HIS A 32 11.34 -24.69 -58.45
CA HIS A 32 12.63 -25.12 -59.00
C HIS A 32 12.85 -26.63 -58.87
N LYS A 33 13.41 -27.25 -59.89
CA LYS A 33 13.68 -28.67 -59.86
C LYS A 33 15.01 -28.84 -59.14
N VAL A 34 15.05 -29.77 -58.18
CA VAL A 34 16.25 -30.04 -57.41
C VAL A 34 16.67 -31.50 -57.47
N THR A 35 17.98 -31.76 -57.49
CA THR A 35 18.45 -33.13 -57.46
C THR A 35 19.54 -33.17 -56.41
N ALA A 36 19.31 -33.95 -55.35
CA ALA A 36 20.31 -34.07 -54.29
C ALA A 36 20.98 -35.39 -54.53
N LEU A 37 21.82 -35.47 -55.55
CA LEU A 37 22.45 -36.75 -55.85
C LEU A 37 23.48 -37.26 -54.85
N ASP A 38 23.59 -38.58 -54.80
CA ASP A 38 24.54 -39.22 -53.92
C ASP A 38 25.75 -39.71 -54.70
N LEU A 39 26.92 -39.29 -54.26
CA LEU A 39 28.15 -39.69 -54.90
C LEU A 39 28.48 -41.12 -54.49
N ALA A 40 29.41 -41.73 -55.20
CA ALA A 40 29.83 -43.08 -54.91
C ALA A 40 30.30 -43.22 -53.46
N ALA A 41 29.99 -44.36 -52.85
CA ALA A 41 30.34 -44.67 -51.46
C ALA A 41 29.77 -43.64 -50.47
N SER A 42 28.71 -42.96 -50.88
CA SER A 42 28.02 -41.94 -50.06
C SER A 42 26.53 -42.26 -49.87
N GLY A 43 25.96 -41.82 -48.76
CA GLY A 43 24.55 -42.08 -48.52
C GLY A 43 24.22 -43.55 -48.69
N THR A 44 23.34 -43.86 -49.64
CA THR A 44 22.93 -45.25 -49.87
C THR A 44 23.63 -45.98 -51.02
N ASP A 45 24.73 -45.44 -51.52
CA ASP A 45 25.44 -46.10 -52.61
C ASP A 45 26.08 -47.37 -52.01
N LEU A 46 26.13 -48.43 -52.80
CA LEU A 46 26.66 -49.70 -52.32
C LEU A 46 28.15 -49.87 -52.48
N ARG A 47 28.78 -48.99 -53.24
CA ARG A 47 30.21 -49.05 -53.42
C ARG A 47 30.88 -48.68 -52.10
N LYS A 48 32.10 -49.17 -51.89
CA LYS A 48 32.88 -48.88 -50.69
C LYS A 48 33.98 -47.89 -51.05
N ILE A 49 34.41 -47.12 -50.06
CA ILE A 49 35.46 -46.14 -50.28
C ILE A 49 36.76 -46.80 -50.74
N GLU A 50 36.87 -48.13 -50.61
CA GLU A 50 38.07 -48.82 -51.05
C GLU A 50 38.12 -48.97 -52.56
N GLU A 51 36.95 -49.00 -53.21
CA GLU A 51 36.94 -49.15 -54.65
C GLU A 51 37.15 -47.78 -55.31
N LEU A 52 37.47 -46.78 -54.50
CA LEU A 52 37.68 -45.46 -55.07
C LEU A 52 39.13 -45.07 -54.92
N ARG A 53 39.73 -44.59 -56.00
CA ARG A 53 41.14 -44.20 -55.98
C ARG A 53 41.37 -42.78 -56.48
N THR A 54 40.49 -42.32 -57.35
CA THR A 54 40.62 -40.98 -57.94
C THR A 54 39.40 -40.14 -57.62
N LEU A 55 39.50 -38.83 -57.86
CA LEU A 55 38.36 -37.96 -57.59
C LEU A 55 37.25 -38.22 -58.61
N TYR A 56 37.64 -38.76 -59.76
CA TYR A 56 36.69 -39.04 -60.82
C TYR A 56 35.85 -40.26 -60.44
N ASP A 57 36.49 -41.27 -59.86
CA ASP A 57 35.79 -42.47 -59.42
C ASP A 57 34.75 -42.03 -58.40
N TYR A 58 35.11 -41.00 -57.63
CA TYR A 58 34.22 -40.48 -56.60
C TYR A 58 33.09 -39.63 -57.20
N THR A 59 33.42 -38.86 -58.23
CA THR A 59 32.45 -37.98 -58.88
C THR A 59 31.61 -38.63 -59.98
N LEU A 60 31.95 -39.87 -60.32
CA LEU A 60 31.23 -40.60 -61.36
C LEU A 60 29.72 -40.32 -61.42
N PRO A 61 29.00 -40.44 -60.28
CA PRO A 61 27.55 -40.19 -60.23
C PRO A 61 27.15 -38.80 -60.75
N LEU A 62 27.96 -37.81 -60.41
CA LEU A 62 27.72 -36.45 -60.85
C LEU A 62 27.98 -36.32 -62.35
N GLU A 64 27.68 -38.73 -64.48
CA GLU A 64 26.62 -39.47 -65.16
C GLU A 64 25.33 -38.64 -65.24
N LEU A 65 25.20 -37.65 -64.37
CA LEU A 65 24.04 -36.77 -64.34
C LEU A 65 24.16 -35.68 -65.38
N GLU A 67 26.22 -35.57 -68.23
CA GLU A 67 26.12 -36.12 -69.59
C GLU A 67 24.68 -36.40 -70.04
N SER A 68 23.81 -36.71 -69.09
CA SER A 68 22.40 -36.99 -69.37
C SER A 68 21.61 -35.72 -69.69
N LEU A 69 22.07 -34.60 -69.14
CA LEU A 69 21.42 -33.33 -69.40
C LEU A 69 21.52 -32.98 -70.86
N SER A 70 20.42 -32.46 -71.41
CA SER A 70 20.38 -32.05 -72.81
C SER A 70 21.05 -30.68 -72.92
N ALA A 71 21.46 -30.30 -74.13
CA ALA A 71 22.13 -29.01 -74.34
C ALA A 71 21.27 -27.85 -73.84
N ASP A 72 19.99 -27.88 -74.19
CA ASP A 72 19.00 -26.86 -73.81
C ASP A 72 18.52 -27.05 -72.37
N GLU A 73 19.23 -27.87 -71.61
CA GLU A 73 18.88 -28.13 -70.23
C GLU A 73 20.06 -27.84 -69.31
N LYS A 74 20.37 -26.56 -69.12
CA LYS A 74 21.46 -26.16 -68.25
C LYS A 74 21.09 -26.43 -66.81
N VAL A 75 22.04 -26.20 -65.92
CA VAL A 75 21.82 -26.41 -64.48
C VAL A 75 22.69 -25.46 -63.63
N ILE A 76 22.37 -25.36 -62.34
CA ILE A 76 23.13 -24.52 -61.41
C ILE A 76 23.75 -25.42 -60.37
N LEU A 77 25.03 -25.70 -60.50
CA LEU A 77 25.70 -26.58 -59.54
C LEU A 77 25.98 -25.93 -58.20
N VAL A 78 25.68 -26.67 -57.13
CA VAL A 78 25.96 -26.16 -55.78
C VAL A 78 26.78 -27.20 -55.01
N GLY A 79 28.03 -26.88 -54.73
CA GLY A 79 28.87 -27.81 -54.01
C GLY A 79 29.13 -27.36 -52.57
N HIS A 80 29.23 -28.32 -51.65
CA HIS A 80 29.49 -28.03 -50.25
C HIS A 80 30.78 -28.71 -49.79
N SER A 81 31.57 -28.00 -49.00
CA SER A 81 32.83 -28.55 -48.50
C SER A 81 33.57 -29.21 -49.64
N LEU A 82 34.07 -30.42 -49.41
CA LEU A 82 34.80 -31.13 -50.44
C LEU A 82 33.95 -31.21 -51.72
N GLY A 83 32.65 -31.00 -51.58
CA GLY A 83 31.77 -31.05 -52.73
C GLY A 83 32.22 -30.08 -53.80
N GLY A 84 33.11 -29.17 -53.41
CA GLY A 84 33.63 -28.19 -54.32
C GLY A 84 34.48 -28.80 -55.41
N ASN A 86 34.32 -31.79 -56.58
CA ASN A 86 33.45 -32.52 -57.50
C ASN A 86 32.91 -31.56 -58.57
N LEU A 87 32.51 -30.35 -58.18
CA LEU A 87 32.01 -29.41 -59.17
C LEU A 87 33.13 -29.15 -60.16
N GLY A 88 34.37 -29.22 -59.68
CA GLY A 88 35.50 -29.01 -60.55
C GLY A 88 35.42 -29.87 -61.80
N LEU A 89 35.20 -31.16 -61.60
CA LEU A 89 35.10 -32.13 -62.68
C LEU A 89 33.92 -31.94 -63.62
N ALA A 90 32.76 -31.57 -63.10
CA ALA A 90 31.60 -31.36 -63.95
C ALA A 90 31.83 -30.12 -64.79
N GLU A 92 34.94 -28.57 -65.77
CA GLU A 92 35.95 -28.79 -66.79
C GLU A 92 35.41 -29.59 -67.96
N LYS A 93 34.55 -30.56 -67.67
CA LYS A 93 33.97 -31.43 -68.69
C LYS A 93 32.78 -30.80 -69.44
N TYR A 94 31.82 -30.27 -68.71
CA TYR A 94 30.65 -29.69 -69.34
C TYR A 94 30.41 -28.25 -68.90
N PRO A 95 31.29 -27.32 -69.31
CA PRO A 95 31.19 -25.90 -68.95
C PRO A 95 30.05 -25.12 -69.62
N GLN A 96 29.50 -25.67 -70.68
CA GLN A 96 28.43 -24.98 -71.40
C GLN A 96 27.03 -25.40 -70.97
N LYS A 97 26.94 -26.39 -70.06
CA LYS A 97 25.64 -26.89 -69.58
C LYS A 97 25.35 -26.39 -68.16
N ILE A 98 26.26 -25.58 -67.66
CA ILE A 98 26.16 -25.06 -66.31
C ILE A 98 26.01 -23.54 -66.36
N TYR A 99 24.94 -23.04 -65.77
CA TYR A 99 24.73 -21.61 -65.75
C TYR A 99 25.71 -20.99 -64.76
N ALA A 100 25.76 -21.56 -63.58
CA ALA A 100 26.64 -21.03 -62.57
C ALA A 100 27.00 -22.14 -61.62
N ALA A 101 28.20 -22.03 -61.04
CA ALA A 101 28.70 -23.01 -60.09
C ALA A 101 28.76 -22.34 -58.73
N VAL A 102 28.01 -22.87 -57.78
CA VAL A 102 27.99 -22.29 -56.46
C VAL A 102 28.81 -23.07 -55.42
N PHE A 103 29.79 -22.38 -54.82
CA PHE A 103 30.63 -22.99 -53.80
C PHE A 103 30.16 -22.56 -52.41
N LEU A 104 29.45 -23.48 -51.75
CA LEU A 104 28.92 -23.26 -50.39
C LEU A 104 29.90 -23.77 -49.35
N ALA A 105 30.68 -22.86 -48.77
CA ALA A 105 31.69 -23.21 -47.78
C ALA A 105 32.44 -24.43 -48.31
N ALA A 106 32.82 -24.35 -49.57
CA ALA A 106 33.51 -25.45 -50.21
C ALA A 106 34.96 -25.13 -50.59
N PHE A 107 35.73 -26.16 -50.89
CA PHE A 107 37.11 -25.98 -51.34
C PHE A 107 36.95 -25.74 -52.83
N PRO A 109 38.75 -25.06 -56.19
CA PRO A 109 40.02 -25.22 -56.92
C PRO A 109 40.19 -24.22 -58.06
N ASP A 110 41.45 -24.01 -58.46
CA ASP A 110 41.78 -23.09 -59.56
C ASP A 110 42.17 -23.87 -60.81
N SER A 111 42.68 -23.14 -61.80
CA SER A 111 43.09 -23.72 -63.07
C SER A 111 44.54 -23.39 -63.36
N VAL A 112 45.30 -23.11 -62.31
CA VAL A 112 46.69 -22.74 -62.47
C VAL A 112 47.63 -23.82 -61.93
N HIS A 113 47.58 -23.99 -60.62
CA HIS A 113 48.40 -24.97 -59.94
C HIS A 113 47.80 -26.36 -60.13
N ASN A 114 48.30 -27.33 -59.38
CA ASN A 114 47.78 -28.67 -59.46
C ASN A 114 46.35 -28.64 -58.89
N SER A 115 45.61 -29.73 -59.05
CA SER A 115 44.25 -29.76 -58.57
C SER A 115 44.13 -29.82 -57.06
N SER A 116 45.19 -30.28 -56.40
CA SER A 116 45.22 -30.39 -54.94
C SER A 116 45.64 -29.11 -54.20
N PHE A 117 45.88 -28.05 -54.96
CA PHE A 117 46.29 -26.73 -54.42
C PHE A 117 45.53 -26.29 -53.16
N VAL A 118 44.33 -25.77 -53.34
CA VAL A 118 43.52 -25.31 -52.22
C VAL A 118 43.59 -26.28 -51.06
N LEU A 119 43.48 -27.57 -51.36
CA LEU A 119 43.55 -28.61 -50.33
C LEU A 119 44.88 -28.63 -49.59
N GLU A 120 45.98 -28.43 -50.34
CA GLU A 120 47.31 -28.40 -49.72
C GLU A 120 47.49 -27.08 -48.99
N GLN A 121 46.89 -26.00 -49.49
CA GLN A 121 47.06 -24.73 -48.79
C GLN A 121 46.14 -24.70 -47.58
N TYR A 122 45.16 -25.60 -47.58
CA TYR A 122 44.22 -25.69 -46.48
C TYR A 122 44.89 -26.38 -45.30
N ASN A 123 45.52 -27.52 -45.54
CA ASN A 123 46.20 -28.26 -44.47
C ASN A 123 47.32 -27.49 -43.83
N GLU A 124 47.95 -26.61 -44.60
CA GLU A 124 49.03 -25.80 -44.07
C GLU A 124 48.52 -24.60 -43.30
N ARG A 125 47.34 -24.11 -43.63
CA ARG A 125 46.80 -22.94 -42.94
C ARG A 125 46.06 -23.31 -41.68
N THR A 126 45.86 -24.60 -41.45
CA THR A 126 45.18 -25.04 -40.25
C THR A 126 45.96 -26.18 -39.62
N PRO A 127 46.24 -26.07 -38.31
CA PRO A 127 46.99 -27.09 -37.56
C PRO A 127 46.32 -28.46 -37.56
N ALA A 128 46.93 -29.44 -36.91
CA ALA A 128 46.39 -30.80 -36.84
C ALA A 128 45.32 -30.98 -35.76
N GLU A 129 45.38 -30.16 -34.71
CA GLU A 129 44.41 -30.27 -33.63
C GLU A 129 42.98 -30.05 -34.13
N ASN A 130 42.83 -29.29 -35.21
CA ASN A 130 41.53 -29.00 -35.77
C ASN A 130 40.71 -30.23 -36.14
N TRP A 131 41.36 -31.20 -36.76
CA TRP A 131 40.71 -32.45 -37.17
C TRP A 131 40.14 -33.24 -35.99
N LEU A 132 40.68 -32.98 -34.80
CA LEU A 132 40.23 -33.65 -33.60
C LEU A 132 40.32 -35.19 -33.66
N ASP A 133 39.17 -35.87 -33.55
CA ASP A 133 39.15 -37.32 -33.58
C ASP A 133 38.89 -37.92 -34.94
N THR A 134 39.02 -37.10 -35.99
CA THR A 134 38.82 -37.59 -37.35
C THR A 134 39.88 -38.64 -37.63
N GLN A 135 39.55 -39.61 -38.47
CA GLN A 135 40.47 -40.69 -38.81
C GLN A 135 40.98 -40.66 -40.26
N PHE A 136 42.29 -40.80 -40.39
CA PHE A 136 42.98 -40.82 -41.67
C PHE A 136 43.72 -42.16 -41.84
N LEU A 137 43.00 -43.14 -42.40
CA LEU A 137 43.52 -44.48 -42.60
C LEU A 137 43.90 -44.76 -44.04
N PRO A 138 45.02 -45.42 -44.24
CA PRO A 138 45.46 -45.75 -45.59
C PRO A 138 44.94 -47.12 -45.98
N TYR A 139 44.51 -47.26 -47.23
CA TYR A 139 44.04 -48.53 -47.75
C TYR A 139 44.72 -48.77 -49.07
N GLY A 140 45.86 -48.12 -49.28
CA GLY A 140 46.60 -48.30 -50.52
C GLY A 140 47.91 -48.98 -50.25
N SER A 141 48.90 -48.70 -51.08
CA SER A 141 50.23 -49.30 -50.92
C SER A 141 51.27 -48.19 -50.79
N PRO A 142 52.50 -48.55 -50.42
CA PRO A 142 53.54 -47.54 -50.28
C PRO A 142 53.83 -46.86 -51.62
N GLU A 143 53.83 -47.62 -52.72
CA GLU A 143 54.09 -47.05 -54.04
C GLU A 143 52.80 -46.57 -54.70
N GLU A 144 51.68 -46.76 -54.01
CA GLU A 144 50.38 -46.34 -54.53
C GLU A 144 49.52 -45.98 -53.31
N PRO A 145 49.87 -44.89 -52.60
CA PRO A 145 49.14 -44.44 -51.41
C PRO A 145 47.70 -43.99 -51.62
N LEU A 146 46.85 -44.35 -50.67
CA LEU A 146 45.44 -43.99 -50.71
C LEU A 146 45.00 -43.84 -49.27
N THR A 147 44.50 -42.66 -48.94
CA THR A 147 44.07 -42.39 -47.59
C THR A 147 42.55 -42.27 -47.54
N SER A 148 41.98 -42.61 -46.39
CA SER A 148 40.55 -42.53 -46.17
C SER A 148 40.36 -41.58 -44.98
N PHE A 150 37.44 -39.95 -42.22
CA PHE A 150 36.17 -40.21 -41.59
C PHE A 150 36.07 -39.44 -40.27
N PHE A 151 35.27 -38.38 -40.29
CA PHE A 151 35.06 -37.52 -39.13
C PHE A 151 34.50 -38.28 -37.94
N GLY A 152 35.06 -38.01 -36.76
CA GLY A 152 34.56 -38.68 -35.56
C GLY A 152 33.39 -37.95 -34.95
N PRO A 153 32.78 -38.48 -33.87
CA PRO A 153 31.64 -37.78 -33.26
C PRO A 153 32.02 -36.40 -32.71
N LYS A 154 33.19 -36.31 -32.11
CA LYS A 154 33.67 -35.06 -31.53
C LYS A 154 33.88 -33.96 -32.57
N PHE A 155 34.61 -34.29 -33.62
CA PHE A 155 34.90 -33.30 -34.67
C PHE A 155 33.62 -32.85 -35.35
N LEU A 156 32.65 -33.75 -35.41
CA LEU A 156 31.38 -33.49 -36.04
C LEU A 156 30.53 -32.49 -35.24
N ALA A 157 30.39 -32.72 -33.93
CA ALA A 157 29.56 -31.87 -33.09
C ALA A 157 30.21 -30.56 -32.68
N HIS A 158 31.52 -30.50 -32.82
CA HIS A 158 32.30 -29.33 -32.45
C HIS A 158 32.86 -28.53 -33.63
N LYS A 159 33.17 -29.22 -34.72
CA LYS A 159 33.72 -28.54 -35.88
C LYS A 159 32.76 -28.40 -37.06
N LEU A 160 31.66 -29.17 -37.05
CA LEU A 160 30.71 -29.09 -38.15
C LEU A 160 29.26 -28.82 -37.76
N TYR A 161 28.85 -29.25 -36.56
CA TYR A 161 27.47 -29.07 -36.07
C TYR A 161 27.29 -28.30 -34.77
N GLN A 162 28.24 -27.44 -34.40
CA GLN A 162 28.12 -26.71 -33.13
C GLN A 162 26.93 -25.78 -33.07
N LEU A 163 26.53 -25.22 -34.21
CA LEU A 163 25.39 -24.32 -34.21
C LEU A 163 24.09 -25.00 -34.62
N CYS A 164 24.17 -26.29 -34.94
CA CYS A 164 23.00 -27.05 -35.36
C CYS A 164 22.24 -27.68 -34.18
N SER A 165 21.04 -28.19 -34.42
CA SER A 165 20.25 -28.80 -33.35
C SER A 165 20.70 -30.22 -33.00
N PRO A 166 20.22 -30.76 -31.87
CA PRO A 166 20.61 -32.13 -31.49
C PRO A 166 20.09 -33.20 -32.44
N GLU A 167 18.96 -32.89 -33.08
CA GLU A 167 18.36 -33.82 -34.02
C GLU A 167 19.33 -34.01 -35.18
N ASP A 168 19.70 -32.91 -35.82
CA ASP A 168 20.62 -32.93 -36.95
C ASP A 168 21.91 -33.69 -36.60
N LEU A 169 22.37 -33.54 -35.36
CA LEU A 169 23.60 -34.21 -34.92
C LEU A 169 23.38 -35.70 -34.80
N ALA A 170 22.15 -36.08 -34.47
CA ALA A 170 21.80 -37.47 -34.31
C ALA A 170 21.71 -38.10 -35.68
N LEU A 171 21.13 -37.35 -36.62
CA LEU A 171 20.97 -37.84 -37.98
C LEU A 171 22.35 -38.21 -38.56
N ALA A 172 23.27 -37.24 -38.57
CA ALA A 172 24.60 -37.48 -39.10
C ALA A 172 25.33 -38.67 -38.50
N SER A 173 25.35 -38.76 -37.17
CA SER A 173 26.02 -39.85 -36.48
C SER A 173 25.59 -41.19 -37.03
N SER A 174 24.36 -41.26 -37.51
CA SER A 174 23.88 -42.52 -38.05
C SER A 174 23.98 -42.61 -39.57
N LEU A 175 24.52 -41.60 -40.23
CA LEU A 175 24.64 -41.64 -41.69
C LEU A 175 26.04 -41.41 -42.21
N VAL A 176 26.82 -40.63 -41.48
CA VAL A 176 28.17 -40.33 -41.91
C VAL A 176 28.93 -41.60 -42.29
N ARG A 177 29.53 -41.60 -43.48
CA ARG A 177 30.30 -42.74 -43.95
C ARG A 177 31.73 -42.30 -44.29
N PRO A 178 32.66 -43.24 -44.39
CA PRO A 178 34.05 -42.86 -44.70
C PRO A 178 34.18 -42.23 -46.08
N SER A 179 35.09 -41.28 -46.22
CA SER A 179 35.31 -40.64 -47.51
C SER A 179 36.80 -40.50 -47.78
N SER A 180 37.18 -39.55 -48.64
CA SER A 180 38.59 -39.31 -48.96
C SER A 180 38.78 -37.96 -49.63
N LEU A 181 39.95 -37.38 -49.49
CA LEU A 181 40.24 -36.09 -50.10
C LEU A 181 40.90 -36.33 -51.46
N PHE A 182 41.41 -37.55 -51.66
CA PHE A 182 42.08 -37.95 -52.91
C PHE A 182 43.25 -37.02 -53.26
N GLU A 184 46.58 -38.02 -53.56
CA GLU A 184 47.45 -38.69 -54.52
C GLU A 184 47.07 -38.40 -55.96
N ASP A 185 45.78 -38.57 -56.27
CA ASP A 185 45.29 -38.30 -57.62
C ASP A 185 45.39 -36.83 -58.02
N LEU A 186 44.93 -35.95 -57.14
CA LEU A 186 44.93 -34.52 -57.42
C LEU A 186 46.29 -33.83 -57.39
N SER A 187 47.30 -34.48 -56.79
CA SER A 187 48.62 -33.86 -56.72
C SER A 187 49.44 -34.21 -57.94
N LYS A 188 49.03 -35.27 -58.63
CA LYS A 188 49.77 -35.70 -59.81
C LYS A 188 49.10 -35.26 -61.12
N ALA A 189 48.28 -34.22 -61.06
CA ALA A 189 47.61 -33.78 -62.28
C ALA A 189 46.90 -32.43 -62.18
N LYS A 190 46.56 -31.86 -63.32
CA LYS A 190 45.86 -30.59 -63.37
C LYS A 190 44.61 -30.83 -64.21
N TYR A 191 43.53 -31.20 -63.53
CA TYR A 191 42.26 -31.50 -64.18
C TYR A 191 41.43 -30.30 -64.63
N PHE A 192 41.83 -29.11 -64.22
CA PHE A 192 41.09 -27.91 -64.59
C PHE A 192 41.91 -26.97 -65.49
N THR A 193 41.22 -26.23 -66.37
CA THR A 193 41.86 -25.27 -67.28
C THR A 193 40.97 -24.01 -67.38
N ASP A 194 41.55 -22.85 -67.70
CA ASP A 194 40.75 -21.63 -67.78
C ASP A 194 39.76 -21.66 -68.95
N GLU A 195 40.16 -22.30 -70.05
CA GLU A 195 39.32 -22.38 -71.24
C GLU A 195 37.94 -22.98 -70.96
N ARG A 196 37.94 -24.11 -70.23
CA ARG A 196 36.69 -24.79 -69.91
C ARG A 196 36.24 -24.54 -68.48
N PHE A 197 37.02 -25.03 -67.52
CA PHE A 197 36.68 -24.86 -66.10
C PHE A 197 36.50 -23.39 -65.78
N GLY A 198 37.59 -22.64 -65.94
CA GLY A 198 37.61 -21.22 -65.63
C GLY A 198 36.65 -20.28 -66.33
N SER A 199 35.88 -20.79 -67.29
CA SER A 199 34.92 -19.98 -68.02
C SER A 199 33.51 -20.17 -67.48
N VAL A 200 33.40 -20.71 -66.27
CA VAL A 200 32.10 -20.92 -65.66
C VAL A 200 31.91 -19.91 -64.53
N LYS A 201 30.81 -19.15 -64.57
CA LYS A 201 30.50 -18.14 -63.56
C LYS A 201 30.64 -18.80 -62.19
N ARG A 202 31.41 -18.18 -61.30
CA ARG A 202 31.59 -18.75 -59.96
C ARG A 202 30.98 -17.91 -58.86
N VAL A 203 30.21 -18.54 -57.99
CA VAL A 203 29.61 -17.81 -56.88
C VAL A 203 30.05 -18.48 -55.59
N TYR A 204 30.33 -17.69 -54.55
CA TYR A 204 30.78 -18.28 -53.29
C TYR A 204 29.95 -17.83 -52.09
N ILE A 205 29.42 -18.80 -51.36
CA ILE A 205 28.63 -18.52 -50.17
C ILE A 205 29.50 -18.78 -48.95
N VAL A 206 29.78 -17.72 -48.19
CA VAL A 206 30.61 -17.82 -47.00
C VAL A 206 29.75 -18.08 -45.79
N CYS A 207 30.22 -18.97 -44.92
CA CYS A 207 29.52 -19.30 -43.69
C CYS A 207 30.51 -18.93 -42.57
N THR A 208 30.24 -17.81 -41.90
CA THR A 208 31.09 -17.25 -40.85
C THR A 208 31.50 -18.09 -39.64
N GLU A 209 30.58 -18.87 -39.09
CA GLU A 209 30.91 -19.65 -37.91
C GLU A 209 31.52 -21.01 -38.25
N ASP A 210 31.87 -21.20 -39.52
CA ASP A 210 32.46 -22.47 -39.97
C ASP A 210 33.74 -22.77 -39.22
N LYS A 211 33.80 -23.95 -38.64
CA LYS A 211 34.94 -24.43 -37.88
C LYS A 211 35.83 -25.36 -38.71
N GLY A 212 35.23 -26.27 -39.47
CA GLY A 212 36.01 -27.16 -40.31
C GLY A 212 36.80 -26.31 -41.28
N ILE A 213 36.10 -25.53 -42.09
CA ILE A 213 36.73 -24.62 -43.06
C ILE A 213 36.45 -23.23 -42.52
N PRO A 214 37.28 -22.76 -41.58
CA PRO A 214 37.14 -21.44 -40.96
C PRO A 214 36.92 -20.27 -41.93
N GLU A 215 36.01 -19.39 -41.55
CA GLU A 215 35.70 -18.23 -42.34
C GLU A 215 36.96 -17.58 -42.94
N GLU A 216 38.09 -17.75 -42.24
CA GLU A 216 39.34 -17.19 -42.74
C GLU A 216 39.72 -17.82 -44.06
N PHE A 217 39.90 -19.14 -44.06
CA PHE A 217 40.27 -19.83 -45.27
C PHE A 217 39.24 -19.61 -46.40
N GLN A 218 37.96 -19.52 -46.04
CA GLN A 218 36.96 -19.28 -47.07
C GLN A 218 37.25 -17.96 -47.76
N ARG A 219 37.47 -16.91 -46.98
CA ARG A 219 37.80 -15.59 -47.53
C ARG A 219 39.04 -15.71 -48.42
N TRP A 220 40.06 -16.39 -47.90
CA TRP A 220 41.33 -16.62 -48.61
C TRP A 220 41.16 -17.29 -49.98
N GLN A 221 40.16 -18.16 -50.11
CA GLN A 221 39.92 -18.83 -51.38
C GLN A 221 39.38 -17.86 -52.40
N ILE A 222 38.68 -16.85 -51.90
CA ILE A 222 38.09 -15.79 -52.73
C ILE A 222 39.20 -14.83 -53.17
N ASP A 223 40.19 -14.63 -52.31
CA ASP A 223 41.32 -13.74 -52.57
C ASP A 223 42.35 -14.37 -53.50
N ASN A 224 42.43 -15.70 -53.50
CA ASN A 224 43.37 -16.45 -54.35
C ASN A 224 42.72 -16.94 -55.63
N ILE A 225 41.64 -17.71 -55.50
CA ILE A 225 40.92 -18.23 -56.66
C ILE A 225 40.04 -17.18 -57.33
N GLY A 226 39.43 -16.33 -56.51
CA GLY A 226 38.59 -15.28 -57.06
C GLY A 226 37.22 -15.80 -57.49
N VAL A 227 36.27 -14.88 -57.62
CA VAL A 227 34.93 -15.25 -58.01
C VAL A 227 34.24 -14.14 -58.79
N THR A 228 32.96 -14.31 -59.06
CA THR A 228 32.19 -13.31 -59.80
C THR A 228 31.12 -12.74 -58.87
N GLU A 229 30.96 -13.36 -57.71
CA GLU A 229 29.95 -12.95 -56.75
C GLU A 229 30.20 -13.68 -55.45
N ALA A 230 30.51 -12.93 -54.39
CA ALA A 230 30.77 -13.50 -53.07
C ALA A 230 29.63 -13.18 -52.10
N ILE A 231 28.79 -14.18 -51.82
CA ILE A 231 27.67 -14.01 -50.91
C ILE A 231 28.05 -14.42 -49.49
N GLU A 232 27.36 -13.85 -48.51
CA GLU A 232 27.65 -14.15 -47.12
C GLU A 232 26.40 -14.49 -46.31
N ILE A 233 26.50 -15.54 -45.51
CA ILE A 233 25.41 -15.98 -44.64
C ILE A 233 25.96 -15.95 -43.21
N LYS A 234 26.05 -14.76 -42.64
CA LYS A 234 26.57 -14.61 -41.27
C LYS A 234 25.76 -15.40 -40.27
N GLY A 235 26.44 -15.93 -39.26
CA GLY A 235 25.79 -16.70 -38.23
C GLY A 235 25.68 -18.18 -38.52
N ALA A 236 26.03 -18.57 -39.75
CA ALA A 236 25.95 -19.96 -40.19
C ALA A 236 27.22 -20.79 -40.00
N ASP A 237 27.05 -22.03 -39.57
CA ASP A 237 28.17 -22.96 -39.35
C ASP A 237 28.42 -23.74 -40.65
N HIS A 238 29.29 -24.72 -40.59
CA HIS A 238 29.62 -25.51 -41.77
C HIS A 238 28.38 -26.16 -42.39
N ALA A 240 25.40 -25.26 -43.26
CA ALA A 240 24.44 -24.21 -43.58
C ALA A 240 23.06 -24.69 -44.05
N LEU A 242 21.45 -27.04 -42.97
CA LEU A 242 20.74 -27.64 -41.85
C LEU A 242 20.34 -26.63 -40.78
N CYS A 243 21.23 -25.68 -40.50
CA CYS A 243 20.96 -24.66 -39.48
C CYS A 243 20.49 -23.35 -40.10
N GLU A 244 20.60 -23.24 -41.42
CA GLU A 244 20.20 -22.03 -42.09
C GLU A 244 19.63 -22.28 -43.48
N PRO A 245 18.58 -23.11 -43.57
CA PRO A 245 17.92 -23.46 -44.83
C PRO A 245 17.25 -22.31 -45.58
N GLN A 246 16.60 -21.41 -44.85
CA GLN A 246 15.90 -20.26 -45.45
C GLN A 246 16.86 -19.25 -46.05
N LYS A 247 17.78 -18.71 -45.24
CA LYS A 247 18.71 -17.75 -45.77
C LYS A 247 19.49 -18.35 -46.95
N LEU A 248 19.84 -19.62 -46.85
CA LEU A 248 20.60 -20.28 -47.92
C LEU A 248 19.73 -20.26 -49.17
N CYS A 249 18.49 -20.71 -48.99
CA CYS A 249 17.51 -20.78 -50.05
C CYS A 249 17.37 -19.42 -50.71
N ALA A 250 17.18 -18.41 -49.87
CA ALA A 250 17.00 -17.04 -50.34
C ALA A 250 18.19 -16.60 -51.18
N SER A 251 19.37 -16.95 -50.71
CA SER A 251 20.61 -16.60 -51.40
C SER A 251 20.62 -17.24 -52.79
N LEU A 252 20.31 -18.54 -52.85
CA LEU A 252 20.31 -19.26 -54.12
C LEU A 252 19.30 -18.69 -55.12
N LEU A 253 18.15 -18.23 -54.63
CA LEU A 253 17.12 -17.64 -55.49
C LEU A 253 17.53 -16.24 -55.93
N GLU A 254 18.60 -15.73 -55.34
CA GLU A 254 19.11 -14.41 -55.69
C GLU A 254 20.17 -14.58 -56.77
N ILE A 255 20.75 -15.78 -56.85
CA ILE A 255 21.78 -16.05 -57.83
C ILE A 255 21.13 -16.47 -59.15
N ALA A 256 19.94 -17.08 -59.06
CA ALA A 256 19.20 -17.53 -60.24
C ALA A 256 19.19 -16.46 -61.33
N HIS A 257 18.63 -15.30 -61.01
CA HIS A 257 18.57 -14.19 -61.96
C HIS A 257 19.90 -13.45 -62.10
N LYS A 258 20.87 -13.80 -61.26
CA LYS A 258 22.17 -13.16 -61.32
C LYS A 258 22.91 -13.52 -62.60
N LYS B 2 23.07 -47.90 -10.64
CA LYS B 2 22.98 -46.49 -11.14
C LYS B 2 21.54 -46.11 -11.44
N GLU B 3 21.36 -45.15 -12.35
CA GLU B 3 20.03 -44.64 -12.77
C GLU B 3 19.92 -44.51 -14.29
N GLY B 4 18.69 -44.53 -14.81
CA GLY B 4 18.46 -44.43 -16.25
C GLY B 4 17.89 -45.70 -16.87
N LYS B 5 17.94 -45.79 -18.19
CA LYS B 5 17.44 -46.95 -18.93
C LYS B 5 18.06 -46.96 -20.32
N HIS B 6 18.05 -48.13 -20.96
CA HIS B 6 18.60 -48.26 -22.30
C HIS B 6 17.48 -48.69 -23.26
N PHE B 7 17.24 -47.88 -24.28
CA PHE B 7 16.21 -48.16 -25.26
C PHE B 7 16.84 -48.67 -26.56
N VAL B 8 16.25 -49.71 -27.14
CA VAL B 8 16.75 -50.27 -28.40
C VAL B 8 15.66 -49.97 -29.43
N LEU B 9 16.01 -49.16 -30.42
CA LEU B 9 15.06 -48.75 -31.44
C LEU B 9 15.26 -49.56 -32.71
N VAL B 10 14.20 -50.17 -33.22
CA VAL B 10 14.38 -50.97 -34.44
C VAL B 10 13.41 -50.52 -35.50
N HIS B 11 13.96 -49.86 -36.50
CA HIS B 11 13.20 -49.33 -37.61
C HIS B 11 12.40 -50.42 -38.33
N GLY B 12 11.69 -50.01 -39.38
CA GLY B 12 10.88 -50.95 -40.12
C GLY B 12 11.42 -51.12 -41.52
N ALA B 13 10.67 -51.83 -42.35
CA ALA B 13 11.15 -52.05 -43.70
C ALA B 13 11.44 -50.76 -44.47
N CYS B 14 12.49 -50.84 -45.29
CA CYS B 14 12.92 -49.76 -46.16
C CYS B 14 13.53 -48.59 -45.45
N HIS B 15 13.76 -48.76 -44.16
CA HIS B 15 14.31 -47.69 -43.37
C HIS B 15 15.60 -48.06 -42.69
N GLY B 16 15.99 -47.24 -41.72
CA GLY B 16 17.23 -47.47 -41.00
C GLY B 16 17.23 -46.74 -39.66
N GLY B 17 18.40 -46.70 -39.04
CA GLY B 17 18.54 -46.05 -37.75
C GLY B 17 18.32 -44.55 -37.79
N TRP B 18 18.58 -43.94 -38.95
CA TRP B 18 18.38 -42.50 -39.06
C TRP B 18 16.96 -42.15 -38.70
N SER B 19 16.04 -43.02 -39.12
CA SER B 19 14.63 -42.85 -38.85
C SER B 19 14.35 -42.33 -37.44
N TRP B 20 15.17 -42.68 -36.47
CA TRP B 20 14.91 -42.22 -35.08
C TRP B 20 15.62 -40.94 -34.65
N TYR B 21 16.12 -40.20 -35.65
CA TYR B 21 16.85 -38.95 -35.42
C TYR B 21 16.17 -37.80 -34.65
N LYS B 22 14.84 -37.81 -34.59
CA LYS B 22 14.11 -36.76 -33.87
C LYS B 22 13.72 -37.21 -32.46
N LEU B 23 13.70 -38.52 -32.26
CA LEU B 23 13.34 -39.12 -30.98
C LEU B 23 14.58 -39.34 -30.08
N LYS B 24 15.65 -39.83 -30.67
CA LYS B 24 16.88 -40.11 -29.91
C LYS B 24 17.33 -38.99 -28.96
N PRO B 25 17.43 -37.73 -29.44
CA PRO B 25 17.86 -36.64 -28.55
C PRO B 25 16.96 -36.45 -27.33
N LEU B 26 15.66 -36.67 -27.52
CA LEU B 26 14.69 -36.54 -26.44
C LEU B 26 14.90 -37.61 -25.38
N LEU B 27 14.93 -38.87 -25.79
CA LEU B 27 15.12 -39.95 -24.83
C LEU B 27 16.40 -39.69 -24.06
N GLU B 28 17.47 -39.35 -24.79
CA GLU B 28 18.73 -39.09 -24.12
C GLU B 28 18.64 -37.89 -23.17
N ALA B 29 17.84 -36.89 -23.52
CA ALA B 29 17.67 -35.71 -22.67
C ALA B 29 17.15 -36.09 -21.29
N ALA B 30 16.52 -37.26 -21.18
CA ALA B 30 16.00 -37.73 -19.90
C ALA B 30 17.06 -38.56 -19.14
N GLY B 31 18.19 -38.82 -19.81
CA GLY B 31 19.27 -39.58 -19.19
C GLY B 31 19.26 -41.06 -19.51
N HIS B 32 18.80 -41.40 -20.70
CA HIS B 32 18.74 -42.79 -21.10
C HIS B 32 19.71 -43.11 -22.23
N LYS B 33 19.98 -44.41 -22.42
CA LYS B 33 20.86 -44.84 -23.48
C LYS B 33 19.96 -45.18 -24.64
N VAL B 34 20.42 -44.89 -25.86
CA VAL B 34 19.61 -45.18 -27.03
C VAL B 34 20.46 -45.81 -28.12
N THR B 35 19.86 -46.71 -28.88
CA THR B 35 20.58 -47.33 -29.97
C THR B 35 19.67 -47.40 -31.18
N ALA B 36 19.90 -46.53 -32.15
CA ALA B 36 19.09 -46.53 -33.36
C ALA B 36 19.80 -47.51 -34.30
N LEU B 37 19.64 -48.81 -34.04
CA LEU B 37 20.33 -49.80 -34.87
C LEU B 37 20.01 -49.79 -36.37
N ASP B 38 20.89 -50.41 -37.14
CA ASP B 38 20.74 -50.49 -38.60
C ASP B 38 20.66 -51.96 -38.95
N LEU B 39 19.46 -52.48 -39.10
CA LEU B 39 19.30 -53.89 -39.47
C LEU B 39 20.02 -54.16 -40.80
N ALA B 40 20.18 -55.42 -41.16
CA ALA B 40 20.88 -55.76 -42.40
C ALA B 40 20.24 -55.12 -43.63
N ALA B 41 21.08 -54.76 -44.60
CA ALA B 41 20.60 -54.15 -45.83
C ALA B 41 19.87 -52.84 -45.56
N SER B 42 20.11 -52.24 -44.40
CA SER B 42 19.42 -51.00 -44.08
C SER B 42 20.31 -49.81 -43.73
N GLY B 43 19.82 -48.61 -44.03
CA GLY B 43 20.57 -47.42 -43.72
C GLY B 43 21.92 -47.40 -44.39
N THR B 44 22.99 -47.59 -43.62
CA THR B 44 24.32 -47.57 -44.21
C THR B 44 24.96 -48.94 -44.23
N ASP B 45 24.23 -49.95 -43.79
CA ASP B 45 24.76 -51.30 -43.79
C ASP B 45 25.09 -51.68 -45.23
N LEU B 46 26.33 -52.08 -45.48
CA LEU B 46 26.76 -52.42 -46.83
C LEU B 46 26.26 -53.74 -47.41
N ARG B 47 25.46 -54.48 -46.65
CA ARG B 47 24.91 -55.74 -47.15
C ARG B 47 23.75 -55.49 -48.11
N LYS B 48 23.71 -56.23 -49.21
CA LYS B 48 22.64 -56.10 -50.22
C LYS B 48 21.43 -56.89 -49.75
N ILE B 49 20.24 -56.45 -50.16
CA ILE B 49 19.01 -57.12 -49.76
C ILE B 49 18.92 -58.54 -50.30
N GLU B 50 19.53 -58.77 -51.46
CA GLU B 50 19.54 -60.09 -52.08
C GLU B 50 20.38 -61.09 -51.29
N GLU B 51 21.03 -60.63 -50.22
CA GLU B 51 21.85 -61.50 -49.39
C GLU B 51 21.06 -62.06 -48.19
N LEU B 52 19.88 -61.51 -47.94
CA LEU B 52 19.07 -61.96 -46.82
C LEU B 52 18.11 -63.03 -47.33
N ARG B 53 18.28 -64.26 -46.83
CA ARG B 53 17.46 -65.39 -47.23
C ARG B 53 16.33 -65.66 -46.24
N THR B 54 16.44 -65.09 -45.04
CA THR B 54 15.45 -65.29 -44.00
C THR B 54 15.30 -64.05 -43.11
N LEU B 55 14.25 -64.04 -42.31
CA LEU B 55 14.00 -62.96 -41.38
C LEU B 55 15.17 -62.81 -40.42
N TYR B 56 15.84 -63.94 -40.14
CA TYR B 56 16.99 -63.98 -39.23
C TYR B 56 18.21 -63.22 -39.79
N ASP B 57 18.51 -63.44 -41.06
CA ASP B 57 19.63 -62.75 -41.68
C ASP B 57 19.44 -61.26 -41.55
N TYR B 58 18.20 -60.82 -41.69
CA TYR B 58 17.83 -59.41 -41.60
C TYR B 58 17.96 -58.88 -40.18
N THR B 59 17.58 -59.70 -39.20
CA THR B 59 17.63 -59.32 -37.79
C THR B 59 19.00 -59.62 -37.15
N LEU B 60 20.00 -59.96 -37.96
CA LEU B 60 21.33 -60.29 -37.42
C LEU B 60 21.91 -59.21 -36.51
N PRO B 61 21.97 -57.94 -36.96
CA PRO B 61 22.51 -56.88 -36.13
C PRO B 61 21.82 -56.78 -34.76
N LEU B 62 20.50 -56.72 -34.74
CA LEU B 62 19.80 -56.63 -33.46
C LEU B 62 20.17 -57.81 -32.57
N GLU B 64 22.88 -59.71 -32.61
CA GLU B 64 24.25 -59.60 -32.13
C GLU B 64 24.32 -58.60 -31.01
N LEU B 65 23.48 -57.57 -31.07
CA LEU B 65 23.47 -56.56 -30.02
C LEU B 65 22.92 -57.19 -28.75
N GLU B 67 23.04 -60.02 -27.84
CA GLU B 67 24.03 -60.96 -27.33
C GLU B 67 25.14 -60.23 -26.56
N SER B 68 25.32 -58.96 -26.86
CA SER B 68 26.36 -58.16 -26.21
C SER B 68 25.87 -57.43 -24.98
N LEU B 69 24.68 -57.78 -24.48
CA LEU B 69 24.18 -57.12 -23.28
C LEU B 69 24.72 -57.82 -22.04
N SER B 70 25.04 -57.04 -21.02
CA SER B 70 25.58 -57.54 -19.75
C SER B 70 24.54 -58.28 -18.94
N ALA B 71 25.03 -59.04 -17.97
CA ALA B 71 24.20 -59.83 -17.07
C ALA B 71 23.08 -59.02 -16.43
N ASP B 72 23.34 -57.76 -16.12
CA ASP B 72 22.33 -56.93 -15.47
C ASP B 72 22.01 -55.71 -16.34
N GLU B 73 22.27 -55.82 -17.63
CA GLU B 73 22.01 -54.74 -18.57
C GLU B 73 20.77 -55.06 -19.40
N LYS B 74 19.61 -54.69 -18.87
CA LYS B 74 18.32 -54.92 -19.53
C LYS B 74 18.08 -53.83 -20.58
N VAL B 75 17.00 -53.95 -21.34
CA VAL B 75 16.70 -52.96 -22.36
C VAL B 75 15.21 -52.89 -22.68
N ILE B 76 14.82 -51.78 -23.29
CA ILE B 76 13.44 -51.57 -23.68
C ILE B 76 13.39 -51.63 -25.20
N LEU B 77 12.72 -52.66 -25.72
CA LEU B 77 12.60 -52.84 -27.17
C LEU B 77 11.46 -52.02 -27.76
N VAL B 78 11.72 -51.37 -28.89
CA VAL B 78 10.71 -50.55 -29.53
C VAL B 78 10.72 -50.88 -31.01
N GLY B 79 9.75 -51.64 -31.49
CA GLY B 79 9.74 -51.96 -32.91
C GLY B 79 8.72 -51.17 -33.69
N HIS B 80 9.13 -50.64 -34.85
CA HIS B 80 8.23 -49.86 -35.68
C HIS B 80 7.93 -50.51 -37.05
N SER B 81 6.65 -50.65 -37.39
CA SER B 81 6.23 -51.26 -38.65
C SER B 81 6.57 -52.76 -38.71
N LEU B 82 7.60 -53.11 -39.48
CA LEU B 82 8.04 -54.50 -39.62
C LEU B 82 8.99 -54.83 -38.47
N GLY B 83 9.35 -53.79 -37.71
CA GLY B 83 10.24 -53.92 -36.58
C GLY B 83 9.63 -54.81 -35.51
N GLY B 84 8.32 -54.97 -35.58
CA GLY B 84 7.64 -55.82 -34.62
C GLY B 84 8.11 -57.24 -34.82
N ASN B 86 11.00 -58.29 -36.08
CA ASN B 86 12.37 -58.35 -35.60
C ASN B 86 12.37 -58.54 -34.08
N LEU B 87 11.56 -57.76 -33.37
CA LEU B 87 11.53 -57.89 -31.93
C LEU B 87 11.26 -59.34 -31.54
N GLY B 88 10.36 -59.99 -32.27
CA GLY B 88 10.02 -61.37 -31.98
C GLY B 88 11.23 -62.26 -31.84
N LEU B 89 12.09 -62.26 -32.84
CA LEU B 89 13.30 -63.06 -32.78
C LEU B 89 14.08 -62.74 -31.52
N ALA B 90 14.29 -61.47 -31.26
CA ALA B 90 15.03 -61.04 -30.07
C ALA B 90 14.35 -61.47 -28.78
N GLU B 92 12.33 -64.09 -28.30
CA GLU B 92 12.40 -65.54 -28.17
C GLU B 92 13.74 -66.00 -27.61
N LYS B 93 14.80 -65.31 -28.03
CA LYS B 93 16.15 -65.62 -27.62
C LYS B 93 16.59 -65.01 -26.29
N TYR B 94 16.22 -63.77 -26.01
CA TYR B 94 16.65 -63.16 -24.77
C TYR B 94 15.47 -62.56 -24.02
N PRO B 95 14.48 -63.39 -23.67
CA PRO B 95 13.30 -62.88 -22.95
C PRO B 95 13.59 -62.13 -21.66
N GLN B 96 14.47 -62.66 -20.82
CA GLN B 96 14.77 -61.99 -19.56
C GLN B 96 15.68 -60.78 -19.72
N LYS B 97 16.27 -60.60 -20.90
CA LYS B 97 17.15 -59.47 -21.12
C LYS B 97 16.37 -58.29 -21.66
N ILE B 98 15.04 -58.35 -21.54
CA ILE B 98 14.14 -57.30 -22.02
C ILE B 98 13.14 -56.89 -20.94
N TYR B 99 12.99 -55.58 -20.71
CA TYR B 99 12.06 -55.08 -19.72
C TYR B 99 10.62 -55.13 -20.21
N ALA B 100 10.44 -54.92 -21.51
CA ALA B 100 9.13 -54.97 -22.15
C ALA B 100 9.28 -54.58 -23.62
N ALA B 101 8.51 -55.25 -24.48
CA ALA B 101 8.55 -55.00 -25.92
C ALA B 101 7.46 -54.01 -26.32
N VAL B 102 7.84 -52.97 -27.06
CA VAL B 102 6.87 -51.99 -27.49
C VAL B 102 6.68 -52.01 -28.99
N PHE B 103 5.43 -52.10 -29.40
CA PHE B 103 5.10 -52.14 -30.81
C PHE B 103 4.38 -50.87 -31.28
N LEU B 104 5.17 -49.96 -31.85
CA LEU B 104 4.68 -48.70 -32.37
C LEU B 104 4.20 -48.93 -33.80
N ALA B 105 2.87 -48.92 -33.97
CA ALA B 105 2.23 -49.13 -35.26
C ALA B 105 2.95 -50.19 -36.07
N ALA B 106 3.13 -51.36 -35.47
CA ALA B 106 3.85 -52.42 -36.14
C ALA B 106 3.09 -53.72 -36.21
N PHE B 107 3.74 -54.73 -36.78
CA PHE B 107 3.14 -56.06 -36.89
C PHE B 107 3.60 -56.84 -35.68
N PRO B 109 3.45 -60.14 -33.69
CA PRO B 109 3.13 -61.57 -33.77
C PRO B 109 2.79 -62.18 -32.40
N ASP B 110 2.74 -63.51 -32.34
CA ASP B 110 2.44 -64.19 -31.08
C ASP B 110 3.03 -65.61 -31.09
N SER B 111 2.83 -66.35 -30.00
CA SER B 111 3.35 -67.72 -29.92
C SER B 111 2.19 -68.72 -29.90
N VAL B 112 1.14 -68.38 -30.63
CA VAL B 112 -0.06 -69.20 -30.73
C VAL B 112 -0.39 -69.44 -32.19
N HIS B 113 -0.46 -68.37 -32.96
CA HIS B 113 -0.77 -68.51 -34.38
C HIS B 113 0.52 -68.74 -35.16
N ASN B 114 0.40 -68.92 -36.47
CA ASN B 114 1.55 -69.12 -37.33
C ASN B 114 2.37 -67.83 -37.30
N SER B 115 3.69 -67.94 -37.45
CA SER B 115 4.55 -66.76 -37.38
C SER B 115 4.19 -65.64 -38.35
N SER B 116 3.66 -66.00 -39.52
CA SER B 116 3.30 -65.02 -40.55
C SER B 116 1.80 -64.71 -40.54
N PHE B 117 1.12 -65.07 -39.44
CA PHE B 117 -0.31 -64.86 -39.31
C PHE B 117 -0.68 -63.39 -39.41
N VAL B 118 0.04 -62.58 -38.64
CA VAL B 118 -0.25 -61.17 -38.66
C VAL B 118 -0.05 -60.58 -40.05
N LEU B 119 1.09 -60.87 -40.66
CA LEU B 119 1.37 -60.34 -41.99
C LEU B 119 0.44 -60.90 -43.06
N GLU B 120 -0.23 -62.02 -42.77
CA GLU B 120 -1.15 -62.63 -43.71
C GLU B 120 -2.51 -61.95 -43.61
N GLN B 121 -2.99 -61.77 -42.39
CA GLN B 121 -4.28 -61.14 -42.15
C GLN B 121 -4.23 -59.73 -42.73
N TYR B 122 -3.17 -58.99 -42.39
CA TYR B 122 -2.98 -57.63 -42.89
C TYR B 122 -3.16 -57.64 -44.41
N ASN B 123 -2.32 -58.39 -45.11
CA ASN B 123 -2.42 -58.46 -46.57
C ASN B 123 -3.86 -58.66 -47.03
N GLU B 124 -4.47 -59.77 -46.62
CA GLU B 124 -5.85 -60.07 -46.99
C GLU B 124 -6.81 -58.90 -46.80
N ARG B 125 -6.70 -58.18 -45.69
CA ARG B 125 -7.58 -57.04 -45.47
C ARG B 125 -7.25 -55.89 -46.43
N THR B 126 -5.99 -55.48 -46.42
CA THR B 126 -5.49 -54.39 -47.25
C THR B 126 -5.40 -54.74 -48.73
N PRO B 127 -6.16 -54.02 -49.56
CA PRO B 127 -6.17 -54.26 -51.02
C PRO B 127 -4.84 -53.90 -51.63
N ALA B 128 -4.43 -54.65 -52.65
CA ALA B 128 -3.17 -54.41 -53.35
C ALA B 128 -3.11 -53.07 -54.06
N GLU B 129 -4.05 -52.18 -53.76
CA GLU B 129 -4.05 -50.87 -54.41
C GLU B 129 -3.35 -49.84 -53.52
N ASN B 130 -3.39 -50.06 -52.21
CA ASN B 130 -2.74 -49.15 -51.26
C ASN B 130 -1.25 -48.99 -51.56
N TRP B 131 -0.61 -50.11 -51.89
CA TRP B 131 0.82 -50.13 -52.19
C TRP B 131 1.24 -49.15 -53.27
N LEU B 132 0.26 -48.65 -54.01
CA LEU B 132 0.47 -47.69 -55.10
C LEU B 132 1.71 -48.00 -55.96
N ASP B 133 2.72 -47.15 -55.86
CA ASP B 133 3.94 -47.33 -56.66
C ASP B 133 5.05 -48.18 -56.02
N THR B 134 4.67 -49.05 -55.09
CA THR B 134 5.62 -49.93 -54.40
C THR B 134 6.09 -51.07 -55.30
N GLN B 135 7.40 -51.36 -55.27
CA GLN B 135 7.98 -52.43 -56.09
C GLN B 135 8.21 -53.73 -55.35
N PHE B 136 7.63 -54.80 -55.89
CA PHE B 136 7.78 -56.13 -55.36
C PHE B 136 8.55 -56.86 -56.44
N LEU B 137 9.84 -57.05 -56.21
CA LEU B 137 10.69 -57.74 -57.17
C LEU B 137 11.22 -59.05 -56.59
N PRO B 138 11.25 -60.11 -57.41
CA PRO B 138 11.75 -61.40 -56.96
C PRO B 138 13.24 -61.51 -57.17
N TYR B 139 13.91 -62.23 -56.28
CA TYR B 139 15.35 -62.44 -56.34
C TYR B 139 15.77 -63.83 -55.86
N GLY B 140 14.89 -64.81 -56.02
CA GLY B 140 15.19 -66.16 -55.60
C GLY B 140 15.10 -67.18 -56.72
N SER B 141 14.38 -68.27 -56.48
CA SER B 141 14.18 -69.34 -57.46
C SER B 141 12.76 -69.89 -57.39
N PRO B 142 12.29 -70.53 -58.46
CA PRO B 142 10.92 -71.05 -58.43
C PRO B 142 10.69 -71.97 -57.24
N GLU B 143 11.77 -72.56 -56.73
CA GLU B 143 11.71 -73.47 -55.59
C GLU B 143 12.05 -72.76 -54.27
N GLU B 144 12.77 -71.65 -54.39
CA GLU B 144 13.17 -70.86 -53.23
C GLU B 144 12.93 -69.39 -53.56
N PRO B 145 11.65 -69.02 -53.65
CA PRO B 145 11.21 -67.65 -53.96
C PRO B 145 11.52 -66.62 -52.87
N LEU B 146 12.12 -65.52 -53.31
CA LEU B 146 12.48 -64.44 -52.41
C LEU B 146 11.94 -63.15 -53.03
N THR B 147 10.97 -62.54 -52.36
CA THR B 147 10.38 -61.31 -52.84
C THR B 147 10.95 -60.09 -52.11
N SER B 148 11.16 -59.01 -52.85
CA SER B 148 11.70 -57.79 -52.29
C SER B 148 10.65 -56.70 -52.31
N PHE B 150 10.14 -52.47 -52.11
CA PHE B 150 10.75 -51.14 -52.19
C PHE B 150 9.69 -50.05 -52.31
N PHE B 151 9.50 -49.33 -51.20
CA PHE B 151 8.52 -48.25 -51.14
C PHE B 151 8.79 -47.17 -52.17
N GLY B 152 7.77 -46.87 -52.98
CA GLY B 152 7.92 -45.83 -53.98
C GLY B 152 7.69 -44.49 -53.30
N PRO B 153 7.88 -43.38 -54.02
CA PRO B 153 7.70 -42.02 -53.50
C PRO B 153 6.23 -41.66 -53.25
N LYS B 154 5.35 -42.18 -54.09
CA LYS B 154 3.93 -41.90 -53.95
C LYS B 154 3.38 -42.62 -52.73
N PHE B 155 3.80 -43.87 -52.55
CA PHE B 155 3.36 -44.67 -51.40
C PHE B 155 3.97 -44.11 -50.12
N LEU B 156 5.05 -43.34 -50.27
CA LEU B 156 5.71 -42.75 -49.13
C LEU B 156 5.09 -41.42 -48.77
N ALA B 157 4.50 -40.76 -49.75
CA ALA B 157 3.91 -39.46 -49.50
C ALA B 157 2.40 -39.49 -49.27
N HIS B 158 1.79 -40.66 -49.47
CA HIS B 158 0.35 -40.77 -49.31
C HIS B 158 -0.10 -41.75 -48.26
N LYS B 159 0.75 -42.72 -47.94
CA LYS B 159 0.39 -43.75 -46.98
C LYS B 159 1.19 -43.77 -45.71
N LEU B 160 2.41 -43.24 -45.74
CA LEU B 160 3.25 -43.27 -44.56
C LEU B 160 3.59 -41.91 -43.99
N TYR B 161 3.76 -40.90 -44.85
CA TYR B 161 4.12 -39.56 -44.42
C TYR B 161 3.06 -38.48 -44.64
N GLN B 162 1.78 -38.86 -44.75
CA GLN B 162 0.73 -37.87 -44.98
C GLN B 162 0.84 -36.64 -44.08
N LEU B 163 0.84 -36.83 -42.76
CA LEU B 163 0.91 -35.70 -41.83
C LEU B 163 2.32 -35.29 -41.45
N CYS B 164 3.33 -35.76 -42.19
CA CYS B 164 4.71 -35.40 -41.90
C CYS B 164 5.15 -34.22 -42.74
N SER B 165 6.27 -33.62 -42.36
CA SER B 165 6.79 -32.45 -43.06
C SER B 165 7.40 -32.79 -44.39
N PRO B 166 7.53 -31.78 -45.25
CA PRO B 166 8.11 -32.01 -46.57
C PRO B 166 9.62 -32.28 -46.46
N GLU B 167 10.24 -31.78 -45.40
CA GLU B 167 11.67 -31.98 -45.18
C GLU B 167 11.87 -33.47 -44.88
N ASP B 168 11.02 -33.99 -44.00
CA ASP B 168 11.03 -35.39 -43.61
C ASP B 168 10.80 -36.32 -44.82
N LEU B 169 9.90 -35.93 -45.73
CA LEU B 169 9.64 -36.77 -46.91
C LEU B 169 10.86 -36.78 -47.84
N ALA B 170 11.49 -35.62 -47.99
CA ALA B 170 12.68 -35.49 -48.84
C ALA B 170 13.83 -36.32 -48.28
N LEU B 171 13.95 -36.35 -46.96
CA LEU B 171 15.01 -37.11 -46.32
C LEU B 171 14.80 -38.59 -46.61
N ALA B 172 13.62 -39.09 -46.24
CA ALA B 172 13.30 -40.49 -46.45
C ALA B 172 13.46 -40.87 -47.91
N SER B 173 12.91 -40.07 -48.80
CA SER B 173 13.05 -40.39 -50.21
C SER B 173 14.52 -40.66 -50.54
N SER B 174 15.40 -39.87 -49.95
CA SER B 174 16.82 -39.99 -50.24
C SER B 174 17.56 -41.09 -49.51
N LEU B 175 16.90 -41.79 -48.60
CA LEU B 175 17.55 -42.85 -47.84
C LEU B 175 16.86 -44.21 -47.94
N VAL B 176 15.57 -44.25 -48.25
CA VAL B 176 14.88 -45.54 -48.33
C VAL B 176 15.55 -46.51 -49.29
N ARG B 177 15.74 -47.74 -48.82
CA ARG B 177 16.35 -48.81 -49.62
C ARG B 177 15.42 -50.00 -49.72
N PRO B 178 15.71 -50.93 -50.65
CA PRO B 178 14.88 -52.13 -50.81
C PRO B 178 14.97 -53.08 -49.62
N SER B 179 13.85 -53.72 -49.30
CA SER B 179 13.79 -54.61 -48.18
C SER B 179 12.86 -55.76 -48.53
N SER B 180 12.30 -56.41 -47.51
CA SER B 180 11.39 -57.52 -47.76
C SER B 180 10.48 -57.77 -46.57
N LEU B 181 9.54 -58.70 -46.76
CA LEU B 181 8.63 -59.04 -45.69
C LEU B 181 8.90 -60.45 -45.25
N PHE B 182 9.57 -61.21 -46.12
CA PHE B 182 9.91 -62.59 -45.80
C PHE B 182 8.67 -63.47 -45.53
N GLU B 184 7.75 -66.65 -47.59
CA GLU B 184 8.10 -68.06 -47.72
C GLU B 184 8.73 -68.59 -46.43
N ASP B 185 9.47 -67.72 -45.74
CA ASP B 185 10.13 -68.09 -44.50
C ASP B 185 9.16 -68.16 -43.32
N LEU B 186 8.76 -66.99 -42.86
CA LEU B 186 7.84 -66.84 -41.73
C LEU B 186 6.56 -67.68 -41.84
N SER B 187 6.14 -67.99 -43.06
CA SER B 187 4.92 -68.76 -43.29
C SER B 187 5.14 -70.25 -43.04
N LYS B 188 6.40 -70.65 -43.00
CA LYS B 188 6.78 -72.04 -42.80
C LYS B 188 7.64 -72.20 -41.56
N ALA B 189 7.13 -71.75 -40.41
CA ALA B 189 7.87 -71.86 -39.15
C ALA B 189 7.09 -71.29 -37.97
N LYS B 190 7.39 -71.81 -36.79
CA LYS B 190 6.76 -71.37 -35.56
C LYS B 190 7.85 -70.78 -34.68
N TYR B 191 8.49 -69.72 -35.18
CA TYR B 191 9.59 -69.03 -34.49
C TYR B 191 9.36 -68.72 -33.02
N PHE B 192 8.14 -68.37 -32.66
CA PHE B 192 7.86 -67.96 -31.29
C PHE B 192 7.09 -68.95 -30.42
N THR B 193 7.59 -69.16 -29.21
CA THR B 193 7.02 -70.09 -28.24
C THR B 193 6.48 -69.37 -27.00
N ASP B 194 5.42 -69.90 -26.39
CA ASP B 194 4.83 -69.24 -25.23
C ASP B 194 5.73 -69.17 -23.99
N GLU B 195 6.70 -70.08 -23.92
CA GLU B 195 7.63 -70.14 -22.81
C GLU B 195 8.69 -69.03 -22.86
N ARG B 196 9.06 -68.60 -24.06
CA ARG B 196 10.06 -67.56 -24.23
C ARG B 196 9.42 -66.23 -24.70
N PHE B 197 9.01 -66.18 -25.97
CA PHE B 197 8.37 -65.02 -26.56
C PHE B 197 7.19 -64.52 -25.72
N GLY B 198 6.45 -65.49 -25.17
CA GLY B 198 5.29 -65.18 -24.36
C GLY B 198 5.61 -64.73 -22.96
N SER B 199 6.88 -64.72 -22.57
CA SER B 199 7.24 -64.31 -21.22
C SER B 199 7.55 -62.82 -21.20
N VAL B 200 7.67 -62.22 -22.38
CA VAL B 200 7.97 -60.80 -22.45
C VAL B 200 6.70 -59.98 -22.57
N LYS B 201 6.49 -59.06 -21.64
CA LYS B 201 5.31 -58.19 -21.65
C LYS B 201 5.33 -57.39 -22.95
N ARG B 202 4.15 -57.25 -23.54
CA ARG B 202 4.01 -56.51 -24.79
C ARG B 202 3.24 -55.21 -24.62
N VAL B 203 3.74 -54.17 -25.26
CA VAL B 203 3.12 -52.85 -25.24
C VAL B 203 2.94 -52.41 -26.67
N TYR B 204 1.77 -51.86 -26.99
CA TYR B 204 1.48 -51.43 -28.35
C TYR B 204 1.06 -49.96 -28.42
N ILE B 205 1.72 -49.19 -29.30
CA ILE B 205 1.41 -47.77 -29.50
C ILE B 205 0.71 -47.58 -30.86
N VAL B 206 -0.60 -47.33 -30.78
CA VAL B 206 -1.47 -47.15 -31.95
C VAL B 206 -1.37 -45.77 -32.58
N CYS B 207 -1.24 -45.72 -33.91
CA CYS B 207 -1.19 -44.43 -34.59
C CYS B 207 -2.50 -44.25 -35.34
N THR B 208 -3.32 -43.35 -34.80
CA THR B 208 -4.64 -43.06 -35.34
C THR B 208 -4.64 -42.70 -36.80
N GLU B 209 -3.85 -41.70 -37.19
CA GLU B 209 -3.86 -41.24 -38.56
C GLU B 209 -2.99 -42.03 -39.53
N ASP B 210 -2.57 -43.22 -39.11
CA ASP B 210 -1.74 -44.12 -39.90
C ASP B 210 -2.54 -44.58 -41.10
N LYS B 211 -1.88 -44.68 -42.25
CA LYS B 211 -2.54 -45.13 -43.46
C LYS B 211 -1.87 -46.38 -44.00
N GLY B 212 -0.67 -46.65 -43.51
CA GLY B 212 0.04 -47.83 -43.97
C GLY B 212 -0.61 -49.02 -43.30
N ILE B 213 -0.66 -48.95 -41.98
CA ILE B 213 -1.27 -49.97 -41.17
C ILE B 213 -2.36 -49.23 -40.41
N PRO B 214 -3.57 -49.12 -41.01
CA PRO B 214 -4.69 -48.40 -40.38
C PRO B 214 -5.00 -48.78 -38.93
N GLU B 215 -5.48 -47.81 -38.17
CA GLU B 215 -5.84 -48.02 -36.78
C GLU B 215 -6.76 -49.23 -36.63
N GLU B 216 -7.45 -49.56 -37.72
CA GLU B 216 -8.33 -50.70 -37.70
C GLU B 216 -7.55 -51.99 -37.47
N PHE B 217 -6.55 -52.23 -38.31
CA PHE B 217 -5.75 -53.43 -38.18
C PHE B 217 -4.93 -53.40 -36.90
N GLN B 218 -4.56 -52.19 -36.46
CA GLN B 218 -3.80 -52.02 -35.24
C GLN B 218 -4.65 -52.49 -34.06
N ARG B 219 -5.85 -51.91 -33.94
CA ARG B 219 -6.78 -52.27 -32.86
C ARG B 219 -7.05 -53.77 -32.89
N TRP B 220 -7.23 -54.29 -34.11
CA TRP B 220 -7.50 -55.70 -34.32
C TRP B 220 -6.48 -56.57 -33.62
N GLN B 221 -5.20 -56.31 -33.86
CA GLN B 221 -4.12 -57.07 -33.25
C GLN B 221 -4.17 -56.98 -31.73
N ILE B 222 -4.58 -55.83 -31.23
CA ILE B 222 -4.69 -55.59 -29.79
C ILE B 222 -5.86 -56.40 -29.18
N ASP B 223 -6.87 -56.68 -30.00
CA ASP B 223 -8.03 -57.45 -29.56
C ASP B 223 -7.88 -58.96 -29.81
N ASN B 224 -7.09 -59.35 -30.82
CA ASN B 224 -6.89 -60.76 -31.13
C ASN B 224 -5.55 -61.34 -30.67
N ILE B 225 -4.46 -60.62 -30.96
CA ILE B 225 -3.13 -61.07 -30.56
C ILE B 225 -2.98 -60.95 -29.05
N GLY B 226 -3.08 -59.74 -28.53
CA GLY B 226 -2.96 -59.55 -27.10
C GLY B 226 -1.93 -58.51 -26.72
N VAL B 227 -2.14 -57.84 -25.60
CA VAL B 227 -1.20 -56.83 -25.13
C VAL B 227 -1.28 -56.68 -23.61
N THR B 228 -0.26 -56.04 -23.03
CA THR B 228 -0.22 -55.81 -21.59
C THR B 228 -0.84 -54.43 -21.32
N GLU B 229 -0.50 -53.47 -22.18
CA GLU B 229 -1.02 -52.11 -22.09
C GLU B 229 -1.19 -51.58 -23.51
N ALA B 230 -2.09 -50.63 -23.69
CA ALA B 230 -2.33 -50.05 -25.01
C ALA B 230 -2.32 -48.52 -24.90
N ILE B 231 -1.42 -47.91 -25.66
CA ILE B 231 -1.29 -46.46 -25.66
C ILE B 231 -1.48 -45.97 -27.07
N GLU B 232 -2.18 -44.84 -27.23
CA GLU B 232 -2.39 -44.34 -28.57
C GLU B 232 -1.83 -42.94 -28.70
N ILE B 233 -1.45 -42.58 -29.92
CA ILE B 233 -0.95 -41.25 -30.21
C ILE B 233 -1.89 -40.69 -31.26
N LYS B 234 -2.73 -39.73 -30.86
CA LYS B 234 -3.69 -39.12 -31.76
C LYS B 234 -2.99 -38.10 -32.66
N GLY B 235 -3.44 -38.01 -33.91
CA GLY B 235 -2.87 -37.05 -34.84
C GLY B 235 -1.62 -37.45 -35.61
N ALA B 236 -1.08 -38.62 -35.29
CA ALA B 236 0.12 -39.12 -35.94
C ALA B 236 -0.18 -40.14 -37.03
N ASP B 237 0.62 -40.12 -38.09
CA ASP B 237 0.43 -41.10 -39.16
C ASP B 237 1.33 -42.27 -38.83
N HIS B 238 1.80 -42.97 -39.87
CA HIS B 238 2.66 -44.13 -39.69
C HIS B 238 4.00 -43.77 -39.05
N ALA B 240 5.19 -41.91 -36.70
CA ALA B 240 4.94 -41.11 -35.51
C ALA B 240 6.20 -40.57 -34.86
N LEU B 242 8.56 -39.17 -36.54
CA LEU B 242 8.92 -37.99 -37.32
C LEU B 242 7.87 -36.90 -37.20
N CYS B 243 6.59 -37.26 -37.19
CA CYS B 243 5.53 -36.27 -37.08
C CYS B 243 5.09 -35.97 -35.64
N GLU B 244 5.41 -36.85 -34.68
CA GLU B 244 5.02 -36.64 -33.29
C GLU B 244 6.09 -37.07 -32.27
N PRO B 245 7.36 -36.76 -32.55
CA PRO B 245 8.41 -37.17 -31.61
C PRO B 245 8.08 -36.95 -30.15
N GLN B 246 7.89 -35.71 -29.76
CA GLN B 246 7.60 -35.45 -28.36
C GLN B 246 6.55 -36.37 -27.74
N LYS B 247 5.40 -36.50 -28.38
CA LYS B 247 4.39 -37.37 -27.80
C LYS B 247 4.92 -38.79 -27.62
N LEU B 248 5.67 -39.28 -28.62
CA LEU B 248 6.21 -40.62 -28.57
C LEU B 248 7.19 -40.76 -27.40
N CYS B 249 8.10 -39.81 -27.28
CA CYS B 249 9.08 -39.83 -26.21
C CYS B 249 8.37 -39.89 -24.84
N ALA B 250 7.37 -39.05 -24.64
CA ALA B 250 6.65 -39.08 -23.36
C ALA B 250 6.01 -40.46 -23.11
N SER B 251 5.61 -41.15 -24.17
CA SER B 251 5.01 -42.47 -24.02
C SER B 251 6.10 -43.47 -23.65
N LEU B 252 7.24 -43.36 -24.31
CA LEU B 252 8.34 -44.29 -24.04
C LEU B 252 8.91 -44.12 -22.64
N LEU B 253 8.78 -42.93 -22.07
CA LEU B 253 9.28 -42.70 -20.73
C LEU B 253 8.32 -43.31 -19.71
N GLU B 254 7.03 -43.14 -19.95
CA GLU B 254 6.03 -43.68 -19.03
C GLU B 254 6.11 -45.20 -18.99
N ILE B 255 6.37 -45.82 -20.13
CA ILE B 255 6.48 -47.28 -20.19
C ILE B 255 7.63 -47.73 -19.32
N ALA B 256 8.74 -46.99 -19.40
CA ALA B 256 9.94 -47.28 -18.64
C ALA B 256 9.70 -47.17 -17.13
N HIS B 257 9.09 -46.07 -16.70
CA HIS B 257 8.80 -45.88 -15.29
C HIS B 257 7.90 -46.99 -14.75
N LYS B 258 7.03 -47.52 -15.59
CA LYS B 258 6.10 -48.57 -15.17
C LYS B 258 6.74 -49.94 -15.11
N TYR B 259 7.04 -50.50 -16.28
CA TYR B 259 7.65 -51.82 -16.35
C TYR B 259 9.09 -51.82 -15.85
N ASN B 260 9.25 -51.67 -14.54
CA ASN B 260 10.57 -51.66 -13.91
C ASN B 260 11.35 -50.42 -14.32
N LYS C 2 4.36 -3.17 30.85
CA LYS C 2 5.03 -4.06 29.87
C LYS C 2 5.93 -3.25 28.92
N GLU C 3 5.63 -3.33 27.62
CA GLU C 3 6.41 -2.60 26.62
C GLU C 3 5.60 -1.47 25.98
N GLY C 4 4.31 -1.40 26.32
CA GLY C 4 3.45 -0.36 25.79
C GLY C 4 2.88 -0.66 24.41
N LYS C 5 1.56 -0.65 24.30
CA LYS C 5 0.94 -0.93 23.01
C LYS C 5 1.07 0.25 22.06
N HIS C 6 0.70 0.03 20.81
CA HIS C 6 0.74 1.07 19.78
C HIS C 6 -0.68 1.34 19.34
N PHE C 7 -1.21 2.48 19.73
CA PHE C 7 -2.57 2.85 19.39
C PHE C 7 -2.67 3.64 18.07
N VAL C 8 -3.45 3.13 17.13
CA VAL C 8 -3.68 3.78 15.84
C VAL C 8 -5.11 4.34 15.86
N LEU C 9 -5.21 5.66 16.08
CA LEU C 9 -6.51 6.30 16.17
C LEU C 9 -7.02 6.67 14.77
N VAL C 10 -8.30 6.39 14.51
CA VAL C 10 -8.95 6.66 13.22
C VAL C 10 -10.22 7.49 13.41
N HIS C 11 -10.19 8.71 12.89
CA HIS C 11 -11.30 9.66 12.97
C HIS C 11 -12.54 9.30 12.12
N GLY C 12 -13.65 10.00 12.36
CA GLY C 12 -14.85 9.78 11.58
C GLY C 12 -14.91 10.73 10.39
N ALA C 13 -16.13 10.97 9.89
CA ALA C 13 -16.35 11.85 8.73
C ALA C 13 -16.27 13.35 8.99
N CYS C 14 -15.60 14.04 8.07
CA CYS C 14 -15.44 15.48 8.13
C CYS C 14 -14.37 15.87 9.13
N HIS C 15 -13.87 14.88 9.87
CA HIS C 15 -12.83 15.16 10.85
C HIS C 15 -11.42 14.73 10.43
N GLY C 16 -10.47 14.89 11.34
CA GLY C 16 -9.09 14.53 11.08
C GLY C 16 -8.37 14.07 12.34
N GLY C 17 -7.07 13.81 12.24
CA GLY C 17 -6.31 13.36 13.38
C GLY C 17 -6.31 14.38 14.49
N TRP C 18 -6.49 15.65 14.14
CA TRP C 18 -6.50 16.69 15.15
C TRP C 18 -7.53 16.39 16.24
N SER C 19 -8.65 15.77 15.87
CA SER C 19 -9.64 15.49 16.88
C SER C 19 -9.07 14.64 18.04
N TRP C 20 -8.00 13.88 17.82
CA TRP C 20 -7.44 13.08 18.92
C TRP C 20 -6.39 13.84 19.77
N TYR C 21 -6.22 15.12 19.45
CA TYR C 21 -5.24 15.95 20.14
C TYR C 21 -5.31 15.92 21.66
N LYS C 22 -6.47 15.62 22.22
CA LYS C 22 -6.56 15.56 23.69
C LYS C 22 -6.23 14.16 24.25
N LEU C 23 -6.67 13.11 23.56
CA LEU C 23 -6.42 11.75 24.03
C LEU C 23 -4.97 11.27 23.83
N LYS C 24 -4.39 11.63 22.68
CA LYS C 24 -3.01 11.26 22.33
C LYS C 24 -2.03 11.51 23.45
N PRO C 25 -1.96 12.75 23.96
CA PRO C 25 -1.04 13.08 25.06
C PRO C 25 -1.22 12.13 26.27
N LEU C 26 -2.47 11.87 26.63
CA LEU C 26 -2.80 10.99 27.74
C LEU C 26 -2.24 9.58 27.58
N LEU C 27 -2.50 8.99 26.41
CA LEU C 27 -2.04 7.64 26.09
C LEU C 27 -0.52 7.58 26.08
N GLU C 28 0.12 8.64 25.59
CA GLU C 28 1.57 8.67 25.55
C GLU C 28 2.15 8.69 26.96
N ALA C 29 1.37 9.18 27.93
CA ALA C 29 1.83 9.24 29.31
C ALA C 29 1.91 7.84 29.94
N ALA C 30 0.95 6.99 29.61
CA ALA C 30 0.96 5.64 30.16
C ALA C 30 1.90 4.74 29.35
N GLY C 31 2.89 5.36 28.73
CA GLY C 31 3.87 4.63 27.94
C GLY C 31 3.26 3.90 26.76
N HIS C 32 2.79 4.65 25.78
CA HIS C 32 2.20 4.05 24.60
C HIS C 32 2.46 4.94 23.39
N LYS C 33 2.64 4.32 22.24
CA LYS C 33 2.86 5.08 21.03
C LYS C 33 1.47 5.30 20.44
N VAL C 34 1.24 6.50 19.90
CA VAL C 34 -0.04 6.84 19.32
C VAL C 34 0.13 7.36 17.90
N THR C 35 -0.76 6.92 17.02
CA THR C 35 -0.75 7.36 15.63
C THR C 35 -2.15 7.82 15.25
N ALA C 36 -2.38 9.12 15.16
CA ALA C 36 -3.71 9.59 14.78
C ALA C 36 -3.67 10.14 13.37
N LEU C 37 -3.35 9.29 12.41
CA LEU C 37 -3.25 9.73 11.03
C LEU C 37 -4.48 10.45 10.49
N ASP C 38 -4.35 11.00 9.28
CA ASP C 38 -5.45 11.68 8.61
C ASP C 38 -5.81 10.77 7.44
N LEU C 39 -7.11 10.56 7.23
CA LEU C 39 -7.56 9.74 6.11
C LEU C 39 -7.49 10.60 4.84
N ALA C 40 -7.89 10.08 3.69
CA ALA C 40 -7.83 10.86 2.44
C ALA C 40 -8.83 12.03 2.44
N ALA C 41 -8.35 13.18 1.97
CA ALA C 41 -9.15 14.40 1.89
C ALA C 41 -9.66 14.78 3.28
N SER C 42 -8.88 14.42 4.30
CA SER C 42 -9.24 14.73 5.69
C SER C 42 -8.11 15.45 6.41
N GLY C 43 -8.45 16.21 7.46
CA GLY C 43 -7.40 16.92 8.19
C GLY C 43 -6.64 17.86 7.27
N THR C 44 -5.36 17.63 7.11
CA THR C 44 -4.57 18.49 6.25
C THR C 44 -4.22 17.79 4.95
N ASP C 45 -4.89 16.68 4.67
CA ASP C 45 -4.61 15.95 3.43
C ASP C 45 -4.91 16.83 2.24
N LEU C 46 -4.08 16.73 1.20
CA LEU C 46 -4.25 17.53 -0.01
C LEU C 46 -5.36 16.99 -0.95
N ARG C 47 -5.64 15.69 -0.89
CA ARG C 47 -6.68 15.12 -1.74
C ARG C 47 -8.05 15.76 -1.57
N LYS C 48 -8.80 15.82 -2.68
CA LYS C 48 -10.14 16.40 -2.68
C LYS C 48 -11.18 15.30 -2.50
N ILE C 49 -12.26 15.63 -1.79
CA ILE C 49 -13.33 14.68 -1.56
C ILE C 49 -13.89 14.13 -2.88
N GLU C 50 -13.97 14.99 -3.88
CA GLU C 50 -14.50 14.57 -5.18
C GLU C 50 -13.54 13.61 -5.91
N GLU C 51 -12.37 13.38 -5.33
CA GLU C 51 -11.41 12.46 -5.93
C GLU C 51 -11.56 11.07 -5.35
N LEU C 52 -12.51 10.93 -4.43
CA LEU C 52 -12.74 9.63 -3.80
C LEU C 52 -14.04 9.01 -4.27
N ARG C 53 -13.96 7.77 -4.71
CA ARG C 53 -15.13 7.07 -5.20
C ARG C 53 -15.45 5.84 -4.38
N THR C 54 -14.43 5.31 -3.71
CA THR C 54 -14.61 4.12 -2.89
C THR C 54 -14.09 4.27 -1.46
N LEU C 55 -14.63 3.45 -0.56
CA LEU C 55 -14.21 3.43 0.84
C LEU C 55 -12.70 3.19 0.88
N TYR C 56 -12.22 2.34 -0.02
CA TYR C 56 -10.80 2.03 -0.05
C TYR C 56 -9.96 3.28 -0.32
N ASP C 57 -10.42 4.13 -1.23
CA ASP C 57 -9.73 5.37 -1.56
C ASP C 57 -9.61 6.24 -0.28
N TYR C 58 -10.66 6.22 0.54
CA TYR C 58 -10.72 7.00 1.79
C TYR C 58 -9.93 6.35 2.91
N THR C 59 -9.53 5.10 2.71
CA THR C 59 -8.77 4.34 3.69
C THR C 59 -7.28 4.22 3.36
N LEU C 60 -6.94 4.50 2.11
CA LEU C 60 -5.58 4.43 1.63
C LEU C 60 -4.55 4.76 2.72
N PRO C 61 -4.69 5.94 3.38
CA PRO C 61 -3.75 6.32 4.43
C PRO C 61 -3.63 5.26 5.52
N LEU C 62 -4.76 4.69 5.92
CA LEU C 62 -4.68 3.68 6.96
C LEU C 62 -4.04 2.41 6.38
N GLU C 64 -1.72 2.14 4.07
CA GLU C 64 -0.27 2.34 3.99
C GLU C 64 0.38 2.26 5.35
N LEU C 65 -0.32 2.73 6.37
CA LEU C 65 0.24 2.69 7.72
C LEU C 65 0.42 1.22 8.14
N GLU C 67 0.53 -1.65 6.25
CA GLU C 67 1.59 -2.25 5.43
C GLU C 67 3.01 -1.86 5.84
N SER C 68 3.16 -0.68 6.43
CA SER C 68 4.48 -0.19 6.85
C SER C 68 4.97 -0.85 8.14
N LEU C 69 4.05 -1.49 8.86
CA LEU C 69 4.40 -2.16 10.09
C LEU C 69 5.39 -3.29 9.80
N SER C 70 6.19 -3.66 10.81
CA SER C 70 7.18 -4.72 10.70
C SER C 70 6.53 -6.08 10.91
N ALA C 71 7.31 -7.14 10.77
CA ALA C 71 6.80 -8.51 10.96
C ALA C 71 6.00 -8.64 12.24
N ASP C 72 6.71 -8.66 13.38
CA ASP C 72 6.07 -8.79 14.68
C ASP C 72 5.80 -7.42 15.30
N GLU C 73 4.89 -6.65 14.71
CA GLU C 73 4.61 -5.33 15.24
C GLU C 73 3.11 -5.09 15.27
N LYS C 74 2.38 -5.90 16.03
CA LYS C 74 0.94 -5.73 16.10
C LYS C 74 0.55 -4.32 16.56
N VAL C 75 -0.75 -4.04 16.57
CA VAL C 75 -1.29 -2.75 17.00
C VAL C 75 -2.73 -2.86 17.48
N ILE C 76 -3.24 -1.74 17.98
CA ILE C 76 -4.62 -1.66 18.46
C ILE C 76 -5.33 -0.54 17.72
N LEU C 77 -6.34 -0.89 16.95
CA LEU C 77 -7.09 0.09 16.18
C LEU C 77 -8.18 0.69 17.03
N VAL C 78 -8.49 1.95 16.78
CA VAL C 78 -9.54 2.64 17.49
C VAL C 78 -10.26 3.50 16.46
N GLY C 79 -11.47 3.11 16.10
CA GLY C 79 -12.22 3.84 15.11
C GLY C 79 -13.39 4.62 15.73
N HIS C 80 -13.61 5.83 15.24
CA HIS C 80 -14.70 6.65 15.75
C HIS C 80 -15.72 6.97 14.68
N SER C 81 -17.00 6.82 15.03
CA SER C 81 -18.08 7.10 14.11
C SER C 81 -17.86 6.40 12.77
N LEU C 82 -17.74 7.17 11.69
CA LEU C 82 -17.50 6.58 10.36
C LEU C 82 -16.14 5.88 10.26
N GLY C 83 -15.25 6.16 11.23
CA GLY C 83 -13.95 5.53 11.21
C GLY C 83 -14.14 4.03 11.35
N GLY C 84 -15.28 3.65 11.91
CA GLY C 84 -15.58 2.25 12.11
C GLY C 84 -15.40 1.46 10.84
N ASN C 86 -13.65 2.22 8.36
CA ASN C 86 -12.26 2.21 7.95
C ASN C 86 -11.55 1.06 8.64
N LEU C 87 -11.89 0.82 9.90
CA LEU C 87 -11.29 -0.27 10.67
C LEU C 87 -11.39 -1.64 9.99
N GLY C 88 -12.59 -2.02 9.59
CA GLY C 88 -12.77 -3.31 8.95
C GLY C 88 -11.87 -3.54 7.75
N LEU C 89 -11.61 -2.50 6.98
CA LEU C 89 -10.77 -2.66 5.78
C LEU C 89 -9.36 -3.02 6.19
N ALA C 90 -8.94 -2.45 7.32
CA ALA C 90 -7.63 -2.72 7.86
C ALA C 90 -7.66 -4.11 8.51
N GLU C 92 -9.62 -6.70 7.63
CA GLU C 92 -9.69 -7.72 6.60
C GLU C 92 -8.34 -8.00 5.96
N LYS C 93 -7.57 -6.94 5.71
CA LYS C 93 -6.27 -7.08 5.06
C LYS C 93 -5.09 -7.47 5.95
N TYR C 94 -5.10 -7.01 7.20
CA TYR C 94 -4.00 -7.30 8.12
C TYR C 94 -4.48 -7.81 9.46
N PRO C 95 -5.43 -8.76 9.46
CA PRO C 95 -5.96 -9.31 10.71
C PRO C 95 -4.95 -9.81 11.73
N GLN C 96 -3.84 -10.36 11.25
CA GLN C 96 -2.82 -10.89 12.15
C GLN C 96 -1.92 -9.83 12.79
N LYS C 97 -2.19 -8.56 12.55
CA LYS C 97 -1.34 -7.52 13.12
C LYS C 97 -2.14 -6.53 13.98
N ILE C 98 -3.34 -6.95 14.35
CA ILE C 98 -4.26 -6.15 15.16
C ILE C 98 -4.64 -6.94 16.42
N TYR C 99 -4.38 -6.38 17.59
CA TYR C 99 -4.70 -7.04 18.85
C TYR C 99 -6.19 -7.07 19.13
N ALA C 100 -6.88 -6.01 18.70
CA ALA C 100 -8.31 -5.88 18.92
C ALA C 100 -8.78 -4.54 18.33
N ALA C 101 -9.93 -4.53 17.66
CA ALA C 101 -10.45 -3.30 17.09
C ALA C 101 -11.42 -2.61 18.06
N VAL C 102 -11.06 -1.42 18.53
CA VAL C 102 -11.94 -0.70 19.45
C VAL C 102 -12.92 0.21 18.68
N PHE C 103 -14.22 -0.03 18.83
CA PHE C 103 -15.21 0.81 18.15
C PHE C 103 -15.84 1.84 19.08
N LEU C 104 -15.48 3.10 18.87
CA LEU C 104 -16.00 4.19 19.68
C LEU C 104 -17.10 4.95 18.95
N ALA C 105 -18.33 4.74 19.44
CA ALA C 105 -19.53 5.33 18.89
C ALA C 105 -19.40 5.31 17.38
N ALA C 106 -19.13 4.14 16.83
CA ALA C 106 -18.95 4.05 15.39
C ALA C 106 -19.87 3.04 14.72
N PHE C 107 -19.82 3.04 13.39
CA PHE C 107 -20.58 2.09 12.59
C PHE C 107 -19.68 0.85 12.49
N PRO C 109 -19.40 -2.71 11.09
CA PRO C 109 -19.94 -3.66 10.11
C PRO C 109 -19.87 -5.12 10.54
N ASP C 110 -20.40 -6.00 9.72
CA ASP C 110 -20.33 -7.42 10.03
C ASP C 110 -19.94 -8.16 8.77
N SER C 111 -19.44 -9.38 8.91
CA SER C 111 -19.03 -10.15 7.75
C SER C 111 -20.10 -11.16 7.40
N VAL C 112 -21.33 -10.67 7.34
CA VAL C 112 -22.46 -11.53 7.00
C VAL C 112 -23.37 -10.80 6.03
N HIS C 113 -23.72 -9.58 6.38
CA HIS C 113 -24.59 -8.77 5.53
C HIS C 113 -23.77 -7.90 4.59
N ASN C 114 -24.46 -7.17 3.73
CA ASN C 114 -23.78 -6.27 2.81
C ASN C 114 -22.93 -5.33 3.64
N SER C 115 -21.89 -4.81 3.01
CA SER C 115 -20.96 -3.90 3.67
C SER C 115 -21.62 -2.64 4.17
N SER C 116 -22.70 -2.21 3.51
CA SER C 116 -23.42 -1.00 3.91
C SER C 116 -24.47 -1.29 5.00
N PHE C 117 -24.73 -2.58 5.24
CA PHE C 117 -25.72 -3.03 6.21
C PHE C 117 -25.94 -2.09 7.38
N VAL C 118 -25.01 -2.09 8.32
CA VAL C 118 -25.17 -1.23 9.49
C VAL C 118 -25.47 0.22 9.12
N LEU C 119 -25.03 0.65 7.94
CA LEU C 119 -25.31 2.03 7.58
C LEU C 119 -26.75 2.20 7.14
N GLU C 120 -27.27 1.26 6.35
CA GLU C 120 -28.64 1.34 5.91
C GLU C 120 -29.59 1.22 7.09
N GLN C 121 -29.22 0.38 8.06
CA GLN C 121 -30.03 0.20 9.24
C GLN C 121 -30.13 1.49 10.05
N TYR C 122 -29.12 2.34 9.90
CA TYR C 122 -29.06 3.63 10.60
C TYR C 122 -29.89 4.71 9.92
N ASN C 123 -29.82 4.73 8.59
CA ASN C 123 -30.57 5.72 7.80
C ASN C 123 -32.07 5.50 7.89
N GLU C 124 -32.48 4.36 8.44
CA GLU C 124 -33.90 4.03 8.55
C GLU C 124 -34.45 4.42 9.92
N ARG C 125 -33.82 3.94 10.98
CA ARG C 125 -34.24 4.22 12.35
C ARG C 125 -34.14 5.69 12.75
N THR C 126 -33.17 6.39 12.17
CA THR C 126 -32.97 7.80 12.45
C THR C 126 -33.72 8.60 11.41
N PRO C 127 -34.53 9.58 11.84
CA PRO C 127 -35.33 10.45 10.97
C PRO C 127 -34.46 11.40 10.14
N ALA C 128 -35.06 12.01 9.12
CA ALA C 128 -34.33 12.91 8.25
C ALA C 128 -33.96 14.26 8.88
N GLU C 129 -34.77 14.72 9.83
CA GLU C 129 -34.54 16.00 10.51
C GLU C 129 -33.20 15.97 11.23
N ASN C 130 -32.87 14.82 11.79
CA ASN C 130 -31.65 14.62 12.54
C ASN C 130 -30.42 15.24 11.91
N TRP C 131 -30.33 15.22 10.58
CA TRP C 131 -29.17 15.79 9.87
C TRP C 131 -29.22 17.31 9.86
N LEU C 132 -30.36 17.88 10.20
CA LEU C 132 -30.50 19.32 10.25
C LEU C 132 -29.98 20.00 8.97
N ASP C 133 -28.86 20.70 9.09
CA ASP C 133 -28.28 21.42 7.97
C ASP C 133 -27.08 20.72 7.31
N THR C 134 -27.10 19.39 7.28
CA THR C 134 -26.01 18.65 6.65
C THR C 134 -26.26 18.55 5.16
N GLN C 135 -25.30 19.05 4.37
CA GLN C 135 -25.38 19.08 2.91
C GLN C 135 -25.00 17.75 2.27
N PHE C 136 -25.87 17.26 1.40
CA PHE C 136 -25.59 16.03 0.69
C PHE C 136 -25.58 16.36 -0.78
N LEU C 137 -24.44 16.21 -1.42
CA LEU C 137 -24.34 16.52 -2.84
C LEU C 137 -23.72 15.40 -3.68
N PRO C 138 -24.28 15.16 -4.88
CA PRO C 138 -23.78 14.12 -5.78
C PRO C 138 -22.61 14.65 -6.60
N TYR C 139 -21.68 13.77 -6.95
CA TYR C 139 -20.56 14.16 -7.79
C TYR C 139 -20.14 12.99 -8.67
N GLY C 140 -21.13 12.17 -9.02
CA GLY C 140 -20.88 11.00 -9.83
C GLY C 140 -21.79 10.89 -11.04
N SER C 141 -22.45 9.74 -11.17
CA SER C 141 -23.35 9.50 -12.28
C SER C 141 -24.32 8.42 -11.83
N PRO C 142 -25.37 8.17 -12.61
CA PRO C 142 -26.38 7.15 -12.27
C PRO C 142 -25.80 5.73 -12.24
N GLU C 143 -24.76 5.49 -13.03
CA GLU C 143 -24.09 4.19 -13.11
C GLU C 143 -22.97 4.13 -12.07
N GLU C 144 -22.50 5.29 -11.65
CA GLU C 144 -21.43 5.44 -10.66
C GLU C 144 -21.85 6.51 -9.65
N PRO C 145 -22.87 6.22 -8.83
CA PRO C 145 -23.39 7.16 -7.81
C PRO C 145 -22.37 7.49 -6.72
N LEU C 146 -22.13 8.79 -6.53
CA LEU C 146 -21.17 9.28 -5.53
C LEU C 146 -21.72 10.49 -4.78
N THR C 147 -22.11 10.27 -3.53
CA THR C 147 -22.66 11.34 -2.72
C THR C 147 -21.71 11.84 -1.64
N SER C 148 -21.65 13.16 -1.48
CA SER C 148 -20.80 13.78 -0.48
C SER C 148 -21.66 14.23 0.71
N PHE C 150 -21.36 16.81 4.33
CA PHE C 150 -20.60 17.78 5.10
C PHE C 150 -21.46 18.32 6.23
N PHE C 151 -21.03 18.02 7.47
CA PHE C 151 -21.73 18.47 8.66
C PHE C 151 -21.83 19.99 8.72
N GLY C 152 -23.05 20.48 8.89
CA GLY C 152 -23.27 21.91 8.98
C GLY C 152 -22.98 22.38 10.40
N PRO C 153 -23.00 23.70 10.63
CA PRO C 153 -22.73 24.17 11.98
C PRO C 153 -23.82 23.81 12.97
N LYS C 154 -25.06 23.80 12.53
CA LYS C 154 -26.15 23.46 13.45
C LYS C 154 -26.08 22.00 13.85
N PHE C 155 -25.83 21.12 12.87
CA PHE C 155 -25.74 19.70 13.18
C PHE C 155 -24.46 19.41 13.95
N LEU C 156 -23.43 20.22 13.76
CA LEU C 156 -22.21 19.99 14.49
C LEU C 156 -22.41 20.38 15.95
N ALA C 157 -23.10 21.49 16.19
CA ALA C 157 -23.29 21.97 17.56
C ALA C 157 -24.47 21.36 18.35
N HIS C 158 -25.48 20.86 17.66
CA HIS C 158 -26.65 20.29 18.31
C HIS C 158 -26.66 18.77 18.41
N LYS C 159 -25.96 18.11 17.50
CA LYS C 159 -25.93 16.66 17.48
C LYS C 159 -24.59 16.03 17.78
N LEU C 160 -23.51 16.75 17.49
CA LEU C 160 -22.18 16.22 17.70
C LEU C 160 -21.41 16.75 18.90
N TYR C 161 -21.44 18.06 19.09
CA TYR C 161 -20.70 18.71 20.18
C TYR C 161 -21.58 19.36 21.24
N GLN C 162 -22.83 18.91 21.40
CA GLN C 162 -23.73 19.57 22.36
C GLN C 162 -23.26 19.53 23.82
N LEU C 163 -22.28 18.70 24.11
CA LEU C 163 -21.76 18.59 25.46
C LEU C 163 -20.35 19.08 25.59
N CYS C 164 -19.76 19.44 24.45
CA CYS C 164 -18.38 19.93 24.42
C CYS C 164 -18.32 21.43 24.64
N SER C 165 -17.13 21.96 24.90
CA SER C 165 -16.92 23.40 25.16
C SER C 165 -16.98 24.26 23.89
N PRO C 166 -17.12 25.60 24.05
CA PRO C 166 -17.18 26.50 22.89
C PRO C 166 -15.86 26.48 22.12
N GLU C 167 -14.76 26.31 22.84
CA GLU C 167 -13.46 26.26 22.18
C GLU C 167 -13.48 25.10 21.18
N ASP C 168 -13.97 23.94 21.61
CA ASP C 168 -14.06 22.74 20.77
C ASP C 168 -14.90 22.98 19.50
N LEU C 169 -16.05 23.61 19.66
CA LEU C 169 -16.87 23.86 18.51
C LEU C 169 -16.10 24.78 17.56
N ALA C 170 -15.46 25.79 18.11
CA ALA C 170 -14.67 26.73 17.30
C ALA C 170 -13.59 25.99 16.52
N LEU C 171 -13.02 24.97 17.15
CA LEU C 171 -11.97 24.20 16.50
C LEU C 171 -12.51 23.39 15.35
N ALA C 172 -13.70 22.81 15.53
CA ALA C 172 -14.30 21.98 14.50
C ALA C 172 -14.70 22.82 13.29
N SER C 173 -15.43 23.89 13.57
CA SER C 173 -15.89 24.81 12.52
C SER C 173 -14.79 25.18 11.54
N SER C 174 -13.57 25.44 12.03
CA SER C 174 -12.48 25.80 11.14
C SER C 174 -11.71 24.61 10.56
N LEU C 175 -12.09 23.39 10.94
CA LEU C 175 -11.41 22.20 10.41
C LEU C 175 -12.29 21.22 9.65
N VAL C 176 -13.59 21.17 9.94
CA VAL C 176 -14.42 20.23 9.21
C VAL C 176 -14.30 20.33 7.70
N ARG C 177 -14.20 19.16 7.06
CA ARG C 177 -14.09 19.03 5.61
C ARG C 177 -15.20 18.08 5.14
N PRO C 178 -15.64 18.22 3.88
CA PRO C 178 -16.70 17.35 3.36
C PRO C 178 -16.27 15.89 3.15
N SER C 179 -16.91 14.97 3.85
CA SER C 179 -16.58 13.54 3.73
C SER C 179 -17.64 12.79 2.91
N SER C 180 -18.00 11.59 3.37
CA SER C 180 -19.01 10.75 2.70
C SER C 180 -19.25 9.45 3.46
N LEU C 181 -20.43 8.87 3.27
CA LEU C 181 -20.72 7.61 3.93
C LEU C 181 -20.42 6.48 2.99
N PHE C 182 -20.22 6.83 1.72
CA PHE C 182 -19.92 5.82 0.71
C PHE C 182 -20.98 4.74 0.64
N GLU C 184 -23.33 3.92 -1.71
CA GLU C 184 -23.30 3.20 -2.96
C GLU C 184 -22.16 2.18 -3.03
N ASP C 185 -20.93 2.67 -2.88
CA ASP C 185 -19.74 1.81 -2.93
C ASP C 185 -19.86 0.62 -1.98
N LEU C 186 -20.43 0.86 -0.80
CA LEU C 186 -20.60 -0.18 0.19
C LEU C 186 -21.72 -1.17 -0.11
N SER C 187 -22.80 -0.68 -0.70
CA SER C 187 -23.95 -1.50 -1.03
C SER C 187 -23.66 -2.59 -2.06
N LYS C 188 -22.73 -2.32 -2.95
CA LYS C 188 -22.40 -3.25 -4.00
C LYS C 188 -20.98 -3.76 -3.84
N ALA C 189 -20.59 -4.03 -2.60
CA ALA C 189 -19.24 -4.51 -2.32
C ALA C 189 -19.19 -5.44 -1.12
N LYS C 190 -18.08 -6.16 -1.03
CA LYS C 190 -17.87 -7.10 0.07
C LYS C 190 -16.44 -6.93 0.58
N TYR C 191 -16.27 -6.09 1.61
CA TYR C 191 -14.95 -5.85 2.17
C TYR C 191 -14.64 -6.64 3.42
N PHE C 192 -15.62 -7.39 3.94
CA PHE C 192 -15.41 -8.13 5.18
C PHE C 192 -15.80 -9.60 5.16
N THR C 193 -14.88 -10.46 5.60
CA THR C 193 -15.15 -11.89 5.67
C THR C 193 -14.97 -12.43 7.09
N ASP C 194 -15.62 -13.55 7.39
CA ASP C 194 -15.55 -14.13 8.72
C ASP C 194 -14.13 -14.56 9.08
N GLU C 195 -13.45 -15.17 8.12
CA GLU C 195 -12.09 -15.62 8.33
C GLU C 195 -11.10 -14.47 8.61
N ARG C 196 -11.22 -13.37 7.88
CA ARG C 196 -10.28 -12.28 8.10
C ARG C 196 -10.78 -11.22 9.07
N PHE C 197 -11.76 -10.43 8.63
CA PHE C 197 -12.34 -9.41 9.47
C PHE C 197 -12.95 -10.04 10.73
N GLY C 198 -13.70 -11.12 10.54
CA GLY C 198 -14.37 -11.78 11.64
C GLY C 198 -13.50 -12.42 12.69
N SER C 199 -12.23 -12.65 12.40
CA SER C 199 -11.31 -13.27 13.36
C SER C 199 -10.66 -12.31 14.36
N VAL C 200 -10.86 -11.01 14.19
CA VAL C 200 -10.28 -9.99 15.08
C VAL C 200 -11.14 -9.64 16.29
N LYS C 201 -10.55 -9.62 17.49
CA LYS C 201 -11.31 -9.28 18.69
C LYS C 201 -11.89 -7.88 18.54
N ARG C 202 -13.10 -7.69 19.03
CA ARG C 202 -13.78 -6.40 18.95
C ARG C 202 -14.30 -5.91 20.27
N VAL C 203 -14.01 -4.64 20.55
CA VAL C 203 -14.47 -4.03 21.77
C VAL C 203 -15.21 -2.78 21.34
N TYR C 204 -16.34 -2.52 21.97
CA TYR C 204 -17.16 -1.35 21.66
C TYR C 204 -17.29 -0.45 22.88
N ILE C 205 -17.13 0.85 22.65
CA ILE C 205 -17.25 1.82 23.71
C ILE C 205 -18.41 2.73 23.33
N VAL C 206 -19.55 2.52 23.97
CA VAL C 206 -20.75 3.30 23.68
C VAL C 206 -20.79 4.63 24.38
N CYS C 207 -21.32 5.64 23.69
CA CYS C 207 -21.43 6.98 24.25
C CYS C 207 -22.89 7.24 24.57
N THR C 208 -23.23 7.22 25.86
CA THR C 208 -24.61 7.37 26.33
C THR C 208 -25.42 8.56 25.82
N GLU C 209 -24.76 9.72 25.72
CA GLU C 209 -25.37 10.97 25.29
C GLU C 209 -25.18 11.32 23.82
N ASP C 210 -24.87 10.33 23.00
CA ASP C 210 -24.63 10.55 21.58
C ASP C 210 -25.92 10.89 20.82
N LYS C 211 -25.94 12.03 20.14
CA LYS C 211 -27.14 12.44 19.38
C LYS C 211 -26.99 12.15 17.89
N GLY C 212 -25.75 12.00 17.40
CA GLY C 212 -25.54 11.70 16.00
C GLY C 212 -25.98 10.26 15.77
N ILE C 213 -25.30 9.37 16.48
CA ILE C 213 -25.59 7.94 16.45
C ILE C 213 -26.11 7.66 17.85
N PRO C 214 -27.42 7.84 18.03
CA PRO C 214 -28.11 7.62 19.32
C PRO C 214 -27.74 6.33 20.04
N GLU C 215 -27.47 6.45 21.32
CA GLU C 215 -27.10 5.30 22.16
C GLU C 215 -27.87 4.03 21.77
N GLU C 216 -29.14 4.19 21.37
CA GLU C 216 -29.98 3.05 21.00
C GLU C 216 -29.31 2.21 19.90
N PHE C 217 -29.20 2.82 18.73
CA PHE C 217 -28.60 2.15 17.59
C PHE C 217 -27.22 1.59 17.89
N GLN C 218 -26.49 2.23 18.81
CA GLN C 218 -25.16 1.76 19.15
C GLN C 218 -25.35 0.40 19.78
N ARG C 219 -26.28 0.31 20.71
CA ARG C 219 -26.53 -0.96 21.39
C ARG C 219 -27.07 -1.99 20.38
N TRP C 220 -27.80 -1.48 19.39
CA TRP C 220 -28.38 -2.29 18.32
C TRP C 220 -27.27 -3.02 17.53
N GLN C 221 -26.15 -2.34 17.31
CA GLN C 221 -25.04 -2.95 16.58
C GLN C 221 -24.30 -3.98 17.44
N ILE C 222 -24.26 -3.76 18.76
CA ILE C 222 -23.58 -4.67 19.66
C ILE C 222 -24.39 -5.94 19.84
N ASP C 223 -25.71 -5.78 19.86
CA ASP C 223 -26.61 -6.91 20.03
C ASP C 223 -26.78 -7.69 18.73
N ASN C 224 -26.79 -6.98 17.59
CA ASN C 224 -26.93 -7.62 16.28
C ASN C 224 -25.60 -8.08 15.63
N ILE C 225 -24.64 -7.16 15.49
CA ILE C 225 -23.35 -7.49 14.89
C ILE C 225 -22.46 -8.30 15.83
N GLY C 226 -22.68 -8.14 17.14
CA GLY C 226 -21.90 -8.85 18.13
C GLY C 226 -20.54 -8.22 18.40
N VAL C 227 -20.05 -8.36 19.62
CA VAL C 227 -18.74 -7.82 20.00
C VAL C 227 -18.11 -8.67 21.09
N THR C 228 -16.83 -8.47 21.33
CA THR C 228 -16.13 -9.23 22.37
C THR C 228 -16.49 -8.65 23.73
N GLU C 229 -16.10 -7.40 23.96
CA GLU C 229 -16.38 -6.74 25.20
C GLU C 229 -17.15 -5.45 24.90
N ALA C 230 -18.06 -5.09 25.81
CA ALA C 230 -18.89 -3.89 25.68
C ALA C 230 -18.68 -2.94 26.85
N ILE C 231 -18.41 -1.68 26.53
CA ILE C 231 -18.17 -0.65 27.54
C ILE C 231 -18.95 0.61 27.20
N GLU C 232 -19.19 1.45 28.19
CA GLU C 232 -19.90 2.68 27.94
C GLU C 232 -19.45 3.83 28.82
N ILE C 233 -19.00 4.91 28.18
CA ILE C 233 -18.56 6.10 28.90
C ILE C 233 -19.79 6.92 29.27
N LYS C 234 -20.03 7.06 30.57
CA LYS C 234 -21.16 7.82 31.07
C LYS C 234 -21.01 9.31 30.89
N GLY C 235 -22.06 9.95 30.38
CA GLY C 235 -22.06 11.40 30.19
C GLY C 235 -21.36 11.94 28.95
N ALA C 236 -20.66 11.05 28.26
CA ALA C 236 -19.93 11.42 27.06
C ALA C 236 -20.83 11.52 25.85
N ASP C 237 -20.48 12.43 24.95
CA ASP C 237 -21.26 12.62 23.73
C ASP C 237 -20.52 12.02 22.54
N HIS C 238 -21.00 12.33 21.34
CA HIS C 238 -20.39 11.80 20.16
C HIS C 238 -18.88 12.07 20.07
N ALA C 240 -16.55 11.93 22.23
CA ALA C 240 -16.07 11.52 23.53
C ALA C 240 -14.59 11.89 23.74
N LEU C 242 -13.18 14.34 23.30
CA LEU C 242 -13.07 15.76 23.55
C LEU C 242 -13.76 16.18 24.87
N CYS C 243 -14.86 15.52 25.23
CA CYS C 243 -15.56 15.88 26.48
C CYS C 243 -15.22 14.96 27.64
N GLU C 244 -14.57 13.84 27.33
CA GLU C 244 -14.19 12.85 28.34
C GLU C 244 -12.89 12.14 27.99
N PRO C 245 -11.87 12.89 27.54
CA PRO C 245 -10.56 12.34 27.17
C PRO C 245 -9.89 11.47 28.22
N GLN C 246 -10.02 11.85 29.47
CA GLN C 246 -9.40 11.08 30.55
C GLN C 246 -10.14 9.79 30.84
N LYS C 247 -11.47 9.83 30.76
CA LYS C 247 -12.26 8.65 31.01
C LYS C 247 -12.12 7.65 29.85
N LEU C 248 -11.93 8.18 28.63
CA LEU C 248 -11.75 7.34 27.44
C LEU C 248 -10.41 6.64 27.56
N CYS C 249 -9.44 7.42 28.00
CA CYS C 249 -8.08 6.93 28.20
C CYS C 249 -8.10 5.73 29.14
N ALA C 250 -8.75 5.89 30.29
CA ALA C 250 -8.84 4.83 31.28
C ALA C 250 -9.49 3.59 30.68
N SER C 251 -10.65 3.80 30.07
CA SER C 251 -11.40 2.73 29.44
C SER C 251 -10.60 2.05 28.33
N LEU C 252 -9.66 2.78 27.71
CA LEU C 252 -8.84 2.22 26.64
C LEU C 252 -7.61 1.50 27.18
N LEU C 253 -7.06 2.01 28.27
CA LEU C 253 -5.87 1.42 28.87
C LEU C 253 -6.26 0.09 29.53
N GLU C 254 -7.52 -0.02 29.98
CA GLU C 254 -7.99 -1.25 30.59
C GLU C 254 -8.11 -2.32 29.49
N ILE C 255 -8.67 -1.91 28.36
CA ILE C 255 -8.84 -2.81 27.22
C ILE C 255 -7.53 -3.47 26.84
N ALA C 256 -6.48 -2.67 26.79
CA ALA C 256 -5.15 -3.17 26.42
C ALA C 256 -4.77 -4.47 27.15
N HIS C 257 -5.39 -4.75 28.30
CA HIS C 257 -5.08 -5.97 29.03
C HIS C 257 -6.29 -6.87 29.32
N LYS C 258 -7.49 -6.38 29.06
CA LYS C 258 -8.72 -7.17 29.29
C LYS C 258 -9.02 -8.05 28.07
N LYS D 2 -24.58 46.56 22.14
CA LYS D 2 -25.03 47.87 21.55
C LYS D 2 -24.36 48.10 20.20
N GLU D 3 -23.15 47.57 20.03
CA GLU D 3 -22.38 47.70 18.78
C GLU D 3 -21.02 47.00 18.95
N GLY D 4 -20.89 45.81 18.37
CA GLY D 4 -19.65 45.05 18.50
C GLY D 4 -18.66 45.19 17.35
N LYS D 5 -17.39 45.25 17.70
CA LYS D 5 -16.32 45.38 16.71
C LYS D 5 -15.99 44.03 16.06
N HIS D 6 -15.58 44.06 14.80
CA HIS D 6 -15.21 42.85 14.08
C HIS D 6 -13.69 42.61 14.15
N PHE D 7 -13.30 41.39 14.50
CA PHE D 7 -11.89 41.01 14.60
C PHE D 7 -11.55 40.02 13.46
N VAL D 8 -10.47 40.28 12.76
CA VAL D 8 -10.00 39.42 11.68
C VAL D 8 -8.64 38.87 12.12
N LEU D 9 -8.62 37.64 12.62
CA LEU D 9 -7.37 37.05 13.10
C LEU D 9 -6.54 36.48 11.97
N VAL D 10 -5.23 36.75 11.98
CA VAL D 10 -4.37 36.27 10.92
C VAL D 10 -3.20 35.42 11.45
N HIS D 11 -3.32 34.11 11.28
CA HIS D 11 -2.31 33.14 11.74
C HIS D 11 -0.92 33.32 11.13
N GLY D 12 0.04 32.60 11.70
CA GLY D 12 1.41 32.66 11.22
C GLY D 12 1.82 31.52 10.30
N ALA D 13 3.10 31.49 9.96
CA ALA D 13 3.66 30.48 9.08
C ALA D 13 3.45 29.05 9.58
N CYS D 14 2.97 28.19 8.68
CA CYS D 14 2.70 26.78 8.96
C CYS D 14 1.39 26.53 9.67
N HIS D 15 0.88 27.53 10.39
CA HIS D 15 -0.37 27.37 11.09
C HIS D 15 -1.63 27.71 10.31
N GLY D 16 -2.72 27.93 11.03
CA GLY D 16 -3.97 28.24 10.36
C GLY D 16 -5.03 28.84 11.24
N GLY D 17 -6.23 28.99 10.69
CA GLY D 17 -7.33 29.58 11.43
C GLY D 17 -7.53 28.92 12.77
N TRP D 18 -7.43 27.58 12.78
CA TRP D 18 -7.60 26.75 13.97
C TRP D 18 -6.80 27.19 15.20
N SER D 19 -5.69 27.89 14.95
CA SER D 19 -4.82 28.39 16.00
C SER D 19 -5.51 29.38 16.93
N TRP D 20 -6.62 29.96 16.46
CA TRP D 20 -7.33 30.94 17.28
C TRP D 20 -8.51 30.35 18.04
N TYR D 21 -8.66 29.03 17.95
CA TYR D 21 -9.78 28.33 18.57
C TYR D 21 -10.04 28.63 20.06
N LYS D 22 -9.03 29.05 20.81
CA LYS D 22 -9.22 29.39 22.22
C LYS D 22 -9.54 30.88 22.45
N LEU D 23 -9.04 31.73 21.57
CA LEU D 23 -9.27 33.17 21.69
C LEU D 23 -10.64 33.54 21.14
N LYS D 24 -10.96 33.02 19.96
CA LYS D 24 -12.23 33.31 19.30
C LYS D 24 -13.46 33.33 20.21
N PRO D 25 -13.77 32.22 20.91
CA PRO D 25 -14.95 32.27 21.78
C PRO D 25 -14.87 33.42 22.78
N LEU D 26 -13.67 33.70 23.29
CA LEU D 26 -13.48 34.76 24.25
C LEU D 26 -13.92 36.10 23.68
N LEU D 27 -13.67 36.32 22.38
CA LEU D 27 -14.05 37.58 21.76
C LEU D 27 -15.56 37.68 21.54
N GLU D 28 -16.18 36.58 21.15
CA GLU D 28 -17.60 36.58 20.91
C GLU D 28 -18.36 36.68 22.21
N ALA D 29 -17.76 36.17 23.29
CA ALA D 29 -18.43 36.25 24.57
C ALA D 29 -18.58 37.72 24.92
N ALA D 30 -17.67 38.55 24.44
CA ALA D 30 -17.77 39.97 24.72
C ALA D 30 -18.60 40.67 23.64
N GLY D 31 -19.49 39.92 23.01
CA GLY D 31 -20.35 40.48 21.98
C GLY D 31 -19.68 41.01 20.73
N HIS D 32 -18.68 40.30 20.23
CA HIS D 32 -17.99 40.73 19.00
C HIS D 32 -18.07 39.69 17.91
N LYS D 33 -17.56 40.02 16.74
CA LYS D 33 -17.57 39.09 15.64
C LYS D 33 -16.12 38.75 15.37
N VAL D 34 -15.86 37.48 15.05
CA VAL D 34 -14.50 37.08 14.79
C VAL D 34 -14.33 36.28 13.52
N THR D 35 -13.23 36.51 12.81
CA THR D 35 -12.96 35.74 11.62
C THR D 35 -11.56 35.12 11.72
N ALA D 36 -11.54 33.83 12.02
CA ALA D 36 -10.31 33.07 12.14
C ALA D 36 -10.09 32.46 10.75
N LEU D 37 -9.85 33.32 9.77
CA LEU D 37 -9.67 32.82 8.40
C LEU D 37 -8.39 32.03 8.14
N ASP D 38 -8.36 31.29 7.03
CA ASP D 38 -7.19 30.51 6.64
C ASP D 38 -6.51 31.25 5.50
N LEU D 39 -5.19 31.33 5.54
CA LEU D 39 -4.47 31.99 4.47
C LEU D 39 -4.28 30.93 3.40
N ALA D 40 -3.82 31.33 2.21
CA ALA D 40 -3.64 30.38 1.14
C ALA D 40 -2.71 29.23 1.54
N ALA D 41 -3.12 28.01 1.23
CA ALA D 41 -2.35 26.81 1.56
C ALA D 41 -2.16 26.66 3.05
N SER D 42 -3.10 27.20 3.82
CA SER D 42 -3.05 27.13 5.27
C SER D 42 -4.31 26.44 5.75
N GLY D 43 -4.20 25.69 6.85
CA GLY D 43 -5.36 24.99 7.35
C GLY D 43 -5.96 24.03 6.34
N THR D 44 -7.22 24.24 6.00
CA THR D 44 -7.91 23.38 5.06
C THR D 44 -7.98 23.94 3.64
N ASP D 45 -7.25 25.01 3.40
CA ASP D 45 -7.21 25.60 2.06
C ASP D 45 -6.52 24.59 1.14
N LEU D 46 -7.27 24.01 0.20
CA LEU D 46 -6.73 23.02 -0.73
C LEU D 46 -5.70 23.53 -1.74
N ARG D 47 -4.95 24.55 -1.39
CA ARG D 47 -3.92 25.01 -2.30
C ARG D 47 -2.61 24.49 -1.75
N LYS D 48 -1.65 24.23 -2.63
CA LYS D 48 -0.34 23.72 -2.26
C LYS D 48 0.62 24.87 -2.22
N ILE D 49 1.43 24.93 -1.18
CA ILE D 49 2.40 25.99 -1.03
C ILE D 49 3.20 26.23 -2.32
N GLU D 50 3.53 25.16 -3.03
CA GLU D 50 4.29 25.31 -4.27
C GLU D 50 3.67 26.27 -5.29
N GLU D 51 2.34 26.39 -5.26
CA GLU D 51 1.61 27.25 -6.18
C GLU D 51 1.72 28.75 -5.85
N LEU D 52 2.23 29.06 -4.67
CA LEU D 52 2.36 30.44 -4.23
C LEU D 52 3.81 30.93 -4.35
N ARG D 53 4.05 31.97 -5.14
CA ARG D 53 5.39 32.50 -5.30
C ARG D 53 5.55 33.90 -4.78
N THR D 54 4.44 34.50 -4.33
CA THR D 54 4.50 35.87 -3.82
C THR D 54 3.76 36.02 -2.49
N LEU D 55 4.01 37.12 -1.80
CA LEU D 55 3.34 37.37 -0.54
C LEU D 55 1.86 37.59 -0.81
N TYR D 56 1.54 38.21 -1.94
CA TYR D 56 0.15 38.48 -2.30
C TYR D 56 -0.65 37.19 -2.52
N ASP D 57 -0.03 36.20 -3.15
CA ASP D 57 -0.73 34.95 -3.37
C ASP D 57 -1.13 34.31 -2.05
N TYR D 58 -0.22 34.39 -1.10
CA TYR D 58 -0.42 33.82 0.22
C TYR D 58 -1.47 34.61 1.03
N THR D 59 -1.59 35.91 0.76
CA THR D 59 -2.56 36.74 1.49
C THR D 59 -3.89 36.91 0.75
N LEU D 60 -4.03 36.23 -0.38
CA LEU D 60 -5.25 36.34 -1.16
C LEU D 60 -6.50 36.28 -0.28
N PRO D 61 -6.70 35.18 0.45
CA PRO D 61 -7.93 35.18 1.25
C PRO D 61 -8.19 36.42 2.13
N LEU D 62 -7.16 36.95 2.76
CA LEU D 62 -7.33 38.14 3.61
C LEU D 62 -7.80 39.32 2.75
N GLU D 64 -9.47 39.22 -0.11
CA GLU D 64 -10.84 38.97 -0.56
C GLU D 64 -11.84 39.41 0.49
N LEU D 65 -11.57 39.07 1.74
CA LEU D 65 -12.44 39.46 2.83
C LEU D 65 -12.45 40.97 2.90
N GLU D 67 -11.75 43.19 0.81
CA GLU D 67 -12.48 43.72 -0.34
C GLU D 67 -13.98 43.58 -0.15
N SER D 68 -14.38 42.53 0.56
CA SER D 68 -15.78 42.26 0.81
C SER D 68 -16.42 43.13 1.89
N LEU D 69 -15.60 43.87 2.62
CA LEU D 69 -16.13 44.72 3.70
C LEU D 69 -16.82 45.97 3.16
N SER D 70 -17.95 46.29 3.77
CA SER D 70 -18.75 47.45 3.39
C SER D 70 -18.09 48.73 3.86
N ALA D 71 -18.57 49.85 3.33
CA ALA D 71 -18.05 51.16 3.69
C ALA D 71 -17.99 51.36 5.20
N ASP D 72 -19.10 51.06 5.88
CA ASP D 72 -19.17 51.23 7.33
C ASP D 72 -18.79 49.96 8.09
N GLU D 73 -18.01 49.08 7.45
CA GLU D 73 -17.59 47.84 8.08
C GLU D 73 -16.10 47.83 8.36
N LYS D 74 -15.69 48.46 9.46
CA LYS D 74 -14.28 48.55 9.82
C LYS D 74 -13.88 47.38 10.72
N VAL D 75 -12.67 46.86 10.54
CA VAL D 75 -12.21 45.75 11.36
C VAL D 75 -10.92 46.01 12.17
N ILE D 76 -10.60 45.09 13.07
CA ILE D 76 -9.37 45.18 13.86
C ILE D 76 -8.56 43.97 13.43
N LEU D 77 -7.47 44.24 12.71
CA LEU D 77 -6.57 43.23 12.22
C LEU D 77 -5.61 42.78 13.31
N VAL D 78 -5.47 41.46 13.46
CA VAL D 78 -4.59 40.88 14.45
C VAL D 78 -3.67 39.89 13.77
N GLY D 79 -2.41 40.26 13.55
CA GLY D 79 -1.49 39.38 12.87
C GLY D 79 -0.52 38.65 13.77
N HIS D 80 -0.45 37.32 13.63
CA HIS D 80 0.45 36.50 14.44
C HIS D 80 1.76 36.23 13.68
N SER D 81 2.88 36.42 14.36
CA SER D 81 4.19 36.16 13.74
C SER D 81 4.28 36.62 12.27
N LEU D 82 4.37 35.67 11.34
CA LEU D 82 4.45 36.00 9.93
C LEU D 82 3.18 36.74 9.46
N GLY D 83 2.10 36.56 10.23
CA GLY D 83 0.85 37.23 9.92
C GLY D 83 1.02 38.73 9.77
N GLY D 84 2.05 39.25 10.42
CA GLY D 84 2.35 40.66 10.35
C GLY D 84 2.59 41.11 8.92
N ASN D 86 1.15 39.81 6.26
CA ASN D 86 -0.15 39.79 5.59
C ASN D 86 -0.94 41.05 5.92
N LEU D 87 -0.78 41.51 7.15
CA LEU D 87 -1.44 42.70 7.64
C LEU D 87 -1.09 43.91 6.81
N GLY D 88 0.20 44.20 6.69
CA GLY D 88 0.64 45.35 5.93
C GLY D 88 0.10 45.43 4.51
N LEU D 89 -0.17 44.28 3.88
CA LEU D 89 -0.70 44.31 2.52
C LEU D 89 -2.14 44.78 2.64
N ALA D 90 -2.84 44.24 3.64
CA ALA D 90 -4.22 44.64 3.87
C ALA D 90 -4.25 46.14 4.10
N GLU D 92 -2.20 48.39 3.49
CA GLU D 92 -1.78 49.19 2.35
C GLU D 92 -2.92 49.35 1.36
N LYS D 93 -3.75 48.33 1.22
CA LYS D 93 -4.83 48.40 0.26
C LYS D 93 -6.14 49.00 0.80
N TYR D 94 -6.48 48.73 2.06
CA TYR D 94 -7.74 49.21 2.64
C TYR D 94 -7.54 49.88 4.00
N PRO D 95 -6.68 50.91 4.07
CA PRO D 95 -6.43 51.61 5.35
C PRO D 95 -7.65 52.15 6.06
N GLN D 96 -8.57 52.70 5.29
CA GLN D 96 -9.77 53.31 5.85
C GLN D 96 -10.74 52.27 6.42
N LYS D 97 -10.36 51.00 6.35
CA LYS D 97 -11.21 49.93 6.84
C LYS D 97 -10.59 49.18 8.01
N ILE D 98 -9.69 49.86 8.72
CA ILE D 98 -9.01 49.26 9.87
C ILE D 98 -8.95 50.22 11.05
N TYR D 99 -9.44 49.79 12.21
CA TYR D 99 -9.41 50.64 13.41
C TYR D 99 -7.97 50.68 13.88
N ALA D 100 -7.26 49.58 13.66
CA ALA D 100 -5.86 49.47 14.07
C ALA D 100 -5.39 48.06 13.79
N ALA D 101 -4.11 47.95 13.47
CA ALA D 101 -3.52 46.65 13.21
C ALA D 101 -2.81 46.25 14.51
N VAL D 102 -2.98 44.99 14.91
CA VAL D 102 -2.36 44.45 16.12
C VAL D 102 -1.36 43.37 15.72
N PHE D 103 -0.08 43.66 15.95
CA PHE D 103 1.05 42.77 15.63
C PHE D 103 1.44 42.02 16.89
N LEU D 104 0.89 40.83 17.01
CA LEU D 104 1.12 39.97 18.16
C LEU D 104 2.39 39.17 17.94
N ALA D 105 3.46 39.56 18.62
CA ALA D 105 4.78 38.91 18.53
C ALA D 105 4.93 38.52 17.08
N ALA D 106 4.90 39.52 16.22
CA ALA D 106 4.98 39.27 14.81
C ALA D 106 6.04 40.12 14.15
N PHE D 107 6.22 39.88 12.86
CA PHE D 107 7.18 40.64 12.09
C PHE D 107 6.38 41.83 11.58
N PRO D 109 6.75 45.10 9.38
CA PRO D 109 7.52 45.80 8.36
C PRO D 109 7.36 47.33 8.39
N ASP D 110 8.05 48.01 7.48
CA ASP D 110 7.95 49.46 7.39
C ASP D 110 7.86 49.78 5.91
N SER D 111 7.76 51.06 5.59
CA SER D 111 7.64 51.51 4.19
C SER D 111 8.95 52.06 3.63
N VAL D 112 9.77 52.62 4.52
CA VAL D 112 11.06 53.20 4.15
C VAL D 112 11.94 52.13 3.54
N HIS D 113 12.20 51.10 4.33
CA HIS D 113 13.05 49.99 3.92
C HIS D 113 12.32 49.03 3.00
N ASN D 114 13.09 48.12 2.42
CA ASN D 114 12.57 47.10 1.53
C ASN D 114 11.58 46.27 2.31
N SER D 115 10.71 45.58 1.59
CA SER D 115 9.68 44.77 2.22
C SER D 115 10.22 43.68 3.13
N SER D 116 11.36 43.10 2.76
CA SER D 116 12.01 42.03 3.51
C SER D 116 12.92 42.55 4.62
N PHE D 117 12.85 43.84 4.90
CA PHE D 117 13.69 44.43 5.93
C PHE D 117 13.74 43.67 7.25
N VAL D 118 12.57 43.57 7.91
CA VAL D 118 12.48 42.91 9.21
C VAL D 118 12.90 41.44 9.22
N LEU D 119 12.49 40.71 8.19
CA LEU D 119 12.85 39.31 8.08
C LEU D 119 14.36 39.24 7.98
N GLU D 120 14.94 40.17 7.23
CA GLU D 120 16.38 40.20 7.09
C GLU D 120 17.02 40.56 8.45
N GLN D 121 16.39 41.45 9.21
CA GLN D 121 16.97 41.82 10.50
C GLN D 121 16.80 40.69 11.51
N TYR D 122 15.74 39.91 11.35
CA TYR D 122 15.48 38.79 12.25
C TYR D 122 16.55 37.70 12.07
N ASN D 123 16.85 37.35 10.81
CA ASN D 123 17.87 36.35 10.54
C ASN D 123 19.24 36.83 11.03
N GLU D 124 19.66 38.01 10.56
CA GLU D 124 20.95 38.55 11.00
C GLU D 124 21.06 38.58 12.53
N ARG D 125 19.92 38.63 13.22
CA ARG D 125 19.93 38.65 14.67
C ARG D 125 19.50 37.32 15.27
N THR D 126 19.47 36.27 14.45
CA THR D 126 19.08 34.97 14.96
C THR D 126 19.93 33.83 14.38
N PRO D 127 20.70 33.15 15.25
CA PRO D 127 21.56 32.04 14.83
C PRO D 127 20.78 30.91 14.17
N ALA D 128 21.35 30.29 13.15
CA ALA D 128 20.69 29.20 12.45
C ALA D 128 20.46 28.00 13.35
N GLU D 129 20.81 28.19 14.63
CA GLU D 129 20.67 27.16 15.64
C GLU D 129 19.20 27.08 16.03
N ASN D 130 18.60 28.23 16.32
CA ASN D 130 17.20 28.29 16.73
C ASN D 130 16.25 27.46 15.87
N TRP D 131 16.46 27.47 14.55
CA TRP D 131 15.59 26.75 13.64
C TRP D 131 15.46 25.24 13.88
N LEU D 132 16.25 24.74 14.82
CA LEU D 132 16.27 23.31 15.17
C LEU D 132 16.01 22.42 13.97
N ASP D 133 14.86 21.74 13.95
CA ASP D 133 14.56 20.84 12.85
C ASP D 133 13.64 21.40 11.78
N THR D 134 13.62 22.70 11.62
CA THR D 134 12.74 23.29 10.62
C THR D 134 13.25 23.00 9.22
N GLN D 135 12.38 22.49 8.36
CA GLN D 135 12.77 22.16 6.99
C GLN D 135 12.63 23.30 6.00
N PHE D 136 13.67 23.48 5.20
CA PHE D 136 13.70 24.51 4.17
C PHE D 136 13.98 23.84 2.83
N LEU D 137 12.93 23.60 2.07
CA LEU D 137 13.05 22.96 0.78
C LEU D 137 12.74 23.92 -0.37
N PRO D 138 13.59 23.93 -1.39
CA PRO D 138 13.43 24.79 -2.55
C PRO D 138 12.40 24.21 -3.51
N TYR D 139 11.61 25.08 -4.13
CA TYR D 139 10.60 24.63 -5.09
C TYR D 139 10.49 25.59 -6.25
N GLY D 140 11.20 26.70 -6.16
CA GLY D 140 11.14 27.69 -7.22
C GLY D 140 11.62 27.18 -8.56
N SER D 141 12.87 27.51 -8.88
CA SER D 141 13.51 27.11 -10.12
C SER D 141 14.88 27.75 -10.10
N PRO D 142 15.75 27.37 -11.05
CA PRO D 142 17.10 27.94 -11.10
C PRO D 142 17.09 29.45 -11.41
N GLU D 143 16.04 29.90 -12.11
CA GLU D 143 15.88 31.32 -12.47
C GLU D 143 15.01 32.08 -11.45
N GLU D 144 13.86 31.49 -11.09
CA GLU D 144 12.94 32.08 -10.12
C GLU D 144 12.93 31.23 -8.86
N PRO D 145 14.00 31.30 -8.06
CA PRO D 145 14.16 30.54 -6.81
C PRO D 145 13.16 30.84 -5.71
N LEU D 146 12.61 29.78 -5.13
CA LEU D 146 11.65 29.93 -4.05
C LEU D 146 11.98 28.92 -2.95
N THR D 147 11.86 29.36 -1.70
CA THR D 147 12.15 28.50 -0.58
C THR D 147 10.90 28.24 0.25
N SER D 148 10.72 26.99 0.66
CA SER D 148 9.58 26.64 1.50
C SER D 148 10.02 26.41 2.92
N PHE D 150 8.80 24.60 6.79
CA PHE D 150 7.88 23.72 7.52
C PHE D 150 8.47 23.37 8.89
N PHE D 151 7.83 23.86 9.95
CA PHE D 151 8.31 23.62 11.31
C PHE D 151 8.45 22.13 11.68
N GLY D 152 9.52 21.80 12.38
CA GLY D 152 9.73 20.43 12.80
C GLY D 152 9.23 20.22 14.22
N PRO D 153 8.96 18.97 14.63
CA PRO D 153 8.46 18.65 15.98
C PRO D 153 9.33 19.14 17.13
N LYS D 154 10.64 19.27 16.90
CA LYS D 154 11.54 19.74 17.95
C LYS D 154 11.42 21.25 18.07
N PHE D 155 11.50 21.94 16.94
CA PHE D 155 11.36 23.41 16.92
C PHE D 155 9.99 23.78 17.51
N LEU D 156 8.96 23.08 17.07
CA LEU D 156 7.62 23.34 17.54
C LEU D 156 7.52 23.19 19.05
N ALA D 157 8.14 22.15 19.58
CA ALA D 157 8.08 21.89 21.02
C ALA D 157 8.99 22.74 21.88
N HIS D 158 10.18 23.04 21.38
CA HIS D 158 11.14 23.81 22.17
C HIS D 158 11.20 25.30 21.89
N LYS D 159 10.73 25.74 20.72
CA LYS D 159 10.80 27.17 20.42
C LYS D 159 9.46 27.88 20.37
N LEU D 160 8.38 27.15 20.12
CA LEU D 160 7.10 27.83 20.03
C LEU D 160 6.16 27.52 21.18
N TYR D 161 6.01 26.24 21.52
CA TYR D 161 5.10 25.82 22.57
C TYR D 161 5.72 25.36 23.88
N GLN D 162 6.94 25.76 24.17
CA GLN D 162 7.59 25.31 25.40
C GLN D 162 6.73 25.56 26.66
N LEU D 163 5.88 26.58 26.61
CA LEU D 163 5.02 26.88 27.76
C LEU D 163 3.57 26.47 27.55
N CYS D 164 3.28 25.85 26.41
CA CYS D 164 1.94 25.41 26.12
C CYS D 164 1.68 23.97 26.61
N SER D 165 0.40 23.64 26.73
CA SER D 165 -0.05 22.35 27.20
C SER D 165 0.35 21.25 26.24
N PRO D 166 0.47 20.02 26.75
CA PRO D 166 0.85 18.91 25.88
C PRO D 166 -0.26 18.66 24.85
N GLU D 167 -1.49 19.10 25.16
CA GLU D 167 -2.62 18.94 24.25
C GLU D 167 -2.40 19.89 23.08
N ASP D 168 -2.02 21.13 23.40
CA ASP D 168 -1.74 22.14 22.40
C ASP D 168 -0.69 21.65 21.40
N LEU D 169 0.34 20.98 21.89
CA LEU D 169 1.39 20.51 20.98
C LEU D 169 0.87 19.43 20.04
N ALA D 170 0.09 18.48 20.56
CA ALA D 170 -0.46 17.39 19.72
C ALA D 170 -1.31 17.97 18.59
N LEU D 171 -2.07 19.01 18.91
CA LEU D 171 -2.92 19.66 17.93
C LEU D 171 -2.09 20.19 16.80
N ALA D 172 -1.09 20.97 17.16
CA ALA D 172 -0.20 21.60 16.20
C ALA D 172 0.56 20.59 15.37
N SER D 173 1.05 19.55 16.01
CA SER D 173 1.78 18.54 15.26
C SER D 173 0.94 17.89 14.15
N SER D 174 -0.36 17.67 14.37
CA SER D 174 -1.16 17.07 13.30
C SER D 174 -1.77 18.08 12.32
N LEU D 175 -1.44 19.36 12.43
CA LEU D 175 -2.03 20.38 11.55
C LEU D 175 -1.07 21.34 10.81
N VAL D 176 0.16 21.47 11.29
CA VAL D 176 1.13 22.36 10.66
C VAL D 176 1.40 21.91 9.24
N ARG D 177 1.37 22.87 8.32
CA ARG D 177 1.57 22.62 6.89
C ARG D 177 2.77 23.41 6.39
N PRO D 178 3.35 22.99 5.27
CA PRO D 178 4.51 23.74 4.78
C PRO D 178 4.08 25.13 4.32
N SER D 179 4.93 26.12 4.58
CA SER D 179 4.66 27.49 4.17
C SER D 179 5.95 28.14 3.67
N SER D 180 6.05 29.45 3.79
CA SER D 180 7.23 30.16 3.31
C SER D 180 7.31 31.56 3.85
N LEU D 181 8.53 32.10 3.89
CA LEU D 181 8.70 33.48 4.34
C LEU D 181 8.69 34.36 3.12
N PHE D 182 8.62 33.74 1.94
CA PHE D 182 8.58 34.48 0.70
C PHE D 182 9.67 35.55 0.65
N GLU D 184 12.49 35.66 -1.32
CA GLU D 184 12.80 35.99 -2.70
C GLU D 184 11.88 37.06 -3.26
N ASP D 185 10.63 37.05 -2.83
CA ASP D 185 9.68 38.03 -3.31
C ASP D 185 9.76 39.36 -2.57
N LEU D 186 9.81 39.29 -1.23
CA LEU D 186 9.88 40.49 -0.39
C LEU D 186 11.15 41.32 -0.57
N SER D 187 12.06 40.85 -1.40
CA SER D 187 13.29 41.59 -1.64
C SER D 187 13.25 42.11 -3.06
N LYS D 188 12.17 41.84 -3.78
CA LYS D 188 12.08 42.32 -5.14
C LYS D 188 10.79 43.06 -5.42
N ALA D 189 9.98 43.28 -4.39
CA ALA D 189 8.70 43.98 -4.55
C ALA D 189 8.38 44.99 -3.44
N LYS D 190 8.25 46.25 -3.80
CA LYS D 190 7.94 47.27 -2.82
C LYS D 190 6.44 47.21 -2.56
N TYR D 191 6.04 46.97 -1.31
CA TYR D 191 4.62 46.87 -0.96
C TYR D 191 4.03 48.01 -0.16
N PHE D 192 4.55 48.22 1.05
CA PHE D 192 4.05 49.25 1.95
C PHE D 192 4.58 50.66 1.71
N THR D 193 3.68 51.64 1.89
CA THR D 193 4.01 53.06 1.71
C THR D 193 3.52 53.85 2.91
N ASP D 194 4.25 54.90 3.24
CA ASP D 194 3.90 55.74 4.37
C ASP D 194 2.51 56.38 4.25
N GLU D 195 2.14 56.85 3.06
CA GLU D 195 0.82 57.47 2.90
C GLU D 195 -0.34 56.52 3.22
N ARG D 196 -0.21 55.27 2.80
CA ARG D 196 -1.25 54.25 3.04
C ARG D 196 -0.98 53.38 4.27
N PHE D 197 -0.03 52.45 4.16
CA PHE D 197 0.32 51.58 5.27
C PHE D 197 0.64 52.35 6.53
N GLY D 198 1.56 53.31 6.40
CA GLY D 198 1.99 54.11 7.53
C GLY D 198 0.94 54.95 8.23
N SER D 199 -0.25 55.04 7.64
CA SER D 199 -1.36 55.84 8.20
C SER D 199 -2.24 55.01 9.11
N VAL D 200 -1.99 53.71 9.15
CA VAL D 200 -2.76 52.81 9.98
C VAL D 200 -2.09 52.64 11.32
N LYS D 201 -2.80 53.01 12.37
CA LYS D 201 -2.28 52.88 13.72
C LYS D 201 -1.85 51.43 13.96
N ARG D 202 -0.68 51.27 14.58
CA ARG D 202 -0.10 49.95 14.86
C ARG D 202 0.13 49.70 16.34
N VAL D 203 -0.41 48.60 16.85
CA VAL D 203 -0.23 48.24 18.26
C VAL D 203 0.55 46.94 18.28
N TYR D 204 1.66 46.92 19.00
CA TYR D 204 2.50 45.72 19.11
C TYR D 204 2.31 45.09 20.47
N ILE D 205 2.14 43.77 20.50
CA ILE D 205 1.99 43.07 21.77
C ILE D 205 3.17 42.13 21.90
N VAL D 206 4.02 42.40 22.89
CA VAL D 206 5.22 41.61 23.15
C VAL D 206 4.90 40.32 23.91
N CYS D 207 5.64 39.26 23.59
CA CYS D 207 5.47 37.98 24.27
C CYS D 207 6.81 37.66 24.93
N THR D 208 6.92 38.03 26.21
CA THR D 208 8.13 37.87 27.00
C THR D 208 8.94 36.58 26.81
N GLU D 209 8.34 35.42 27.04
CA GLU D 209 9.07 34.17 26.92
C GLU D 209 9.05 33.54 25.53
N ASP D 210 9.08 34.36 24.50
CA ASP D 210 9.06 33.83 23.14
C ASP D 210 10.44 33.33 22.69
N LYS D 211 10.51 32.09 22.18
CA LYS D 211 11.77 31.51 21.71
C LYS D 211 11.93 31.66 20.20
N GLY D 212 10.84 31.53 19.47
CA GLY D 212 10.91 31.66 18.02
C GLY D 212 11.42 33.04 17.69
N ILE D 213 10.66 34.04 18.08
CA ILE D 213 11.08 35.41 17.86
C ILE D 213 11.25 35.96 19.27
N PRO D 214 12.50 35.99 19.77
CA PRO D 214 12.79 36.51 21.13
C PRO D 214 12.30 37.94 21.42
N GLU D 215 12.12 38.23 22.69
CA GLU D 215 11.66 39.53 23.12
C GLU D 215 12.56 40.66 22.64
N GLU D 216 13.86 40.42 22.59
CA GLU D 216 14.80 41.45 22.14
C GLU D 216 14.39 41.92 20.75
N PHE D 217 14.43 41.01 19.78
CA PHE D 217 14.07 41.37 18.43
C PHE D 217 12.67 42.02 18.44
N GLN D 218 11.74 41.48 19.21
CA GLN D 218 10.42 42.09 19.27
C GLN D 218 10.48 43.54 19.72
N ARG D 219 11.35 43.83 20.68
CA ARG D 219 11.51 45.18 21.22
C ARG D 219 12.33 46.03 20.25
N TRP D 220 13.14 45.36 19.44
CA TRP D 220 13.98 46.03 18.45
C TRP D 220 13.08 46.70 17.42
N GLN D 221 12.09 45.96 16.94
CA GLN D 221 11.17 46.49 15.94
C GLN D 221 10.40 47.68 16.49
N ILE D 222 10.02 47.62 17.75
CA ILE D 222 9.28 48.72 18.34
C ILE D 222 10.11 49.99 18.32
N ASP D 223 11.35 49.89 18.80
CA ASP D 223 12.28 51.00 18.88
C ASP D 223 12.86 51.42 17.53
N ASN D 224 12.72 50.60 16.50
CA ASN D 224 13.27 50.91 15.18
C ASN D 224 12.23 51.11 14.07
N ILE D 225 11.16 50.33 14.10
CA ILE D 225 10.12 50.48 13.12
C ILE D 225 9.11 51.46 13.71
N GLY D 226 8.91 51.38 15.02
CA GLY D 226 7.98 52.27 15.69
C GLY D 226 6.55 51.77 15.73
N VAL D 227 5.78 52.24 16.70
CA VAL D 227 4.39 51.82 16.84
C VAL D 227 3.57 52.95 17.46
N THR D 228 2.27 52.71 17.59
CA THR D 228 1.36 53.68 18.17
C THR D 228 1.28 53.40 19.67
N GLU D 229 1.46 52.13 20.03
CA GLU D 229 1.39 51.70 21.42
C GLU D 229 1.99 50.30 21.49
N ALA D 230 2.51 49.92 22.66
CA ALA D 230 3.10 48.60 22.84
C ALA D 230 2.60 48.01 24.16
N ILE D 231 2.22 46.74 24.15
CA ILE D 231 1.74 46.07 25.36
C ILE D 231 2.52 44.77 25.56
N GLU D 232 2.76 44.37 26.81
CA GLU D 232 3.50 43.14 27.01
C GLU D 232 2.73 42.08 27.78
N ILE D 233 2.80 40.85 27.26
CA ILE D 233 2.16 39.73 27.90
C ILE D 233 3.24 38.85 28.51
N LYS D 234 3.53 39.10 29.78
CA LYS D 234 4.52 38.32 30.51
C LYS D 234 3.98 36.91 30.75
N GLY D 235 4.88 35.93 30.66
CA GLY D 235 4.52 34.54 30.88
C GLY D 235 4.16 33.78 29.63
N ALA D 236 3.84 34.50 28.56
CA ALA D 236 3.42 33.88 27.31
C ALA D 236 4.53 33.53 26.33
N ASP D 237 4.40 32.37 25.68
CA ASP D 237 5.41 31.99 24.70
C ASP D 237 4.94 32.48 23.35
N HIS D 238 5.57 31.97 22.30
CA HIS D 238 5.23 32.37 20.95
C HIS D 238 3.76 32.16 20.61
N ALA D 240 0.91 32.80 22.21
CA ALA D 240 0.19 33.46 23.29
C ALA D 240 -1.30 33.14 23.32
N LEU D 242 -2.64 30.54 22.91
CA LEU D 242 -2.84 29.17 23.37
C LEU D 242 -2.45 29.01 24.84
N CYS D 243 -1.37 29.66 25.27
CA CYS D 243 -0.95 29.56 26.66
C CYS D 243 -1.58 30.65 27.53
N GLU D 244 -1.93 31.77 26.91
CA GLU D 244 -2.54 32.87 27.66
C GLU D 244 -3.66 33.56 26.89
N PRO D 245 -4.69 32.78 26.50
CA PRO D 245 -5.83 33.32 25.76
C PRO D 245 -6.63 34.39 26.47
N GLN D 246 -6.90 34.24 27.76
CA GLN D 246 -7.68 35.24 28.50
C GLN D 246 -6.90 36.55 28.64
N LYS D 247 -5.59 36.43 28.66
CA LYS D 247 -4.73 37.59 28.75
C LYS D 247 -4.74 38.30 27.39
N LEU D 248 -4.71 37.55 26.30
CA LEU D 248 -4.72 38.16 24.98
C LEU D 248 -6.06 38.84 24.75
N CYS D 249 -7.14 38.14 25.08
CA CYS D 249 -8.50 38.67 24.92
C CYS D 249 -8.65 40.02 25.61
N ALA D 250 -8.11 40.13 26.82
CA ALA D 250 -8.22 41.38 27.57
C ALA D 250 -7.43 42.52 26.92
N SER D 251 -6.22 42.24 26.47
CA SER D 251 -5.46 43.31 25.84
C SER D 251 -6.11 43.73 24.51
N LEU D 252 -6.76 42.77 23.84
CA LEU D 252 -7.42 43.04 22.57
C LEU D 252 -8.70 43.86 22.75
N LEU D 253 -9.34 43.70 23.90
CA LEU D 253 -10.57 44.44 24.15
C LEU D 253 -10.23 45.88 24.50
N GLU D 254 -9.14 46.08 25.23
CA GLU D 254 -8.70 47.42 25.61
C GLU D 254 -8.41 48.25 24.35
N ILE D 255 -7.80 47.62 23.35
CA ILE D 255 -7.47 48.27 22.08
C ILE D 255 -8.75 48.58 21.30
N ALA D 256 -9.62 47.59 21.17
CA ALA D 256 -10.88 47.75 20.47
C ALA D 256 -11.65 48.88 21.12
N HIS D 257 -11.47 49.06 22.42
CA HIS D 257 -12.18 50.11 23.12
C HIS D 257 -11.48 51.44 22.98
N LYS D 258 -10.18 51.47 23.25
CA LYS D 258 -9.35 52.68 23.20
C LYS D 258 -9.20 53.39 21.85
N TYR D 259 -8.66 52.66 20.88
CA TYR D 259 -8.44 53.20 19.55
C TYR D 259 -9.73 53.65 18.92
N ASN D 260 -10.70 52.74 18.87
CA ASN D 260 -12.00 53.08 18.33
C ASN D 260 -13.06 51.99 18.42
N LYS E 2 -8.91 2.20 -30.60
CA LYS E 2 -9.17 0.74 -30.59
C LYS E 2 -9.39 0.22 -29.17
N GLU E 3 -8.89 0.97 -28.18
CA GLU E 3 -9.02 0.61 -26.76
C GLU E 3 -8.47 -0.80 -26.49
N GLY E 4 -7.26 -0.89 -25.97
CA GLY E 4 -6.70 -2.20 -25.67
C GLY E 4 -7.30 -2.77 -24.40
N LYS E 5 -7.11 -4.05 -24.16
CA LYS E 5 -7.64 -4.68 -22.96
C LYS E 5 -6.54 -4.81 -21.93
N HIS E 6 -6.92 -5.23 -20.73
CA HIS E 6 -5.93 -5.43 -19.68
C HIS E 6 -6.02 -6.86 -19.17
N PHE E 7 -5.11 -7.69 -19.67
CA PHE E 7 -5.01 -9.07 -19.28
C PHE E 7 -4.21 -9.14 -18.00
N VAL E 8 -4.72 -9.88 -17.01
CA VAL E 8 -4.00 -10.04 -15.76
C VAL E 8 -3.84 -11.54 -15.61
N LEU E 9 -2.65 -12.01 -15.95
CA LEU E 9 -2.26 -13.41 -15.94
C LEU E 9 -1.93 -13.90 -14.54
N VAL E 10 -2.54 -15.00 -14.13
CA VAL E 10 -2.28 -15.54 -12.80
C VAL E 10 -1.71 -16.96 -12.94
N HIS E 11 -0.47 -17.15 -12.48
CA HIS E 11 0.24 -18.43 -12.57
C HIS E 11 -0.27 -19.56 -11.68
N GLY E 12 0.17 -20.78 -11.97
CA GLY E 12 -0.22 -21.94 -11.19
C GLY E 12 0.76 -22.20 -10.04
N ALA E 13 0.50 -23.21 -9.22
CA ALA E 13 1.36 -23.53 -8.07
C ALA E 13 2.81 -23.85 -8.48
N CYS E 14 3.75 -23.43 -7.62
CA CYS E 14 5.20 -23.62 -7.81
C CYS E 14 5.80 -22.77 -8.92
N HIS E 15 4.97 -21.91 -9.53
CA HIS E 15 5.44 -21.03 -10.61
C HIS E 15 5.27 -19.54 -10.29
N GLY E 16 5.70 -18.70 -11.21
CA GLY E 16 5.58 -17.27 -10.99
C GLY E 16 5.23 -16.50 -12.25
N GLY E 17 5.11 -15.18 -12.10
CA GLY E 17 4.77 -14.35 -13.23
C GLY E 17 5.63 -14.63 -14.44
N TRP E 18 6.86 -15.07 -14.20
CA TRP E 18 7.80 -15.37 -15.27
C TRP E 18 7.30 -16.41 -16.26
N SER E 19 6.40 -17.27 -15.79
CA SER E 19 5.90 -18.34 -16.65
C SER E 19 5.17 -17.85 -17.88
N TRP E 20 4.82 -16.57 -17.92
CA TRP E 20 4.13 -16.03 -19.09
C TRP E 20 5.06 -15.21 -19.96
N TYR E 21 6.36 -15.30 -19.70
CA TYR E 21 7.34 -14.54 -20.45
C TYR E 21 7.20 -14.64 -21.97
N LYS E 22 6.70 -15.76 -22.45
CA LYS E 22 6.52 -15.94 -23.88
C LYS E 22 5.19 -15.34 -24.32
N LEU E 23 4.16 -15.52 -23.51
CA LEU E 23 2.87 -14.98 -23.90
C LEU E 23 2.80 -13.45 -23.73
N LYS E 24 3.24 -12.95 -22.59
CA LYS E 24 3.21 -11.51 -22.31
C LYS E 24 3.55 -10.62 -23.50
N PRO E 25 4.71 -10.85 -24.15
CA PRO E 25 5.16 -10.06 -25.30
C PRO E 25 4.16 -10.12 -26.45
N LEU E 26 3.61 -11.31 -26.70
CA LEU E 26 2.65 -11.51 -27.78
C LEU E 26 1.38 -10.66 -27.64
N LEU E 27 0.86 -10.55 -26.42
CA LEU E 27 -0.34 -9.75 -26.16
C LEU E 27 0.03 -8.26 -26.25
N GLU E 28 1.20 -7.91 -25.72
CA GLU E 28 1.63 -6.54 -25.75
C GLU E 28 1.81 -6.04 -27.18
N ALA E 29 1.90 -6.96 -28.15
CA ALA E 29 2.03 -6.52 -29.54
C ALA E 29 0.64 -6.33 -30.16
N ALA E 30 -0.39 -6.90 -29.56
CA ALA E 30 -1.74 -6.71 -30.08
C ALA E 30 -2.27 -5.42 -29.49
N GLY E 31 -1.40 -4.65 -28.85
CA GLY E 31 -1.81 -3.38 -28.28
C GLY E 31 -2.51 -3.51 -26.95
N HIS E 32 -2.48 -4.70 -26.38
CA HIS E 32 -3.12 -4.87 -25.10
C HIS E 32 -2.08 -4.66 -24.02
N LYS E 33 -2.53 -4.46 -22.79
CA LYS E 33 -1.62 -4.27 -21.68
C LYS E 33 -1.60 -5.62 -20.97
N VAL E 34 -0.46 -5.99 -20.38
CA VAL E 34 -0.34 -7.27 -19.69
C VAL E 34 0.29 -7.16 -18.32
N THR E 35 -0.30 -7.83 -17.32
CA THR E 35 0.26 -7.84 -15.98
C THR E 35 0.52 -9.27 -15.48
N ALA E 36 1.79 -9.67 -15.45
CA ALA E 36 2.15 -11.02 -14.97
C ALA E 36 2.53 -10.91 -13.51
N LEU E 37 1.55 -11.01 -12.61
CA LEU E 37 1.88 -10.86 -11.20
C LEU E 37 2.51 -12.09 -10.53
N ASP E 38 3.29 -11.84 -9.49
CA ASP E 38 3.95 -12.89 -8.70
C ASP E 38 3.13 -13.01 -7.40
N LEU E 39 2.40 -14.11 -7.24
CA LEU E 39 1.60 -14.33 -6.02
C LEU E 39 2.55 -14.55 -4.84
N ALA E 40 2.05 -14.48 -3.62
CA ALA E 40 2.91 -14.69 -2.45
C ALA E 40 3.73 -16.00 -2.53
N ALA E 41 4.89 -15.99 -1.88
CA ALA E 41 5.81 -17.13 -1.86
C ALA E 41 6.08 -17.74 -3.22
N SER E 42 5.83 -16.94 -4.26
CA SER E 42 6.03 -17.33 -5.66
C SER E 42 7.00 -16.38 -6.38
N GLY E 43 7.67 -16.90 -7.41
CA GLY E 43 8.61 -16.10 -8.15
C GLY E 43 9.65 -15.48 -7.22
N THR E 44 9.81 -14.16 -7.34
CA THR E 44 10.75 -13.41 -6.54
C THR E 44 10.13 -12.82 -5.25
N ASP E 45 8.93 -13.24 -4.91
CA ASP E 45 8.26 -12.74 -3.72
C ASP E 45 9.04 -13.15 -2.50
N LEU E 46 9.41 -12.17 -1.68
CA LEU E 46 10.19 -12.40 -0.48
C LEU E 46 9.51 -13.23 0.63
N ARG E 47 8.24 -13.57 0.46
CA ARG E 47 7.55 -14.35 1.49
C ARG E 47 7.87 -15.86 1.39
N LYS E 48 7.68 -16.58 2.50
CA LYS E 48 7.91 -18.03 2.53
C LYS E 48 6.56 -18.76 2.56
N ILE E 49 6.52 -19.97 2.01
CA ILE E 49 5.31 -20.77 1.98
C ILE E 49 4.76 -21.09 3.38
N GLU E 50 5.65 -21.23 4.36
CA GLU E 50 5.24 -21.50 5.76
C GLU E 50 4.48 -20.28 6.32
N GLU E 51 4.70 -19.12 5.71
CA GLU E 51 4.08 -17.88 6.13
C GLU E 51 2.63 -17.78 5.68
N LEU E 52 2.24 -18.55 4.67
CA LEU E 52 0.88 -18.51 4.16
C LEU E 52 0.03 -19.62 4.77
N ARG E 53 -1.20 -19.29 5.16
CA ARG E 53 -2.08 -20.27 5.78
C ARG E 53 -3.41 -20.46 5.06
N THR E 54 -3.79 -19.49 4.22
CA THR E 54 -5.05 -19.58 3.48
C THR E 54 -4.84 -19.23 2.02
N LEU E 55 -5.86 -19.50 1.21
CA LEU E 55 -5.81 -19.21 -0.23
C LEU E 55 -5.75 -17.69 -0.39
N TYR E 56 -6.38 -16.99 0.54
CA TYR E 56 -6.41 -15.53 0.52
C TYR E 56 -4.97 -15.01 0.67
N ASP E 57 -4.28 -15.49 1.71
CA ASP E 57 -2.90 -15.11 2.03
C ASP E 57 -2.02 -15.27 0.80
N TYR E 58 -2.37 -16.24 -0.02
CA TYR E 58 -1.63 -16.55 -1.22
C TYR E 58 -2.07 -15.65 -2.36
N THR E 59 -3.32 -15.23 -2.30
CA THR E 59 -3.84 -14.41 -3.37
C THR E 59 -3.75 -12.90 -3.14
N LEU E 60 -3.22 -12.53 -1.97
CA LEU E 60 -3.08 -11.14 -1.61
C LEU E 60 -2.60 -10.25 -2.77
N PRO E 61 -1.40 -10.53 -3.33
CA PRO E 61 -0.92 -9.70 -4.45
C PRO E 61 -1.98 -9.48 -5.54
N LEU E 62 -2.79 -10.50 -5.80
CA LEU E 62 -3.84 -10.40 -6.80
C LEU E 62 -5.01 -9.56 -6.27
N GLU E 64 -4.70 -7.09 -4.02
CA GLU E 64 -4.18 -5.73 -3.99
C GLU E 64 -4.22 -5.09 -5.39
N LEU E 65 -3.99 -5.91 -6.41
CA LEU E 65 -4.04 -5.42 -7.79
C LEU E 65 -5.47 -5.04 -8.13
N GLU E 67 -8.11 -4.36 -6.20
CA GLU E 67 -8.57 -3.19 -5.46
C GLU E 67 -8.12 -1.85 -6.07
N SER E 68 -6.86 -1.73 -6.46
CA SER E 68 -6.36 -0.48 -7.03
C SER E 68 -7.02 -0.14 -8.38
N LEU E 69 -7.74 -1.10 -8.95
CA LEU E 69 -8.41 -0.89 -10.24
C LEU E 69 -9.65 0.00 -10.09
N SER E 70 -9.73 1.02 -10.95
CA SER E 70 -10.87 1.94 -10.90
C SER E 70 -12.14 1.30 -11.42
N ALA E 71 -13.21 2.08 -11.45
CA ALA E 71 -14.50 1.57 -11.92
C ALA E 71 -14.48 1.36 -13.42
N ASP E 72 -14.07 2.39 -14.14
CA ASP E 72 -14.00 2.31 -15.59
C ASP E 72 -12.76 1.56 -16.06
N GLU E 73 -12.14 0.80 -15.16
CA GLU E 73 -10.94 0.04 -15.51
C GLU E 73 -11.18 -1.46 -15.28
N LYS E 74 -11.73 -2.13 -16.29
CA LYS E 74 -11.99 -3.56 -16.19
C LYS E 74 -10.75 -4.31 -16.63
N VAL E 75 -10.74 -5.61 -16.39
CA VAL E 75 -9.63 -6.45 -16.77
C VAL E 75 -10.11 -7.87 -17.09
N ILE E 76 -9.31 -8.59 -17.87
CA ILE E 76 -9.62 -9.98 -18.23
C ILE E 76 -8.68 -10.84 -17.41
N LEU E 77 -9.22 -11.64 -16.49
CA LEU E 77 -8.38 -12.50 -15.67
C LEU E 77 -8.07 -13.80 -16.40
N VAL E 78 -6.80 -14.19 -16.34
CA VAL E 78 -6.36 -15.43 -16.97
C VAL E 78 -5.63 -16.26 -15.91
N GLY E 79 -6.29 -17.30 -15.41
CA GLY E 79 -5.69 -18.13 -14.39
C GLY E 79 -5.25 -19.44 -14.98
N HIS E 80 -4.11 -19.94 -14.51
CA HIS E 80 -3.62 -21.21 -15.01
C HIS E 80 -3.47 -22.18 -13.85
N SER E 81 -3.84 -23.43 -14.09
CA SER E 81 -3.72 -24.46 -13.06
C SER E 81 -4.37 -24.00 -11.75
N LEU E 82 -3.65 -24.06 -10.63
CA LEU E 82 -4.23 -23.62 -9.35
C LEU E 82 -4.60 -22.13 -9.42
N GLY E 83 -4.15 -21.46 -10.47
CA GLY E 83 -4.47 -20.05 -10.61
C GLY E 83 -5.97 -19.88 -10.74
N GLY E 84 -6.65 -20.99 -11.03
CA GLY E 84 -8.09 -20.94 -11.17
C GLY E 84 -8.74 -20.59 -9.82
N ASN E 86 -7.26 -18.86 -7.27
CA ASN E 86 -6.90 -17.48 -6.92
C ASN E 86 -7.90 -16.53 -7.59
N LEU E 87 -8.18 -16.79 -8.87
CA LEU E 87 -9.13 -15.98 -9.65
C LEU E 87 -10.48 -15.95 -8.96
N GLY E 88 -10.83 -17.07 -8.33
CA GLY E 88 -12.10 -17.17 -7.62
C GLY E 88 -12.31 -16.04 -6.65
N LEU E 89 -11.29 -15.76 -5.82
CA LEU E 89 -11.38 -14.68 -4.84
C LEU E 89 -11.57 -13.33 -5.52
N ALA E 90 -10.92 -13.17 -6.67
CA ALA E 90 -11.02 -11.92 -7.41
C ALA E 90 -12.46 -11.72 -7.90
N GLU E 92 -15.20 -13.19 -6.83
CA GLU E 92 -16.10 -13.07 -5.71
C GLU E 92 -16.06 -11.71 -5.03
N LYS E 93 -14.89 -11.06 -5.05
CA LYS E 93 -14.77 -9.75 -4.42
C LYS E 93 -14.91 -8.57 -5.39
N TYR E 94 -14.41 -8.74 -6.61
CA TYR E 94 -14.47 -7.68 -7.60
C TYR E 94 -15.09 -8.15 -8.93
N PRO E 95 -16.33 -8.68 -8.90
CA PRO E 95 -16.96 -9.17 -10.13
C PRO E 95 -17.24 -8.13 -11.20
N GLN E 96 -17.66 -6.94 -10.79
CA GLN E 96 -17.98 -5.90 -11.74
C GLN E 96 -16.75 -5.23 -12.35
N LYS E 97 -15.56 -5.72 -11.98
CA LYS E 97 -14.34 -5.14 -12.52
C LYS E 97 -13.63 -6.10 -13.46
N ILE E 98 -14.36 -7.11 -13.92
CA ILE E 98 -13.78 -8.10 -14.80
C ILE E 98 -14.68 -8.40 -16.00
N TYR E 99 -14.24 -8.08 -17.21
CA TYR E 99 -15.05 -8.37 -18.40
C TYR E 99 -15.31 -9.87 -18.50
N ALA E 100 -14.28 -10.67 -18.25
CA ALA E 100 -14.41 -12.11 -18.35
C ALA E 100 -13.24 -12.83 -17.66
N ALA E 101 -13.50 -14.05 -17.20
CA ALA E 101 -12.48 -14.85 -16.52
C ALA E 101 -12.07 -16.01 -17.39
N VAL E 102 -10.77 -16.14 -17.62
CA VAL E 102 -10.28 -17.21 -18.47
C VAL E 102 -9.53 -18.29 -17.69
N PHE E 103 -10.15 -19.45 -17.60
CA PHE E 103 -9.51 -20.55 -16.92
C PHE E 103 -8.69 -21.37 -17.90
N LEU E 104 -7.38 -21.19 -17.82
CA LEU E 104 -6.45 -21.89 -18.69
C LEU E 104 -6.06 -23.23 -18.04
N ALA E 105 -6.73 -24.30 -18.44
CA ALA E 105 -6.47 -25.63 -17.89
C ALA E 105 -6.35 -25.49 -16.39
N ALA E 106 -7.24 -24.69 -15.84
CA ALA E 106 -7.19 -24.42 -14.41
C ALA E 106 -8.23 -25.18 -13.61
N PHE E 107 -8.12 -25.02 -12.30
CA PHE E 107 -9.07 -25.61 -11.38
C PHE E 107 -10.14 -24.56 -11.25
N PRO E 109 -13.46 -23.52 -9.63
CA PRO E 109 -14.37 -23.84 -8.53
C PRO E 109 -15.84 -23.52 -8.81
N ASP E 110 -16.71 -23.76 -7.85
CA ASP E 110 -18.13 -23.48 -8.06
C ASP E 110 -18.68 -22.70 -6.89
N SER E 111 -19.97 -22.37 -6.94
CA SER E 111 -20.58 -21.62 -5.86
C SER E 111 -21.50 -22.49 -5.02
N VAL E 112 -21.81 -23.67 -5.54
CA VAL E 112 -22.69 -24.61 -4.86
C VAL E 112 -21.98 -25.32 -3.68
N HIS E 113 -20.98 -26.13 -4.02
CA HIS E 113 -20.20 -26.89 -3.04
C HIS E 113 -19.15 -26.02 -2.35
N ASN E 114 -18.37 -26.63 -1.46
CA ASN E 114 -17.32 -25.89 -0.78
C ASN E 114 -16.18 -25.67 -1.75
N SER E 115 -15.50 -24.56 -1.57
CA SER E 115 -14.41 -24.15 -2.43
C SER E 115 -13.39 -25.24 -2.74
N SER E 116 -13.29 -26.24 -1.88
CA SER E 116 -12.33 -27.33 -2.10
C SER E 116 -12.89 -28.48 -2.94
N PHE E 117 -14.15 -28.37 -3.35
CA PHE E 117 -14.82 -29.40 -4.16
C PHE E 117 -13.95 -29.93 -5.30
N VAL E 118 -13.72 -29.07 -6.30
CA VAL E 118 -12.93 -29.43 -7.48
C VAL E 118 -11.58 -30.02 -7.14
N LEU E 119 -10.95 -29.54 -6.08
CA LEU E 119 -9.64 -30.08 -5.74
C LEU E 119 -9.80 -31.51 -5.21
N GLU E 120 -10.73 -31.72 -4.28
CA GLU E 120 -10.95 -33.06 -3.74
C GLU E 120 -11.25 -34.04 -4.86
N GLN E 121 -12.15 -33.62 -5.74
CA GLN E 121 -12.55 -34.40 -6.90
C GLN E 121 -11.33 -34.72 -7.74
N TYR E 122 -10.38 -33.80 -7.78
CA TYR E 122 -9.14 -33.98 -8.53
C TYR E 122 -8.25 -35.04 -7.89
N ASN E 123 -8.19 -35.04 -6.56
CA ASN E 123 -7.37 -36.00 -5.82
C ASN E 123 -7.98 -37.40 -5.81
N GLU E 124 -9.31 -37.45 -5.84
CA GLU E 124 -10.05 -38.70 -5.81
C GLU E 124 -10.14 -39.37 -7.19
N ARG E 125 -10.16 -38.57 -8.25
CA ARG E 125 -10.23 -39.10 -9.61
C ARG E 125 -8.85 -39.31 -10.21
N THR E 126 -7.82 -38.86 -9.51
CA THR E 126 -6.44 -39.00 -9.99
C THR E 126 -5.60 -39.87 -9.07
N PRO E 127 -4.99 -40.94 -9.63
CA PRO E 127 -4.16 -41.85 -8.84
C PRO E 127 -2.93 -41.20 -8.21
N ALA E 128 -2.73 -41.47 -6.92
CA ALA E 128 -1.60 -40.91 -6.19
C ALA E 128 -0.28 -41.10 -6.93
N GLU E 129 -0.21 -42.12 -7.77
CA GLU E 129 0.97 -42.43 -8.56
C GLU E 129 1.30 -41.34 -9.59
N ASN E 130 0.27 -40.64 -10.06
CA ASN E 130 0.45 -39.59 -11.06
C ASN E 130 1.36 -38.49 -10.52
N TRP E 131 1.27 -38.23 -9.22
CA TRP E 131 2.08 -37.20 -8.56
C TRP E 131 3.58 -37.34 -8.72
N LEU E 132 4.03 -38.55 -9.04
CA LEU E 132 5.45 -38.87 -9.21
C LEU E 132 6.32 -38.51 -8.01
N ASP E 133 7.34 -37.70 -8.26
CA ASP E 133 8.25 -37.33 -7.19
C ASP E 133 7.89 -36.06 -6.46
N THR E 134 6.63 -35.67 -6.52
CA THR E 134 6.20 -34.46 -5.83
C THR E 134 6.14 -34.73 -4.33
N GLN E 135 6.57 -33.75 -3.53
CA GLN E 135 6.56 -33.91 -2.08
C GLN E 135 5.53 -33.02 -1.38
N PHE E 136 4.75 -33.67 -0.51
CA PHE E 136 3.71 -33.02 0.26
C PHE E 136 4.13 -33.05 1.71
N LEU E 137 4.62 -31.91 2.21
CA LEU E 137 5.06 -31.82 3.59
C LEU E 137 4.19 -30.94 4.50
N PRO E 138 3.95 -31.40 5.73
CA PRO E 138 3.14 -30.63 6.66
C PRO E 138 3.95 -29.56 7.37
N TYR E 139 3.40 -28.36 7.49
CA TYR E 139 4.10 -27.31 8.21
C TYR E 139 3.16 -26.72 9.24
N GLY E 140 2.23 -27.54 9.72
CA GLY E 140 1.30 -27.05 10.71
C GLY E 140 1.19 -27.99 11.89
N SER E 141 -0.02 -28.16 12.38
CA SER E 141 -0.21 -29.05 13.50
C SER E 141 -1.47 -29.84 13.20
N PRO E 142 -1.69 -30.94 13.93
CA PRO E 142 -2.86 -31.79 13.74
C PRO E 142 -4.16 -31.06 14.04
N GLU E 143 -4.05 -29.91 14.70
CA GLU E 143 -5.22 -29.11 15.03
C GLU E 143 -5.41 -28.06 13.92
N GLU E 144 -4.30 -27.51 13.46
CA GLU E 144 -4.30 -26.49 12.41
C GLU E 144 -3.27 -26.90 11.38
N PRO E 145 -3.55 -28.00 10.66
CA PRO E 145 -2.65 -28.52 9.62
C PRO E 145 -2.41 -27.62 8.42
N LEU E 146 -1.19 -27.67 7.91
CA LEU E 146 -0.79 -26.89 6.76
C LEU E 146 0.08 -27.78 5.89
N THR E 147 -0.34 -28.00 4.65
CA THR E 147 0.41 -28.85 3.76
C THR E 147 1.03 -28.07 2.63
N SER E 148 2.27 -28.40 2.32
CA SER E 148 2.95 -27.75 1.23
C SER E 148 3.20 -28.78 0.14
N PHE E 150 5.32 -29.49 -3.42
CA PHE E 150 6.48 -29.09 -4.20
C PHE E 150 6.78 -30.12 -5.31
N PHE E 151 6.54 -29.74 -6.55
CA PHE E 151 6.79 -30.60 -7.70
C PHE E 151 8.24 -31.02 -7.79
N GLY E 152 8.47 -32.25 -8.24
CA GLY E 152 9.83 -32.76 -8.40
C GLY E 152 10.25 -32.74 -9.86
N PRO E 153 11.52 -33.05 -10.17
CA PRO E 153 11.94 -33.03 -11.58
C PRO E 153 11.19 -33.98 -12.50
N LYS E 154 10.86 -35.16 -11.98
CA LYS E 154 10.16 -36.16 -12.78
C LYS E 154 8.75 -35.67 -13.10
N PHE E 155 7.98 -35.37 -12.06
CA PHE E 155 6.62 -34.92 -12.26
C PHE E 155 6.54 -33.68 -13.17
N LEU E 156 7.54 -32.83 -13.05
CA LEU E 156 7.64 -31.60 -13.81
C LEU E 156 7.85 -31.86 -15.30
N ALA E 157 8.85 -32.68 -15.61
CA ALA E 157 9.15 -32.99 -17.00
C ALA E 157 8.21 -33.97 -17.64
N HIS E 158 7.78 -34.96 -16.87
CA HIS E 158 6.88 -35.98 -17.41
C HIS E 158 5.39 -35.63 -17.33
N LYS E 159 5.00 -34.77 -16.41
CA LYS E 159 3.58 -34.44 -16.29
C LYS E 159 3.19 -33.04 -16.74
N LEU E 160 4.13 -32.10 -16.61
CA LEU E 160 3.86 -30.72 -16.97
C LEU E 160 4.54 -30.25 -18.23
N TYR E 161 5.80 -30.63 -18.44
CA TYR E 161 6.54 -30.19 -19.61
C TYR E 161 6.91 -31.26 -20.64
N GLN E 162 6.16 -32.35 -20.69
CA GLN E 162 6.47 -33.43 -21.64
C GLN E 162 6.52 -32.94 -23.06
N LEU E 163 5.85 -31.83 -23.35
CA LEU E 163 5.88 -31.32 -24.71
C LEU E 163 6.63 -29.99 -24.82
N CYS E 164 7.24 -29.55 -23.73
CA CYS E 164 7.99 -28.29 -23.77
C CYS E 164 9.43 -28.56 -24.15
N SER E 165 10.11 -27.54 -24.63
CA SER E 165 11.49 -27.71 -25.03
C SER E 165 12.33 -27.95 -23.78
N PRO E 166 13.57 -28.41 -23.94
CA PRO E 166 14.43 -28.65 -22.78
C PRO E 166 14.77 -27.33 -22.09
N GLU E 167 14.86 -26.26 -22.88
CA GLU E 167 15.18 -24.95 -22.34
C GLU E 167 14.15 -24.54 -21.28
N ASP E 168 12.87 -24.60 -21.66
CA ASP E 168 11.76 -24.24 -20.76
C ASP E 168 11.85 -25.06 -19.49
N LEU E 169 12.23 -26.32 -19.66
CA LEU E 169 12.38 -27.25 -18.54
C LEU E 169 13.50 -26.79 -17.62
N ALA E 170 14.69 -26.61 -18.19
CA ALA E 170 15.83 -26.17 -17.39
C ALA E 170 15.44 -24.92 -16.63
N LEU E 171 14.67 -24.05 -17.27
CA LEU E 171 14.24 -22.83 -16.61
C LEU E 171 13.36 -23.12 -15.39
N ALA E 172 12.41 -24.02 -15.58
CA ALA E 172 11.49 -24.38 -14.53
C ALA E 172 12.21 -24.93 -13.32
N SER E 173 12.99 -25.98 -13.51
CA SER E 173 13.67 -26.53 -12.37
C SER E 173 14.50 -25.48 -11.65
N SER E 174 14.75 -24.33 -12.25
CA SER E 174 15.53 -23.32 -11.52
C SER E 174 14.67 -22.23 -10.91
N LEU E 175 13.35 -22.28 -11.07
CA LEU E 175 12.48 -21.24 -10.50
C LEU E 175 11.37 -21.75 -9.57
N VAL E 176 10.85 -22.94 -9.86
CA VAL E 176 9.78 -23.51 -9.03
C VAL E 176 10.12 -23.41 -7.56
N ARG E 177 9.10 -23.10 -6.77
CA ARG E 177 9.21 -22.94 -5.33
C ARG E 177 8.07 -23.73 -4.74
N PRO E 178 8.21 -24.17 -3.48
CA PRO E 178 7.12 -24.95 -2.89
C PRO E 178 5.84 -24.13 -2.81
N SER E 179 4.69 -24.78 -2.97
CA SER E 179 3.40 -24.09 -2.95
C SER E 179 2.43 -24.90 -2.06
N SER E 180 1.14 -24.77 -2.28
CA SER E 180 0.14 -25.49 -1.50
C SER E 180 -1.23 -25.41 -2.16
N LEU E 181 -2.14 -26.28 -1.75
CA LEU E 181 -3.48 -26.25 -2.32
C LEU E 181 -4.48 -25.69 -1.29
N PHE E 182 -4.00 -25.42 -0.08
CA PHE E 182 -4.81 -24.88 0.99
C PHE E 182 -6.12 -25.61 1.16
N GLU E 184 -7.26 -27.58 3.63
CA GLU E 184 -7.89 -27.34 4.93
C GLU E 184 -8.70 -26.06 4.99
N ASP E 185 -8.13 -24.99 4.46
CA ASP E 185 -8.80 -23.70 4.44
C ASP E 185 -10.03 -23.71 3.53
N LEU E 186 -9.90 -24.34 2.37
CA LEU E 186 -10.99 -24.38 1.42
C LEU E 186 -12.08 -25.37 1.78
N SER E 187 -11.77 -26.30 2.68
CA SER E 187 -12.78 -27.27 3.07
C SER E 187 -13.72 -26.68 4.11
N LYS E 188 -13.25 -25.65 4.82
CA LYS E 188 -14.06 -25.03 5.86
C LYS E 188 -14.63 -23.68 5.46
N ALA E 189 -15.14 -23.55 4.24
CA ALA E 189 -15.69 -22.28 3.81
C ALA E 189 -16.31 -22.28 2.41
N LYS E 190 -17.24 -21.35 2.21
CA LYS E 190 -17.95 -21.17 0.93
C LYS E 190 -17.50 -19.80 0.41
N TYR E 191 -16.26 -19.70 -0.05
CA TYR E 191 -15.73 -18.44 -0.53
C TYR E 191 -16.35 -17.91 -1.81
N PHE E 192 -17.19 -18.71 -2.45
CA PHE E 192 -17.81 -18.26 -3.70
C PHE E 192 -19.34 -18.33 -3.67
N THR E 193 -19.99 -17.32 -4.25
CA THR E 193 -21.45 -17.32 -4.26
C THR E 193 -21.97 -17.14 -5.69
N ASP E 194 -23.24 -17.47 -5.89
CA ASP E 194 -23.83 -17.37 -7.20
C ASP E 194 -24.06 -15.91 -7.62
N GLU E 195 -24.43 -15.07 -6.67
CA GLU E 195 -24.71 -13.66 -6.96
C GLU E 195 -23.49 -12.83 -7.35
N ARG E 196 -22.32 -13.19 -6.83
CA ARG E 196 -21.11 -12.43 -7.12
C ARG E 196 -20.18 -13.13 -8.09
N PHE E 197 -19.56 -14.21 -7.63
CA PHE E 197 -18.61 -15.03 -8.40
C PHE E 197 -19.21 -15.65 -9.64
N GLY E 198 -20.44 -16.12 -9.53
CA GLY E 198 -21.06 -16.79 -10.64
C GLY E 198 -21.60 -15.88 -11.72
N SER E 199 -21.60 -14.58 -11.45
CA SER E 199 -22.12 -13.60 -12.40
C SER E 199 -21.05 -13.17 -13.40
N VAL E 200 -19.88 -13.82 -13.31
CA VAL E 200 -18.76 -13.50 -14.17
C VAL E 200 -18.67 -14.43 -15.38
N LYS E 201 -18.51 -13.82 -16.56
CA LYS E 201 -18.39 -14.60 -17.79
C LYS E 201 -17.21 -15.57 -17.66
N ARG E 202 -17.52 -16.87 -17.64
CA ARG E 202 -16.47 -17.88 -17.51
C ARG E 202 -16.09 -18.48 -18.85
N VAL E 203 -14.81 -18.45 -19.16
CA VAL E 203 -14.33 -19.06 -20.39
C VAL E 203 -13.29 -20.12 -20.01
N TYR E 204 -13.32 -21.26 -20.67
CA TYR E 204 -12.36 -22.30 -20.35
C TYR E 204 -11.55 -22.78 -21.54
N ILE E 205 -10.23 -22.64 -21.44
CA ILE E 205 -9.34 -23.11 -22.51
C ILE E 205 -8.81 -24.49 -22.12
N VAL E 206 -9.01 -25.45 -23.02
CA VAL E 206 -8.61 -26.83 -22.77
C VAL E 206 -7.28 -27.24 -23.41
N CYS E 207 -6.47 -27.93 -22.63
CA CYS E 207 -5.20 -28.44 -23.11
C CYS E 207 -5.42 -29.94 -23.16
N THR E 208 -5.43 -30.47 -24.37
CA THR E 208 -5.67 -31.90 -24.55
C THR E 208 -4.53 -32.75 -24.08
N GLU E 209 -3.31 -32.36 -24.41
CA GLU E 209 -2.18 -33.18 -23.99
C GLU E 209 -1.77 -32.93 -22.54
N ASP E 210 -2.63 -32.28 -21.76
CA ASP E 210 -2.27 -32.02 -20.36
C ASP E 210 -2.23 -33.34 -19.57
N LYS E 211 -1.16 -33.56 -18.81
CA LYS E 211 -1.02 -34.75 -18.01
C LYS E 211 -1.13 -34.43 -16.53
N GLY E 212 -0.83 -33.19 -16.15
CA GLY E 212 -0.95 -32.81 -14.76
C GLY E 212 -2.43 -32.89 -14.44
N ILE E 213 -3.23 -32.19 -15.23
CA ILE E 213 -4.70 -32.18 -15.09
C ILE E 213 -5.20 -32.79 -16.40
N PRO E 214 -5.48 -34.12 -16.38
CA PRO E 214 -5.96 -34.81 -17.58
C PRO E 214 -7.17 -34.15 -18.24
N GLU E 215 -7.20 -34.22 -19.57
CA GLU E 215 -8.30 -33.63 -20.34
C GLU E 215 -9.67 -34.03 -19.78
N GLU E 216 -9.79 -35.27 -19.31
CA GLU E 216 -11.05 -35.76 -18.76
C GLU E 216 -11.54 -34.85 -17.62
N PHE E 217 -10.67 -34.60 -16.65
CA PHE E 217 -11.06 -33.76 -15.52
C PHE E 217 -11.26 -32.32 -15.96
N GLN E 218 -10.47 -31.86 -16.92
CA GLN E 218 -10.66 -30.50 -17.37
C GLN E 218 -12.10 -30.35 -17.83
N ARG E 219 -12.56 -31.29 -18.65
CA ARG E 219 -13.94 -31.25 -19.15
C ARG E 219 -14.97 -31.47 -18.02
N TRP E 220 -14.56 -32.20 -16.99
CA TRP E 220 -15.45 -32.46 -15.86
C TRP E 220 -15.81 -31.13 -15.19
N GLN E 221 -14.80 -30.30 -14.93
CA GLN E 221 -15.06 -29.01 -14.29
C GLN E 221 -16.01 -28.19 -15.17
N ILE E 222 -15.78 -28.18 -16.48
CA ILE E 222 -16.64 -27.44 -17.42
C ILE E 222 -18.11 -27.81 -17.23
N ASP E 223 -18.41 -29.11 -17.32
CA ASP E 223 -19.75 -29.64 -17.17
C ASP E 223 -20.26 -29.52 -15.74
N ASN E 224 -19.37 -29.30 -14.77
CA ASN E 224 -19.79 -29.20 -13.37
C ASN E 224 -20.30 -27.81 -13.04
N ILE E 225 -19.73 -26.79 -13.67
CA ILE E 225 -20.14 -25.41 -13.46
C ILE E 225 -20.73 -24.79 -14.72
N GLY E 226 -20.16 -25.11 -15.87
CA GLY E 226 -20.64 -24.56 -17.14
C GLY E 226 -19.85 -23.32 -17.54
N VAL E 227 -19.78 -23.02 -18.83
CA VAL E 227 -19.05 -21.84 -19.29
C VAL E 227 -19.70 -21.17 -20.47
N THR E 228 -19.42 -19.87 -20.65
CA THR E 228 -19.96 -19.09 -21.75
C THR E 228 -19.24 -19.52 -23.03
N GLU E 229 -18.00 -20.00 -22.86
CA GLU E 229 -17.18 -20.47 -23.95
C GLU E 229 -16.15 -21.49 -23.50
N ALA E 230 -16.00 -22.55 -24.28
CA ALA E 230 -15.04 -23.60 -23.97
C ALA E 230 -14.10 -23.73 -25.15
N ILE E 231 -12.95 -23.07 -25.04
CA ILE E 231 -11.94 -23.10 -26.11
C ILE E 231 -11.03 -24.30 -25.87
N GLU E 232 -10.44 -24.79 -26.95
CA GLU E 232 -9.54 -25.92 -26.86
C GLU E 232 -8.27 -25.73 -27.69
N ILE E 233 -7.11 -25.92 -27.06
CA ILE E 233 -5.84 -25.82 -27.76
C ILE E 233 -5.33 -27.26 -27.85
N LYS E 234 -5.47 -27.83 -29.04
CA LYS E 234 -5.04 -29.20 -29.29
C LYS E 234 -3.54 -29.28 -29.48
N GLY E 235 -2.93 -30.30 -28.87
CA GLY E 235 -1.49 -30.50 -29.00
C GLY E 235 -0.68 -29.90 -27.88
N ALA E 236 -1.34 -29.11 -27.03
CA ALA E 236 -0.67 -28.44 -25.93
C ALA E 236 -0.71 -29.22 -24.61
N ASP E 237 0.40 -29.23 -23.89
CA ASP E 237 0.46 -29.91 -22.59
C ASP E 237 0.05 -28.89 -21.52
N HIS E 238 0.28 -29.22 -20.25
CA HIS E 238 -0.08 -28.33 -19.15
C HIS E 238 0.41 -26.90 -19.33
N ALA E 240 0.79 -24.58 -21.54
CA ALA E 240 0.44 -24.06 -22.85
C ALA E 240 1.08 -22.71 -23.17
N LEU E 242 4.08 -21.89 -22.78
CA LEU E 242 5.49 -22.10 -23.14
C LEU E 242 5.62 -22.90 -24.43
N CYS E 243 4.79 -23.93 -24.58
CA CYS E 243 4.81 -24.80 -25.75
C CYS E 243 3.91 -24.40 -26.92
N GLU E 244 2.84 -23.69 -26.62
CA GLU E 244 1.86 -23.24 -27.61
C GLU E 244 1.50 -21.78 -27.38
N PRO E 245 2.52 -20.92 -27.21
CA PRO E 245 2.22 -19.51 -26.98
C PRO E 245 1.42 -18.83 -28.09
N GLN E 246 1.78 -19.09 -29.33
CA GLN E 246 1.07 -18.47 -30.43
C GLN E 246 -0.42 -18.79 -30.43
N LYS E 247 -0.79 -20.05 -30.20
CA LYS E 247 -2.20 -20.41 -30.17
C LYS E 247 -2.92 -19.83 -28.96
N LEU E 248 -2.27 -19.89 -27.79
CA LEU E 248 -2.86 -19.37 -26.56
C LEU E 248 -3.17 -17.89 -26.75
N CYS E 249 -2.20 -17.18 -27.32
CA CYS E 249 -2.35 -15.74 -27.58
C CYS E 249 -3.56 -15.47 -28.46
N ALA E 250 -3.68 -16.22 -29.55
CA ALA E 250 -4.78 -16.09 -30.50
C ALA E 250 -6.10 -16.34 -29.78
N SER E 251 -6.14 -17.38 -28.95
CA SER E 251 -7.35 -17.69 -28.22
C SER E 251 -7.71 -16.47 -27.37
N LEU E 252 -6.75 -15.93 -26.61
CA LEU E 252 -7.04 -14.76 -25.78
C LEU E 252 -7.54 -13.56 -26.60
N LEU E 253 -6.94 -13.32 -27.77
CA LEU E 253 -7.36 -12.20 -28.60
C LEU E 253 -8.76 -12.45 -29.15
N GLU E 254 -9.23 -13.68 -29.02
CA GLU E 254 -10.57 -14.03 -29.50
C GLU E 254 -11.57 -13.70 -28.41
N ILE E 255 -11.19 -13.97 -27.17
CA ILE E 255 -12.05 -13.71 -26.03
C ILE E 255 -12.14 -12.22 -25.79
N ALA E 256 -11.06 -11.53 -26.14
CA ALA E 256 -10.96 -10.08 -25.96
C ALA E 256 -11.78 -9.27 -26.97
N HIS E 257 -12.94 -9.80 -27.35
CA HIS E 257 -13.84 -9.11 -28.27
C HIS E 257 -15.13 -9.92 -28.51
N LYS E 258 -15.01 -11.24 -28.37
CA LYS E 258 -16.14 -12.15 -28.56
C LYS E 258 -17.25 -11.88 -27.55
N TYR E 259 -16.90 -11.97 -26.27
CA TYR E 259 -17.86 -11.73 -25.20
C TYR E 259 -18.98 -12.79 -25.17
N GLU F 3 34.34 -38.69 -20.71
CA GLU F 3 35.12 -37.44 -20.50
C GLU F 3 34.20 -36.21 -20.35
N GLY F 4 33.52 -36.12 -19.22
CA GLY F 4 32.62 -35.01 -18.96
C GLY F 4 33.15 -34.08 -17.88
N LYS F 5 33.18 -32.78 -18.18
CA LYS F 5 33.66 -31.77 -17.25
C LYS F 5 32.48 -31.11 -16.54
N HIS F 6 32.67 -30.68 -15.30
CA HIS F 6 31.59 -30.04 -14.55
C HIS F 6 31.60 -28.53 -14.69
N PHE F 7 30.55 -27.98 -15.30
CA PHE F 7 30.43 -26.54 -15.49
C PHE F 7 29.71 -25.78 -14.39
N VAL F 8 30.43 -24.91 -13.70
CA VAL F 8 29.83 -24.09 -12.66
C VAL F 8 29.53 -22.70 -13.23
N LEU F 9 28.25 -22.45 -13.46
CA LEU F 9 27.78 -21.18 -14.02
C LEU F 9 27.45 -20.18 -12.93
N VAL F 10 28.08 -19.01 -13.00
CA VAL F 10 27.87 -17.96 -12.02
C VAL F 10 27.31 -16.73 -12.71
N HIS F 11 26.07 -16.38 -12.35
CA HIS F 11 25.33 -15.25 -12.92
C HIS F 11 25.86 -13.89 -12.44
N GLY F 12 25.44 -12.84 -13.14
CA GLY F 12 25.87 -11.49 -12.82
C GLY F 12 24.97 -10.74 -11.84
N ALA F 13 25.17 -9.44 -11.73
CA ALA F 13 24.36 -8.66 -10.82
C ALA F 13 22.88 -8.54 -11.23
N CYS F 14 22.02 -8.73 -10.25
CA CYS F 14 20.55 -8.65 -10.38
C CYS F 14 19.89 -9.88 -10.99
N HIS F 15 20.68 -10.73 -11.63
CA HIS F 15 20.12 -11.91 -12.26
C HIS F 15 20.18 -13.11 -11.35
N GLY F 16 20.01 -14.30 -11.92
CA GLY F 16 20.07 -15.50 -11.13
C GLY F 16 20.44 -16.74 -11.93
N GLY F 17 20.29 -17.89 -11.33
CA GLY F 17 20.60 -19.11 -12.04
C GLY F 17 19.71 -19.30 -13.25
N TRP F 18 18.48 -18.80 -13.19
CA TRP F 18 17.58 -18.97 -14.32
C TRP F 18 18.20 -18.47 -15.62
N SER F 19 19.05 -17.46 -15.51
CA SER F 19 19.72 -16.85 -16.67
C SER F 19 20.38 -17.82 -17.64
N TRP F 20 20.84 -18.97 -17.13
CA TRP F 20 21.52 -19.95 -17.97
C TRP F 20 20.59 -21.01 -18.53
N TYR F 21 19.29 -20.74 -18.47
CA TYR F 21 18.25 -21.69 -18.93
C TYR F 21 18.34 -22.07 -20.42
N LYS F 22 19.13 -21.34 -21.19
CA LYS F 22 19.28 -21.67 -22.59
C LYS F 22 20.59 -22.41 -22.82
N LEU F 23 21.60 -22.08 -22.03
CA LEU F 23 22.91 -22.71 -22.20
C LEU F 23 22.97 -24.08 -21.54
N LYS F 24 22.49 -24.16 -20.31
CA LYS F 24 22.51 -25.38 -19.54
C LYS F 24 22.23 -26.67 -20.31
N PRO F 25 21.10 -26.75 -21.05
CA PRO F 25 20.68 -27.91 -21.86
C PRO F 25 21.65 -28.26 -22.98
N LEU F 26 22.35 -27.24 -23.46
CA LEU F 26 23.31 -27.41 -24.54
C LEU F 26 24.61 -28.06 -24.02
N LEU F 27 25.04 -27.69 -22.81
CA LEU F 27 26.25 -28.24 -22.23
C LEU F 27 26.00 -29.68 -21.85
N GLU F 28 24.81 -29.95 -21.32
CA GLU F 28 24.44 -31.29 -20.92
C GLU F 28 24.35 -32.23 -22.11
N ALA F 29 23.93 -31.70 -23.26
CA ALA F 29 23.83 -32.54 -24.44
C ALA F 29 25.20 -33.05 -24.84
N ALA F 30 26.25 -32.36 -24.42
CA ALA F 30 27.60 -32.79 -24.77
C ALA F 30 28.12 -33.79 -23.72
N GLY F 31 27.32 -34.02 -22.69
CA GLY F 31 27.67 -34.97 -21.64
C GLY F 31 28.37 -34.33 -20.48
N HIS F 32 28.03 -33.07 -20.21
CA HIS F 32 28.64 -32.35 -19.12
C HIS F 32 27.66 -32.02 -18.01
N LYS F 33 28.18 -31.87 -16.79
CA LYS F 33 27.36 -31.53 -15.66
C LYS F 33 27.45 -30.03 -15.54
N VAL F 34 26.33 -29.42 -15.17
CA VAL F 34 26.22 -27.98 -15.02
C VAL F 34 25.57 -27.63 -13.69
N THR F 35 25.89 -26.45 -13.18
CA THR F 35 25.30 -25.97 -11.95
C THR F 35 25.09 -24.47 -12.11
N ALA F 36 23.84 -24.05 -12.31
CA ALA F 36 23.54 -22.63 -12.45
C ALA F 36 23.09 -22.11 -11.08
N LEU F 37 24.00 -22.19 -10.10
CA LEU F 37 23.68 -21.75 -8.74
C LEU F 37 23.07 -20.34 -8.60
N ASP F 38 22.37 -20.12 -7.49
CA ASP F 38 21.78 -18.81 -7.19
C ASP F 38 22.67 -18.26 -6.11
N LEU F 39 23.25 -17.09 -6.37
CA LEU F 39 24.11 -16.43 -5.40
C LEU F 39 23.23 -15.87 -4.30
N ALA F 40 23.81 -15.50 -3.16
CA ALA F 40 23.02 -14.95 -2.06
C ALA F 40 22.02 -13.93 -2.55
N ALA F 41 20.90 -13.82 -1.84
CA ALA F 41 19.83 -12.88 -2.17
C ALA F 41 19.56 -12.76 -3.66
N SER F 42 19.78 -13.83 -4.40
CA SER F 42 19.55 -13.79 -5.84
C SER F 42 18.65 -14.95 -6.27
N GLY F 43 18.17 -14.93 -7.51
CA GLY F 43 17.28 -15.99 -7.98
C GLY F 43 16.17 -16.22 -6.98
N THR F 44 15.79 -17.47 -6.75
CA THR F 44 14.72 -17.74 -5.80
C THR F 44 15.19 -17.79 -4.35
N ASP F 45 16.47 -17.47 -4.13
CA ASP F 45 17.06 -17.47 -2.78
C ASP F 45 16.27 -16.50 -1.90
N LEU F 46 15.82 -16.98 -0.74
CA LEU F 46 15.03 -16.18 0.19
C LEU F 46 15.76 -15.12 1.00
N ARG F 47 17.06 -14.98 0.81
CA ARG F 47 17.81 -13.95 1.54
C ARG F 47 17.62 -12.58 0.91
N LYS F 48 17.57 -11.55 1.75
CA LYS F 48 17.40 -10.18 1.27
C LYS F 48 18.77 -9.58 1.06
N ILE F 49 18.85 -8.64 0.13
CA ILE F 49 20.11 -7.97 -0.19
C ILE F 49 20.68 -7.20 1.01
N GLU F 50 19.79 -6.77 1.90
CA GLU F 50 20.19 -6.04 3.09
C GLU F 50 21.07 -6.90 3.99
N GLU F 51 20.87 -8.21 3.91
CA GLU F 51 21.64 -9.16 4.71
C GLU F 51 23.07 -9.33 4.19
N LEU F 52 23.36 -8.79 3.01
CA LEU F 52 24.69 -8.92 2.44
C LEU F 52 25.49 -7.66 2.68
N ARG F 53 26.58 -7.76 3.43
CA ARG F 53 27.39 -6.58 3.69
C ARG F 53 28.69 -6.64 2.88
N THR F 54 29.29 -7.82 2.81
CA THR F 54 30.56 -7.99 2.10
C THR F 54 30.43 -8.86 0.86
N LEU F 55 31.37 -8.69 -0.08
CA LEU F 55 31.33 -9.48 -1.29
C LEU F 55 31.22 -10.97 -0.93
N TYR F 56 31.88 -11.38 0.15
CA TYR F 56 31.86 -12.76 0.61
C TYR F 56 30.41 -13.22 0.89
N ASP F 57 29.64 -12.38 1.58
CA ASP F 57 28.24 -12.71 1.89
C ASP F 57 27.49 -13.08 0.60
N TYR F 58 27.77 -12.35 -0.47
CA TYR F 58 27.13 -12.57 -1.77
C TYR F 58 27.67 -13.82 -2.47
N THR F 59 28.92 -14.16 -2.18
CA THR F 59 29.52 -15.33 -2.79
C THR F 59 29.38 -16.59 -1.94
N LEU F 60 28.73 -16.46 -0.79
CA LEU F 60 28.55 -17.58 0.10
C LEU F 60 28.18 -18.88 -0.61
N PRO F 61 27.09 -18.87 -1.40
CA PRO F 61 26.68 -20.09 -2.12
C PRO F 61 27.78 -20.77 -2.94
N LEU F 62 28.43 -20.01 -3.82
CA LEU F 62 29.52 -20.53 -4.65
C LEU F 62 30.64 -21.11 -3.79
N GLU F 64 30.42 -22.42 -0.91
CA GLU F 64 29.96 -23.69 -0.33
C GLU F 64 30.04 -24.85 -1.32
N LEU F 65 29.67 -24.60 -2.58
CA LEU F 65 29.73 -25.63 -3.62
C LEU F 65 31.19 -26.03 -3.85
N GLU F 67 33.52 -25.82 -1.76
CA GLU F 67 33.95 -26.48 -0.54
C GLU F 67 33.47 -27.94 -0.52
N SER F 68 32.43 -28.25 -1.29
CA SER F 68 31.89 -29.61 -1.35
C SER F 68 32.47 -30.45 -2.49
N LEU F 69 33.31 -29.84 -3.34
CA LEU F 69 33.89 -30.58 -4.45
C LEU F 69 34.85 -31.65 -3.94
N SER F 70 34.94 -32.74 -4.69
CA SER F 70 35.80 -33.85 -4.33
C SER F 70 37.26 -33.59 -4.72
N ALA F 71 38.13 -34.47 -4.24
CA ALA F 71 39.56 -34.38 -4.52
C ALA F 71 39.88 -34.58 -6.02
N ASP F 72 39.13 -35.44 -6.70
CA ASP F 72 39.35 -35.69 -8.13
C ASP F 72 38.18 -35.16 -8.97
N GLU F 73 37.66 -34.00 -8.59
CA GLU F 73 36.54 -33.41 -9.30
C GLU F 73 36.76 -31.93 -9.59
N LYS F 74 37.36 -31.60 -10.72
CA LYS F 74 37.60 -30.21 -11.08
C LYS F 74 36.43 -29.65 -11.87
N VAL F 75 36.37 -28.33 -11.94
CA VAL F 75 35.28 -27.70 -12.64
C VAL F 75 35.75 -26.57 -13.52
N ILE F 76 34.81 -25.98 -14.25
CA ILE F 76 35.10 -24.87 -15.14
C ILE F 76 34.25 -23.70 -14.70
N LEU F 77 34.88 -22.68 -14.14
CA LEU F 77 34.15 -21.50 -13.69
C LEU F 77 33.83 -20.55 -14.85
N VAL F 78 32.59 -20.06 -14.87
CA VAL F 78 32.12 -19.13 -15.90
C VAL F 78 31.32 -18.06 -15.18
N GLY F 79 31.86 -16.84 -15.12
CA GLY F 79 31.16 -15.76 -14.47
C GLY F 79 30.70 -14.69 -15.44
N HIS F 80 29.47 -14.22 -15.25
CA HIS F 80 28.93 -13.19 -16.13
C HIS F 80 28.82 -11.85 -15.40
N SER F 81 29.24 -10.80 -16.11
CA SER F 81 29.24 -9.44 -15.62
C SER F 81 29.86 -9.35 -14.22
N LEU F 82 29.02 -9.16 -13.20
CA LEU F 82 29.54 -9.07 -11.85
C LEU F 82 30.10 -10.42 -11.37
N GLY F 83 29.63 -11.51 -11.99
CA GLY F 83 30.12 -12.82 -11.60
C GLY F 83 31.63 -12.94 -11.63
N GLY F 84 32.28 -12.10 -12.42
CA GLY F 84 33.73 -12.15 -12.48
C GLY F 84 34.32 -11.97 -11.11
N ASN F 86 32.91 -12.75 -8.33
CA ASN F 86 32.59 -13.92 -7.53
C ASN F 86 33.65 -15.00 -7.76
N LEU F 87 34.06 -15.15 -9.01
CA LEU F 87 35.09 -16.13 -9.37
C LEU F 87 36.38 -15.82 -8.63
N GLY F 88 36.68 -14.54 -8.53
CA GLY F 88 37.88 -14.10 -7.86
C GLY F 88 38.01 -14.67 -6.47
N LEU F 89 37.06 -14.33 -5.60
CA LEU F 89 37.09 -14.81 -4.24
C LEU F 89 37.29 -16.32 -4.23
N ALA F 90 36.63 -17.02 -5.15
CA ALA F 90 36.74 -18.47 -5.26
C ALA F 90 38.11 -18.95 -5.71
N GLU F 92 40.80 -17.69 -5.22
CA GLU F 92 41.80 -17.47 -4.18
C GLU F 92 41.74 -18.56 -3.12
N LYS F 93 40.60 -19.25 -3.01
CA LYS F 93 40.43 -20.29 -2.01
C LYS F 93 40.65 -21.71 -2.54
N TYR F 94 40.26 -21.98 -3.77
CA TYR F 94 40.40 -23.33 -4.31
C TYR F 94 41.02 -23.33 -5.71
N PRO F 95 42.12 -22.59 -5.90
CA PRO F 95 42.80 -22.51 -7.20
C PRO F 95 43.16 -23.84 -7.84
N GLN F 96 43.25 -24.88 -7.03
CA GLN F 96 43.61 -26.21 -7.51
C GLN F 96 42.41 -27.06 -7.93
N LYS F 97 41.21 -26.49 -7.83
CA LYS F 97 39.98 -27.22 -8.18
C LYS F 97 39.33 -26.62 -9.43
N ILE F 98 40.05 -25.71 -10.08
CA ILE F 98 39.55 -25.01 -11.26
C ILE F 98 40.41 -25.17 -12.52
N TYR F 99 39.91 -25.94 -13.48
CA TYR F 99 40.62 -26.17 -14.72
C TYR F 99 40.88 -24.88 -15.48
N ALA F 100 39.97 -23.93 -15.31
CA ALA F 100 40.06 -22.63 -15.95
C ALA F 100 38.86 -21.79 -15.56
N ALA F 101 39.08 -20.49 -15.43
CA ALA F 101 38.03 -19.54 -15.07
C ALA F 101 37.72 -18.75 -16.33
N VAL F 102 36.45 -18.70 -16.70
CA VAL F 102 36.02 -17.99 -17.89
C VAL F 102 35.22 -16.75 -17.50
N PHE F 103 35.67 -15.60 -18.01
CA PHE F 103 35.05 -14.31 -17.76
C PHE F 103 34.28 -13.87 -19.02
N LEU F 104 32.99 -14.18 -19.07
CA LEU F 104 32.14 -13.80 -20.20
C LEU F 104 31.61 -12.41 -19.92
N ALA F 105 32.07 -11.44 -20.72
CA ALA F 105 31.65 -10.05 -20.58
C ALA F 105 31.55 -9.66 -19.13
N ALA F 106 32.48 -10.12 -18.31
CA ALA F 106 32.39 -9.81 -16.90
C ALA F 106 33.49 -8.88 -16.39
N PHE F 107 33.45 -8.67 -15.07
CA PHE F 107 34.46 -7.86 -14.43
C PHE F 107 35.52 -8.84 -14.00
N PRO F 109 38.92 -9.13 -12.17
CA PRO F 109 39.86 -8.47 -11.26
C PRO F 109 41.29 -9.01 -11.40
N ASP F 110 42.24 -8.35 -10.72
CA ASP F 110 43.65 -8.76 -10.80
C ASP F 110 44.26 -9.06 -9.43
N SER F 111 45.58 -9.28 -9.39
CA SER F 111 46.25 -9.57 -8.14
C SER F 111 47.09 -8.40 -7.67
N VAL F 112 47.40 -7.51 -8.60
CA VAL F 112 48.23 -6.36 -8.25
C VAL F 112 47.40 -5.24 -7.61
N HIS F 113 46.53 -4.62 -8.42
CA HIS F 113 45.68 -3.52 -7.95
C HIS F 113 44.66 -4.03 -6.91
N ASN F 114 44.01 -3.12 -6.19
CA ASN F 114 43.00 -3.56 -5.22
C ASN F 114 41.83 -4.22 -5.97
N SER F 115 40.98 -4.95 -5.26
CA SER F 115 39.86 -5.65 -5.89
C SER F 115 38.85 -4.74 -6.57
N SER F 116 38.71 -3.51 -6.08
CA SER F 116 37.77 -2.54 -6.63
C SER F 116 38.27 -1.88 -7.92
N PHE F 117 39.55 -2.05 -8.21
CA PHE F 117 40.18 -1.47 -9.39
C PHE F 117 39.30 -1.59 -10.64
N VAL F 118 39.02 -2.82 -11.08
CA VAL F 118 38.22 -3.03 -12.27
C VAL F 118 36.97 -2.17 -12.33
N LEU F 119 36.15 -2.21 -11.29
CA LEU F 119 34.92 -1.44 -11.24
C LEU F 119 35.22 0.05 -11.19
N GLU F 120 36.16 0.42 -10.33
CA GLU F 120 36.55 1.81 -10.19
C GLU F 120 36.91 2.40 -11.55
N GLN F 121 37.61 1.61 -12.36
CA GLN F 121 37.99 2.04 -13.70
C GLN F 121 36.75 2.14 -14.58
N TYR F 122 35.86 1.15 -14.46
CA TYR F 122 34.63 1.11 -15.24
C TYR F 122 33.88 2.43 -15.12
N ASN F 123 33.86 2.96 -13.91
CA ASN F 123 33.21 4.23 -13.61
C ASN F 123 33.76 5.38 -14.41
N GLU F 124 35.06 5.62 -14.28
CA GLU F 124 35.73 6.72 -14.96
C GLU F 124 35.53 6.68 -16.48
N ARG F 125 35.08 5.54 -16.99
CA ARG F 125 34.85 5.40 -18.43
C ARG F 125 33.36 5.23 -18.74
N THR F 126 32.50 5.70 -17.83
CA THR F 126 31.07 5.60 -18.03
C THR F 126 30.33 6.74 -17.32
N PRO F 127 29.54 7.53 -18.07
CA PRO F 127 28.78 8.65 -17.50
C PRO F 127 27.63 8.18 -16.61
N ALA F 128 27.19 9.04 -15.70
CA ALA F 128 26.10 8.66 -14.81
C ALA F 128 24.78 8.46 -15.56
N GLU F 129 24.62 9.17 -16.68
CA GLU F 129 23.39 9.07 -17.48
C GLU F 129 23.36 7.80 -18.32
N ASN F 130 24.35 6.94 -18.09
CA ASN F 130 24.44 5.69 -18.82
C ASN F 130 23.63 4.62 -18.07
N TRP F 131 23.47 4.80 -16.77
CA TRP F 131 22.72 3.84 -15.96
C TRP F 131 21.20 3.96 -16.12
N LEU F 132 20.79 4.79 -17.07
CA LEU F 132 19.38 5.05 -17.36
C LEU F 132 18.52 5.06 -16.10
N ASP F 133 17.50 4.22 -16.04
CA ASP F 133 16.62 4.22 -14.87
C ASP F 133 17.07 3.32 -13.73
N THR F 134 18.32 2.88 -13.75
CA THR F 134 18.82 2.02 -12.69
C THR F 134 18.81 2.78 -11.36
N GLN F 135 18.46 2.07 -10.30
CA GLN F 135 18.36 2.64 -8.96
C GLN F 135 19.54 2.26 -8.07
N PHE F 136 20.00 3.24 -7.29
CA PHE F 136 21.11 3.04 -6.38
C PHE F 136 20.71 3.55 -4.98
N LEU F 137 20.19 2.65 -4.14
CA LEU F 137 19.77 3.02 -2.79
C LEU F 137 20.74 2.50 -1.72
N PRO F 138 20.98 3.31 -0.68
CA PRO F 138 21.88 2.91 0.42
C PRO F 138 21.07 2.15 1.46
N TYR F 139 21.74 1.28 2.21
CA TYR F 139 21.06 0.51 3.24
C TYR F 139 22.00 0.28 4.41
N GLY F 140 23.06 1.07 4.44
CA GLY F 140 24.04 0.96 5.51
C GLY F 140 23.92 2.08 6.52
N SER F 141 25.00 2.81 6.70
CA SER F 141 25.03 3.92 7.64
C SER F 141 26.33 4.68 7.46
N PRO F 142 26.46 5.86 8.10
CA PRO F 142 27.68 6.64 7.96
C PRO F 142 28.92 5.89 8.48
N GLU F 143 28.70 4.79 9.19
CA GLU F 143 29.80 3.99 9.72
C GLU F 143 30.04 2.76 8.86
N GLU F 144 28.97 2.29 8.22
CA GLU F 144 29.01 1.12 7.35
C GLU F 144 28.09 1.40 6.16
N PRO F 145 28.49 2.36 5.29
CA PRO F 145 27.69 2.71 4.12
C PRO F 145 27.62 1.56 3.11
N LEU F 146 26.40 1.09 2.83
CA LEU F 146 26.20 0.00 1.88
C LEU F 146 25.27 0.50 0.77
N THR F 147 25.54 0.10 -0.47
CA THR F 147 24.71 0.55 -1.58
C THR F 147 24.15 -0.59 -2.40
N SER F 148 22.86 -0.51 -2.73
CA SER F 148 22.19 -1.55 -3.51
C SER F 148 21.95 -1.03 -4.92
N PHE F 150 19.76 -1.71 -8.60
CA PHE F 150 18.60 -2.37 -9.21
C PHE F 150 18.35 -1.87 -10.62
N PHE F 151 18.53 -2.76 -11.59
CA PHE F 151 18.29 -2.43 -12.98
C PHE F 151 16.82 -2.14 -13.24
N GLY F 152 16.58 -1.11 -14.05
CA GLY F 152 15.23 -0.73 -14.40
C GLY F 152 14.94 -1.19 -15.82
N PRO F 153 13.65 -1.27 -16.19
CA PRO F 153 13.25 -1.72 -17.52
C PRO F 153 13.92 -0.94 -18.64
N LYS F 154 14.10 0.36 -18.43
CA LYS F 154 14.71 1.17 -19.45
C LYS F 154 16.15 0.73 -19.66
N PHE F 155 16.90 0.59 -18.58
CA PHE F 155 18.30 0.17 -18.67
C PHE F 155 18.46 -1.28 -19.11
N LEU F 156 17.56 -2.14 -18.65
CA LEU F 156 17.60 -3.55 -18.96
C LEU F 156 17.52 -3.84 -20.45
N ALA F 157 16.58 -3.20 -21.13
CA ALA F 157 16.40 -3.41 -22.57
C ALA F 157 17.35 -2.61 -23.44
N HIS F 158 17.68 -1.41 -23.00
CA HIS F 158 18.57 -0.58 -23.80
C HIS F 158 20.05 -0.89 -23.63
N LYS F 159 20.46 -1.32 -22.44
CA LYS F 159 21.86 -1.60 -22.22
C LYS F 159 22.22 -3.06 -22.12
N LEU F 160 21.26 -3.91 -21.79
CA LEU F 160 21.60 -5.29 -21.61
C LEU F 160 21.01 -6.23 -22.65
N TYR F 161 19.72 -6.06 -22.96
CA TYR F 161 19.03 -6.93 -23.92
C TYR F 161 18.72 -6.25 -25.27
N GLN F 162 19.39 -5.14 -25.57
CA GLN F 162 19.07 -4.45 -26.82
C GLN F 162 19.02 -5.41 -28.01
N LEU F 163 19.79 -6.49 -27.92
CA LEU F 163 19.84 -7.48 -29.00
C LEU F 163 19.10 -8.77 -28.64
N CYS F 164 18.59 -8.88 -27.43
CA CYS F 164 17.87 -10.11 -27.07
C CYS F 164 16.42 -10.10 -27.56
N SER F 165 15.63 -11.11 -27.23
CA SER F 165 14.25 -11.16 -27.68
C SER F 165 13.31 -10.50 -26.70
N PRO F 166 12.14 -10.06 -27.18
CA PRO F 166 11.16 -9.43 -26.29
C PRO F 166 10.75 -10.39 -25.16
N GLU F 167 10.65 -11.67 -25.51
CA GLU F 167 10.32 -12.68 -24.53
C GLU F 167 11.41 -12.68 -23.46
N ASP F 168 12.68 -12.80 -23.86
CA ASP F 168 13.80 -12.81 -22.90
C ASP F 168 13.86 -11.55 -22.04
N LEU F 169 13.36 -10.45 -22.59
CA LEU F 169 13.31 -9.20 -21.88
C LEU F 169 12.21 -9.32 -20.80
N ALA F 170 11.05 -9.83 -21.19
CA ALA F 170 9.96 -9.96 -20.22
C ALA F 170 10.35 -10.87 -19.07
N LEU F 171 11.24 -11.82 -19.35
CA LEU F 171 11.69 -12.76 -18.33
C LEU F 171 12.54 -12.08 -17.28
N ALA F 172 13.45 -11.23 -17.74
CA ALA F 172 14.33 -10.53 -16.82
C ALA F 172 13.53 -9.57 -15.95
N SER F 173 12.58 -8.89 -16.57
CA SER F 173 11.74 -7.94 -15.86
C SER F 173 11.11 -8.58 -14.64
N SER F 174 10.50 -9.74 -14.85
CA SER F 174 9.83 -10.41 -13.73
C SER F 174 10.74 -11.25 -12.86
N LEU F 175 12.06 -11.16 -13.06
CA LEU F 175 12.96 -11.95 -12.23
C LEU F 175 14.08 -11.17 -11.57
N VAL F 176 14.68 -10.19 -12.25
CA VAL F 176 15.78 -9.45 -11.62
C VAL F 176 15.46 -8.90 -10.23
N ARG F 177 16.40 -9.08 -9.32
CA ARG F 177 16.23 -8.57 -7.97
C ARG F 177 17.29 -7.53 -7.71
N PRO F 178 17.10 -6.69 -6.69
CA PRO F 178 18.18 -5.72 -6.51
C PRO F 178 19.47 -6.41 -6.05
N SER F 179 20.62 -5.82 -6.40
CA SER F 179 21.93 -6.35 -6.04
C SER F 179 22.88 -5.27 -5.51
N SER F 180 24.19 -5.54 -5.54
CA SER F 180 25.22 -4.61 -5.08
C SER F 180 26.61 -4.90 -5.66
N LEU F 181 27.31 -3.84 -6.05
CA LEU F 181 28.66 -3.98 -6.58
C LEU F 181 29.63 -4.16 -5.42
N PHE F 182 29.14 -3.93 -4.20
CA PHE F 182 29.95 -4.05 -3.01
C PHE F 182 31.29 -3.32 -3.17
N GLU F 184 32.22 -0.48 -1.57
CA GLU F 184 32.71 -0.04 -0.26
C GLU F 184 33.48 -1.14 0.47
N ASP F 185 33.48 -2.33 -0.12
CA ASP F 185 34.16 -3.48 0.48
C ASP F 185 35.36 -3.98 -0.32
N LEU F 186 35.33 -3.73 -1.63
CA LEU F 186 36.40 -4.14 -2.54
C LEU F 186 37.53 -3.11 -2.69
N SER F 187 37.25 -1.85 -2.39
CA SER F 187 38.25 -0.79 -2.49
C SER F 187 39.16 -0.79 -1.28
N LYS F 188 38.64 -1.28 -0.15
CA LYS F 188 39.40 -1.31 1.09
C LYS F 188 40.03 -2.66 1.38
N ALA F 189 40.71 -3.22 0.39
CA ALA F 189 41.39 -4.52 0.51
C ALA F 189 41.88 -5.06 -0.82
N LYS F 190 42.65 -6.14 -0.75
CA LYS F 190 43.20 -6.85 -1.91
C LYS F 190 43.13 -8.35 -1.61
N TYR F 191 41.97 -8.95 -1.92
CA TYR F 191 41.73 -10.37 -1.66
C TYR F 191 42.41 -11.34 -2.62
N PHE F 192 42.87 -10.84 -3.75
CA PHE F 192 43.51 -11.71 -4.73
C PHE F 192 45.02 -11.60 -4.76
N THR F 193 45.69 -12.75 -4.64
CA THR F 193 47.16 -12.83 -4.63
C THR F 193 47.70 -13.66 -5.80
N ASP F 194 48.92 -13.34 -6.23
CA ASP F 194 49.51 -14.05 -7.34
C ASP F 194 49.77 -15.54 -7.11
N GLU F 195 50.06 -15.92 -5.86
CA GLU F 195 50.31 -17.33 -5.57
C GLU F 195 49.07 -18.21 -5.77
N ARG F 196 47.92 -17.74 -5.28
CA ARG F 196 46.66 -18.48 -5.37
C ARG F 196 45.75 -18.06 -6.53
N PHE F 197 45.27 -16.82 -6.51
CA PHE F 197 44.40 -16.36 -7.57
C PHE F 197 45.09 -16.38 -8.93
N GLY F 198 46.38 -16.11 -8.95
CA GLY F 198 47.11 -16.08 -10.20
C GLY F 198 47.44 -17.43 -10.80
N SER F 199 47.50 -18.46 -9.99
CA SER F 199 47.82 -19.79 -10.50
C SER F 199 46.75 -20.30 -11.47
N VAL F 200 45.51 -19.82 -11.30
CA VAL F 200 44.36 -20.21 -12.12
C VAL F 200 44.38 -19.56 -13.51
N LYS F 201 44.31 -20.38 -14.57
CA LYS F 201 44.30 -19.87 -15.96
C LYS F 201 43.00 -19.08 -16.21
N ARG F 202 43.12 -17.93 -16.87
CA ARG F 202 41.97 -17.09 -17.16
C ARG F 202 41.64 -17.03 -18.63
N VAL F 203 40.39 -17.38 -18.97
CA VAL F 203 39.95 -17.33 -20.34
C VAL F 203 38.85 -16.27 -20.42
N TYR F 204 39.08 -15.20 -21.20
CA TYR F 204 38.09 -14.13 -21.34
C TYR F 204 37.29 -14.27 -22.63
N ILE F 205 36.00 -13.93 -22.55
CA ILE F 205 35.13 -13.96 -23.72
C ILE F 205 34.64 -12.54 -23.97
N VAL F 206 34.74 -12.07 -25.20
CA VAL F 206 34.31 -10.72 -25.52
C VAL F 206 32.96 -10.68 -26.21
N CYS F 207 32.11 -9.76 -25.77
CA CYS F 207 30.81 -9.59 -26.40
C CYS F 207 30.88 -8.27 -27.15
N THR F 208 31.09 -8.37 -28.46
CA THR F 208 31.23 -7.22 -29.35
C THR F 208 30.23 -6.07 -29.12
N GLU F 209 28.96 -6.33 -29.43
CA GLU F 209 27.89 -5.34 -29.28
C GLU F 209 27.46 -5.09 -27.82
N ASP F 210 28.22 -5.59 -26.86
CA ASP F 210 27.86 -5.39 -25.46
C ASP F 210 27.60 -3.91 -25.24
N LYS F 211 26.50 -3.59 -24.58
CA LYS F 211 26.20 -2.19 -24.32
C LYS F 211 26.41 -1.89 -22.86
N GLY F 212 26.13 -2.89 -22.03
CA GLY F 212 26.32 -2.76 -20.59
C GLY F 212 27.78 -2.50 -20.32
N ILE F 213 28.64 -3.42 -20.74
CA ILE F 213 30.07 -3.23 -20.56
C ILE F 213 30.65 -3.17 -21.95
N PRO F 214 30.80 -1.95 -22.47
CA PRO F 214 31.32 -1.73 -23.82
C PRO F 214 32.55 -2.55 -24.21
N GLU F 215 32.51 -3.04 -25.45
CA GLU F 215 33.57 -3.81 -26.04
C GLU F 215 34.94 -3.17 -25.75
N GLU F 216 34.98 -1.85 -25.77
CA GLU F 216 36.21 -1.12 -25.50
C GLU F 216 36.78 -1.51 -24.14
N PHE F 217 35.93 -1.48 -23.11
CA PHE F 217 36.38 -1.82 -21.77
C PHE F 217 36.76 -3.28 -21.65
N GLN F 218 36.02 -4.15 -22.33
CA GLN F 218 36.37 -5.57 -22.25
C GLN F 218 37.75 -5.78 -22.87
N ARG F 219 38.01 -5.19 -24.03
CA ARG F 219 39.31 -5.31 -24.68
C ARG F 219 40.39 -4.70 -23.78
N TRP F 220 39.98 -3.70 -23.01
CA TRP F 220 40.88 -3.02 -22.10
C TRP F 220 41.29 -3.93 -20.95
N GLN F 221 40.34 -4.66 -20.38
CA GLN F 221 40.65 -5.55 -19.28
C GLN F 221 41.60 -6.62 -19.76
N ILE F 222 41.39 -7.10 -20.98
CA ILE F 222 42.28 -8.13 -21.54
C ILE F 222 43.68 -7.58 -21.76
N ASP F 223 43.74 -6.36 -22.27
CA ASP F 223 45.00 -5.70 -22.55
C ASP F 223 45.53 -4.91 -21.36
N ASN F 224 45.20 -5.34 -20.14
CA ASN F 224 45.67 -4.63 -18.95
C ASN F 224 45.69 -5.49 -17.68
N ILE F 225 44.88 -6.55 -17.67
CA ILE F 225 44.87 -7.43 -16.51
C ILE F 225 45.53 -8.74 -16.91
N GLY F 226 45.46 -9.08 -18.19
CA GLY F 226 46.08 -10.32 -18.64
C GLY F 226 45.15 -11.51 -18.66
N VAL F 227 45.23 -12.27 -19.75
CA VAL F 227 44.41 -13.46 -19.95
C VAL F 227 45.21 -14.52 -20.67
N THR F 228 44.84 -15.78 -20.46
CA THR F 228 45.49 -16.90 -21.11
C THR F 228 44.93 -17.03 -22.54
N GLU F 229 43.70 -16.59 -22.74
CA GLU F 229 43.05 -16.66 -24.05
C GLU F 229 41.91 -15.64 -24.11
N ALA F 230 41.63 -15.14 -25.31
CA ALA F 230 40.55 -14.17 -25.49
C ALA F 230 39.67 -14.50 -26.69
N ILE F 231 38.57 -15.18 -26.41
CA ILE F 231 37.60 -15.58 -27.44
C ILE F 231 36.52 -14.47 -27.51
N GLU F 232 35.88 -14.34 -28.65
CA GLU F 232 34.82 -13.35 -28.78
C GLU F 232 33.61 -13.90 -29.49
N ILE F 233 32.48 -13.25 -29.28
CA ILE F 233 31.22 -13.63 -29.91
C ILE F 233 30.74 -12.39 -30.66
N LYS F 234 30.82 -12.45 -31.98
CA LYS F 234 30.43 -11.34 -32.85
C LYS F 234 28.93 -11.14 -32.85
N GLY F 235 28.50 -9.90 -32.66
CA GLY F 235 27.08 -9.59 -32.66
C GLY F 235 26.29 -10.04 -31.43
N ALA F 236 26.96 -10.12 -30.29
CA ALA F 236 26.31 -10.51 -29.04
C ALA F 236 26.29 -9.34 -28.06
N ASP F 237 25.14 -9.13 -27.42
CA ASP F 237 24.98 -8.05 -26.44
C ASP F 237 25.47 -8.60 -25.12
N HIS F 238 25.28 -7.83 -24.05
CA HIS F 238 25.71 -8.24 -22.71
C HIS F 238 25.15 -9.59 -22.27
N ALA F 240 24.92 -12.54 -23.67
CA ALA F 240 25.33 -13.54 -24.64
C ALA F 240 24.75 -14.93 -24.43
N LEU F 242 21.75 -15.54 -23.75
CA LEU F 242 20.37 -15.54 -24.22
C LEU F 242 20.22 -15.33 -25.71
N CYS F 243 21.04 -14.46 -26.30
CA CYS F 243 20.91 -14.23 -27.73
C CYS F 243 21.86 -15.10 -28.54
N GLU F 244 22.85 -15.69 -27.89
CA GLU F 244 23.81 -16.54 -28.60
C GLU F 244 24.18 -17.75 -27.73
N PRO F 245 23.18 -18.56 -27.33
CA PRO F 245 23.48 -19.74 -26.49
C PRO F 245 24.33 -20.79 -27.19
N GLN F 246 24.05 -21.09 -28.44
CA GLN F 246 24.85 -22.08 -29.10
C GLN F 246 26.30 -21.64 -29.34
N LYS F 247 26.53 -20.38 -29.69
CA LYS F 247 27.91 -19.93 -29.90
C LYS F 247 28.67 -19.91 -28.57
N LEU F 248 27.96 -19.72 -27.46
CA LEU F 248 28.62 -19.70 -26.15
C LEU F 248 28.99 -21.12 -25.78
N CYS F 249 28.06 -22.05 -26.02
CA CYS F 249 28.29 -23.45 -25.73
C CYS F 249 29.51 -23.92 -26.49
N ALA F 250 29.56 -23.58 -27.78
CA ALA F 250 30.69 -24.02 -28.57
C ALA F 250 32.02 -23.56 -27.99
N SER F 251 32.12 -22.28 -27.61
CA SER F 251 33.34 -21.71 -27.02
C SER F 251 33.71 -22.39 -25.69
N LEU F 252 32.69 -22.65 -24.87
CA LEU F 252 32.93 -23.30 -23.59
C LEU F 252 33.34 -24.77 -23.79
N LEU F 253 32.77 -25.41 -24.81
CA LEU F 253 33.12 -26.79 -25.08
C LEU F 253 34.55 -26.91 -25.55
N GLU F 254 35.02 -25.87 -26.24
CA GLU F 254 36.39 -25.83 -26.76
C GLU F 254 37.38 -25.51 -25.64
N ILE F 255 36.95 -24.69 -24.69
CA ILE F 255 37.80 -24.36 -23.55
C ILE F 255 37.99 -25.63 -22.73
N ALA F 256 36.91 -26.36 -22.49
CA ALA F 256 36.99 -27.59 -21.72
C ALA F 256 38.06 -28.46 -22.33
N HIS F 257 37.88 -28.74 -23.62
CA HIS F 257 38.80 -29.56 -24.37
C HIS F 257 40.20 -28.99 -24.42
N LYS F 258 40.33 -27.67 -24.51
CA LYS F 258 41.63 -27.02 -24.57
C LYS F 258 42.33 -26.95 -23.22
N TYR F 259 41.53 -26.92 -22.15
CA TYR F 259 42.05 -26.84 -20.79
C TYR F 259 41.63 -28.05 -19.96
N ASN F 260 42.01 -29.25 -20.39
CA ASN F 260 41.67 -30.48 -19.67
C ASN F 260 42.84 -30.91 -18.78
N LYS G 2 -4.54 23.01 66.08
CA LYS G 2 -5.80 23.63 66.60
C LYS G 2 -7.06 23.14 65.89
N GLU G 3 -8.18 23.15 66.63
CA GLU G 3 -9.48 22.72 66.12
C GLU G 3 -9.83 23.45 64.81
N GLY G 4 -9.24 24.64 64.64
CA GLY G 4 -9.44 25.43 63.43
C GLY G 4 -9.60 26.93 63.63
N LYS G 5 -9.08 27.72 62.69
CA LYS G 5 -9.21 29.17 62.76
C LYS G 5 -10.58 29.62 62.25
N HIS G 6 -11.00 30.82 62.65
CA HIS G 6 -12.28 31.40 62.23
C HIS G 6 -12.04 32.50 61.21
N PHE G 7 -12.21 32.17 59.93
CA PHE G 7 -12.02 33.11 58.85
C PHE G 7 -13.27 33.96 58.54
N VAL G 8 -13.13 35.27 58.69
CA VAL G 8 -14.23 36.19 58.41
C VAL G 8 -13.87 36.94 57.11
N LEU G 9 -14.60 36.61 56.05
CA LEU G 9 -14.37 37.23 54.76
C LEU G 9 -15.25 38.45 54.58
N VAL G 10 -14.61 39.54 54.16
CA VAL G 10 -15.23 40.83 53.94
C VAL G 10 -15.10 41.23 52.47
N HIS G 11 -16.22 41.18 51.76
CA HIS G 11 -16.26 41.52 50.34
C HIS G 11 -15.97 42.99 50.00
N GLY G 12 -15.82 43.21 48.70
CA GLY G 12 -15.56 44.52 48.17
C GLY G 12 -16.82 45.27 47.83
N ALA G 13 -16.62 46.45 47.26
CA ALA G 13 -17.70 47.34 46.88
C ALA G 13 -18.53 46.79 45.73
N CYS G 14 -19.84 46.85 45.88
CA CYS G 14 -20.77 46.40 44.85
C CYS G 14 -20.92 44.90 44.84
N HIS G 15 -20.18 44.21 45.70
CA HIS G 15 -20.26 42.76 45.74
C HIS G 15 -20.80 42.31 47.10
N GLY G 16 -20.92 41.01 47.29
CA GLY G 16 -21.44 40.51 48.55
C GLY G 16 -20.77 39.22 49.00
N GLY G 17 -21.28 38.61 50.06
CA GLY G 17 -20.72 37.39 50.57
C GLY G 17 -20.65 36.29 49.53
N TRP G 18 -21.52 36.36 48.54
CA TRP G 18 -21.53 35.36 47.50
C TRP G 18 -20.18 35.34 46.78
N SER G 19 -19.54 36.49 46.65
CA SER G 19 -18.27 36.55 45.95
C SER G 19 -17.20 35.58 46.47
N TRP G 20 -17.40 35.06 47.67
CA TRP G 20 -16.44 34.11 48.26
C TRP G 20 -16.97 32.70 48.19
N TYR G 21 -17.94 32.46 47.31
CA TYR G 21 -18.54 31.13 47.20
C TYR G 21 -17.56 30.05 46.80
N LYS G 22 -16.41 30.43 46.29
CA LYS G 22 -15.47 29.42 45.89
C LYS G 22 -14.42 29.11 46.95
N LEU G 23 -14.06 30.13 47.72
CA LEU G 23 -13.06 30.01 48.79
C LEU G 23 -13.59 29.33 50.04
N LYS G 24 -14.82 29.68 50.45
CA LYS G 24 -15.40 29.10 51.66
C LYS G 24 -15.20 27.60 51.72
N PRO G 25 -15.65 26.86 50.69
CA PRO G 25 -15.51 25.40 50.67
C PRO G 25 -14.07 24.93 50.89
N LEU G 26 -13.14 25.55 50.17
CA LEU G 26 -11.73 25.20 50.30
C LEU G 26 -11.28 25.42 51.76
N LEU G 27 -11.51 26.60 52.32
CA LEU G 27 -11.09 26.86 53.69
C LEU G 27 -11.74 25.90 54.69
N GLU G 28 -13.06 25.71 54.56
CA GLU G 28 -13.78 24.82 55.46
C GLU G 28 -13.29 23.40 55.35
N ALA G 29 -12.86 23.03 54.15
CA ALA G 29 -12.34 21.70 53.88
C ALA G 29 -11.08 21.48 54.71
N ALA G 30 -10.42 22.58 55.04
CA ALA G 30 -9.19 22.50 55.82
C ALA G 30 -9.45 22.53 57.32
N GLY G 31 -10.70 22.29 57.71
CA GLY G 31 -11.06 22.28 59.12
C GLY G 31 -11.35 23.64 59.70
N HIS G 32 -11.21 24.68 58.89
CA HIS G 32 -11.43 26.03 59.38
C HIS G 32 -12.86 26.53 59.27
N LYS G 33 -13.25 27.39 60.20
CA LYS G 33 -14.58 28.00 60.21
C LYS G 33 -14.50 29.22 59.30
N VAL G 34 -15.59 29.47 58.58
CA VAL G 34 -15.66 30.58 57.65
C VAL G 34 -16.95 31.34 57.76
N THR G 35 -16.86 32.66 57.61
CA THR G 35 -18.03 33.52 57.65
C THR G 35 -17.95 34.54 56.52
N ALA G 36 -18.80 34.39 55.50
CA ALA G 36 -18.81 35.36 54.40
C ALA G 36 -20.05 36.22 54.55
N LEU G 37 -19.92 37.31 55.30
CA LEU G 37 -21.06 38.19 55.53
C LEU G 37 -21.42 39.14 54.39
N ASP G 38 -22.62 39.68 54.48
CA ASP G 38 -23.14 40.64 53.52
C ASP G 38 -23.00 41.98 54.22
N LEU G 39 -22.27 42.94 53.65
CA LEU G 39 -22.17 44.24 54.31
C LEU G 39 -23.46 45.00 53.99
N ALA G 40 -23.66 46.14 54.63
CA ALA G 40 -24.85 46.95 54.40
C ALA G 40 -25.12 47.18 52.92
N ALA G 41 -26.41 47.15 52.56
CA ALA G 41 -26.84 47.36 51.19
C ALA G 41 -26.05 46.50 50.22
N SER G 42 -25.57 45.36 50.70
CA SER G 42 -24.77 44.45 49.89
C SER G 42 -25.33 43.03 49.89
N GLY G 43 -25.21 42.33 48.77
CA GLY G 43 -25.70 40.98 48.71
C GLY G 43 -27.20 40.87 48.85
N THR G 44 -27.66 40.27 49.96
CA THR G 44 -29.11 40.13 50.20
C THR G 44 -29.59 41.04 51.34
N ASP G 45 -28.74 41.96 51.78
CA ASP G 45 -29.09 42.89 52.82
C ASP G 45 -30.12 43.84 52.25
N LEU G 46 -31.22 43.99 52.99
CA LEU G 46 -32.34 44.85 52.56
C LEU G 46 -32.09 46.37 52.57
N ARG G 47 -31.11 46.83 53.35
CA ARG G 47 -30.81 48.25 53.42
C ARG G 47 -30.43 48.81 52.05
N LYS G 48 -30.83 50.05 51.78
CA LYS G 48 -30.53 50.73 50.52
C LYS G 48 -29.26 51.58 50.67
N ILE G 49 -28.59 51.82 49.54
CA ILE G 49 -27.36 52.61 49.47
C ILE G 49 -27.51 54.02 50.04
N GLU G 50 -28.61 54.70 49.69
CA GLU G 50 -28.86 56.06 50.17
C GLU G 50 -28.98 56.11 51.69
N GLU G 51 -29.48 55.03 52.30
CA GLU G 51 -29.64 54.95 53.74
C GLU G 51 -28.29 54.91 54.42
N LEU G 52 -27.23 54.84 53.64
CA LEU G 52 -25.88 54.78 54.18
C LEU G 52 -25.17 56.11 54.01
N ARG G 53 -24.77 56.74 55.11
CA ARG G 53 -24.11 58.03 55.02
C ARG G 53 -22.63 58.01 55.38
N THR G 54 -22.26 57.06 56.23
CA THR G 54 -20.87 56.93 56.67
C THR G 54 -20.34 55.54 56.37
N LEU G 55 -19.08 55.31 56.73
CA LEU G 55 -18.46 54.02 56.50
C LEU G 55 -18.99 53.02 57.55
N TYR G 56 -19.27 53.50 58.76
CA TYR G 56 -19.76 52.65 59.83
C TYR G 56 -21.08 51.97 59.47
N ASP G 57 -21.99 52.72 58.86
CA ASP G 57 -23.25 52.13 58.47
C ASP G 57 -22.95 50.94 57.58
N TYR G 58 -22.15 51.19 56.55
CA TYR G 58 -21.79 50.13 55.62
C TYR G 58 -21.14 48.93 56.35
N THR G 59 -20.33 49.21 57.37
CA THR G 59 -19.62 48.18 58.11
C THR G 59 -20.39 47.57 59.30
N LEU G 60 -21.54 48.15 59.61
CA LEU G 60 -22.36 47.70 60.73
C LEU G 60 -22.41 46.18 60.86
N PRO G 61 -22.77 45.46 59.78
CA PRO G 61 -22.80 43.99 59.94
C PRO G 61 -21.48 43.41 60.45
N LEU G 62 -20.36 43.81 59.86
CA LEU G 62 -19.07 43.31 60.29
C LEU G 62 -18.83 43.65 61.76
N GLU G 64 -21.09 43.84 64.09
CA GLU G 64 -21.96 42.96 64.87
C GLU G 64 -21.34 41.60 65.15
N LEU G 65 -20.86 40.94 64.10
CA LEU G 65 -20.24 39.64 64.24
C LEU G 65 -19.09 39.75 65.24
N GLU G 67 -18.72 41.83 67.56
CA GLU G 67 -19.30 42.02 68.87
C GLU G 67 -19.88 40.71 69.40
N SER G 68 -20.51 39.92 68.53
CA SER G 68 -21.14 38.67 68.94
C SER G 68 -20.16 37.60 69.41
N LEU G 69 -18.90 37.76 69.03
CA LEU G 69 -17.86 36.81 69.42
C LEU G 69 -17.78 36.70 70.94
N SER G 70 -16.90 35.83 71.43
CA SER G 70 -16.74 35.61 72.87
C SER G 70 -15.40 36.14 73.37
N ALA G 71 -15.28 36.28 74.69
CA ALA G 71 -14.06 36.79 75.29
C ALA G 71 -12.79 36.19 74.65
N ASP G 72 -12.62 34.88 74.77
CA ASP G 72 -11.46 34.20 74.19
C ASP G 72 -11.72 33.68 72.77
N GLU G 73 -12.26 34.56 71.92
CA GLU G 73 -12.54 34.21 70.54
C GLU G 73 -11.75 35.11 69.61
N LYS G 74 -10.81 34.54 68.88
CA LYS G 74 -10.02 35.33 67.94
C LYS G 74 -10.48 34.97 66.55
N VAL G 75 -10.14 35.81 65.58
CA VAL G 75 -10.51 35.56 64.20
C VAL G 75 -9.51 36.17 63.23
N ILE G 76 -9.47 35.65 62.01
CA ILE G 76 -8.56 36.17 60.98
C ILE G 76 -9.42 36.94 59.97
N LEU G 77 -9.12 38.22 59.79
CA LEU G 77 -9.86 39.07 58.89
C LEU G 77 -9.30 39.00 57.49
N VAL G 78 -10.17 39.03 56.49
CA VAL G 78 -9.71 39.00 55.11
C VAL G 78 -10.56 39.94 54.29
N GLY G 79 -10.03 41.12 53.99
CA GLY G 79 -10.77 42.09 53.21
C GLY G 79 -10.37 42.17 51.74
N HIS G 80 -11.36 42.27 50.87
CA HIS G 80 -11.11 42.37 49.43
C HIS G 80 -11.43 43.78 48.89
N SER G 81 -10.44 44.43 48.29
CA SER G 81 -10.60 45.79 47.74
C SER G 81 -11.18 46.75 48.82
N LEU G 82 -12.29 47.43 48.55
CA LEU G 82 -12.86 48.34 49.56
C LEU G 82 -13.01 47.64 50.91
N GLY G 83 -13.28 46.34 50.88
CA GLY G 83 -13.43 45.61 52.12
C GLY G 83 -12.31 45.94 53.10
N GLY G 84 -11.22 46.47 52.58
CA GLY G 84 -10.09 46.81 53.42
C GLY G 84 -10.34 47.92 54.41
N ASN G 86 -13.23 48.41 55.65
CA ASN G 86 -14.19 47.78 56.55
C ASN G 86 -13.42 47.11 57.68
N LEU G 87 -12.37 46.35 57.35
CA LEU G 87 -11.59 45.70 58.39
C LEU G 87 -11.03 46.73 59.37
N GLY G 88 -10.66 47.89 58.85
CA GLY G 88 -10.11 48.96 59.68
C GLY G 88 -10.91 49.22 60.94
N LEU G 89 -12.21 49.38 60.79
CA LEU G 89 -13.06 49.63 61.94
C LEU G 89 -13.04 48.45 62.92
N ALA G 90 -13.01 47.23 62.38
CA ALA G 90 -12.98 46.02 63.21
C ALA G 90 -11.69 45.97 64.00
N GLU G 92 -9.73 48.54 64.78
CA GLU G 92 -9.72 49.65 65.73
C GLU G 92 -10.59 49.45 66.97
N LYS G 93 -11.72 48.79 66.77
CA LYS G 93 -12.65 48.56 67.86
C LYS G 93 -12.33 47.25 68.59
N TYR G 94 -12.02 46.20 67.84
CA TYR G 94 -11.75 44.89 68.44
C TYR G 94 -10.36 44.36 68.08
N PRO G 95 -9.30 45.15 68.34
CA PRO G 95 -7.95 44.67 68.01
C PRO G 95 -7.51 43.35 68.66
N GLN G 96 -7.94 43.14 69.89
CA GLN G 96 -7.57 41.95 70.63
C GLN G 96 -8.33 40.69 70.18
N LYS G 97 -9.35 40.86 69.35
CA LYS G 97 -10.09 39.68 68.92
C LYS G 97 -9.74 39.28 67.50
N ILE G 98 -8.62 39.83 67.04
CA ILE G 98 -8.11 39.61 65.69
C ILE G 98 -6.68 39.08 65.66
N TYR G 99 -6.50 37.87 65.14
CA TYR G 99 -5.18 37.25 65.01
C TYR G 99 -4.38 37.97 63.92
N ALA G 100 -5.02 38.22 62.78
CA ALA G 100 -4.39 38.88 61.63
C ALA G 100 -5.44 39.44 60.64
N ALA G 101 -5.16 40.60 60.05
CA ALA G 101 -6.05 41.24 59.09
C ALA G 101 -5.47 41.13 57.67
N VAL G 102 -5.92 40.13 56.91
CA VAL G 102 -5.42 39.93 55.56
C VAL G 102 -6.02 40.88 54.55
N PHE G 103 -5.19 41.60 53.82
CA PHE G 103 -5.68 42.52 52.80
C PHE G 103 -5.54 41.93 51.40
N LEU G 104 -6.66 41.54 50.79
CA LEU G 104 -6.61 40.98 49.43
C LEU G 104 -6.89 42.07 48.42
N ALA G 105 -5.80 42.60 47.84
CA ALA G 105 -5.89 43.67 46.86
C ALA G 105 -6.87 44.72 47.36
N ALA G 106 -6.79 45.03 48.64
CA ALA G 106 -7.69 45.98 49.26
C ALA G 106 -7.04 47.31 49.58
N PHE G 107 -7.89 48.28 49.95
CA PHE G 107 -7.39 49.59 50.32
C PHE G 107 -6.98 49.52 51.77
N PRO G 109 -5.65 51.27 54.78
CA PRO G 109 -5.40 52.59 55.37
C PRO G 109 -4.22 52.63 56.35
N ASP G 110 -4.12 53.72 57.11
CA ASP G 110 -3.05 53.86 58.07
C ASP G 110 -3.61 54.73 59.19
N SER G 111 -2.74 55.16 60.10
CA SER G 111 -3.17 55.99 61.20
C SER G 111 -2.51 57.36 61.19
N VAL G 112 -1.36 57.47 60.54
CA VAL G 112 -0.62 58.73 60.49
C VAL G 112 -1.07 59.63 59.35
N HIS G 113 -2.29 59.41 58.87
CA HIS G 113 -2.85 60.20 57.78
C HIS G 113 -4.35 60.25 57.93
N ASN G 114 -5.01 61.03 57.10
CA ASN G 114 -6.47 61.11 57.14
C ASN G 114 -7.00 59.75 56.69
N SER G 115 -8.17 59.40 57.19
CA SER G 115 -8.82 58.15 56.89
C SER G 115 -9.19 57.97 55.43
N SER G 116 -8.66 58.80 54.55
CA SER G 116 -8.99 58.67 53.13
C SER G 116 -7.74 58.82 52.29
N PHE G 117 -6.59 58.87 52.94
CA PHE G 117 -5.31 59.03 52.25
C PHE G 117 -5.17 58.09 51.07
N VAL G 118 -5.16 56.79 51.35
CA VAL G 118 -5.03 55.77 50.33
C VAL G 118 -5.99 55.98 49.17
N LEU G 119 -7.29 56.14 49.46
CA LEU G 119 -8.27 56.34 48.39
C LEU G 119 -7.98 57.61 47.59
N GLU G 120 -7.53 58.66 48.27
CA GLU G 120 -7.22 59.93 47.62
C GLU G 120 -6.05 59.80 46.65
N GLN G 121 -4.97 59.20 47.11
CA GLN G 121 -3.80 58.99 46.26
C GLN G 121 -4.16 58.05 45.09
N TYR G 122 -5.00 57.06 45.38
CA TYR G 122 -5.45 56.08 44.39
C TYR G 122 -6.31 56.77 43.36
N ASN G 123 -7.06 57.76 43.82
CA ASN G 123 -7.96 58.54 42.99
C ASN G 123 -7.14 59.54 42.17
N GLU G 124 -6.03 59.97 42.72
CA GLU G 124 -5.19 60.93 42.01
C GLU G 124 -4.28 60.26 40.99
N ARG G 125 -3.86 59.03 41.28
CA ARG G 125 -2.98 58.30 40.39
C ARG G 125 -3.76 57.47 39.39
N THR G 126 -5.06 57.70 39.33
CA THR G 126 -5.93 56.97 38.43
C THR G 126 -6.71 57.89 37.49
N PRO G 127 -6.45 57.77 36.18
CA PRO G 127 -7.17 58.61 35.22
C PRO G 127 -8.66 58.32 35.23
N ALA G 128 -9.48 59.36 35.00
CA ALA G 128 -10.92 59.22 35.00
C ALA G 128 -11.43 58.20 33.97
N GLU G 129 -10.70 58.07 32.86
CA GLU G 129 -11.08 57.15 31.80
C GLU G 129 -11.06 55.69 32.25
N ASN G 130 -10.28 55.42 33.28
CA ASN G 130 -10.14 54.06 33.78
C ASN G 130 -11.42 53.44 34.35
N TRP G 131 -12.33 54.29 34.83
CA TRP G 131 -13.60 53.85 35.42
C TRP G 131 -14.59 53.37 34.38
N LEU G 132 -14.33 53.71 33.12
CA LEU G 132 -15.20 53.29 32.03
C LEU G 132 -16.65 53.77 32.18
N ASP G 133 -17.55 52.82 32.45
CA ASP G 133 -18.96 53.12 32.60
C ASP G 133 -19.44 53.03 34.04
N THR G 134 -18.58 53.38 34.98
CA THR G 134 -18.97 53.33 36.38
C THR G 134 -19.69 54.63 36.70
N GLN G 135 -20.98 54.49 37.00
CA GLN G 135 -21.81 55.64 37.31
C GLN G 135 -21.68 56.12 38.74
N PHE G 136 -21.23 57.36 38.89
CA PHE G 136 -21.04 58.00 40.19
C PHE G 136 -22.15 59.02 40.38
N LEU G 137 -23.20 58.60 41.08
CA LEU G 137 -24.32 59.49 41.33
C LEU G 137 -24.25 60.13 42.71
N PRO G 138 -24.68 61.39 42.81
CA PRO G 138 -24.68 62.13 44.07
C PRO G 138 -26.02 61.93 44.74
N TYR G 139 -26.02 61.81 46.07
CA TYR G 139 -27.27 61.68 46.80
C TYR G 139 -27.14 62.33 48.17
N GLY G 140 -26.20 63.28 48.28
CA GLY G 140 -25.98 63.97 49.55
C GLY G 140 -26.35 65.43 49.53
N SER G 141 -25.44 66.28 49.99
CA SER G 141 -25.64 67.72 50.03
C SER G 141 -24.29 68.43 50.21
N PRO G 142 -24.23 69.75 50.00
CA PRO G 142 -22.97 70.51 50.15
C PRO G 142 -22.41 70.49 51.57
N GLU G 143 -23.25 70.06 52.51
CA GLU G 143 -22.88 69.97 53.92
C GLU G 143 -22.86 68.49 54.35
N GLU G 144 -23.05 67.61 53.37
CA GLU G 144 -23.07 66.17 53.59
C GLU G 144 -23.01 65.50 52.23
N PRO G 145 -21.91 65.71 51.50
CA PRO G 145 -21.73 65.13 50.17
C PRO G 145 -21.74 63.60 50.16
N LEU G 146 -22.79 63.01 49.57
CA LEU G 146 -22.88 61.57 49.49
C LEU G 146 -22.84 61.12 48.04
N THR G 147 -21.91 60.22 47.74
CA THR G 147 -21.73 59.72 46.39
C THR G 147 -21.83 58.21 46.32
N SER G 148 -22.69 57.73 45.42
CA SER G 148 -22.86 56.30 45.23
C SER G 148 -22.05 55.85 44.03
N PHE G 150 -21.37 52.65 41.18
CA PHE G 150 -21.94 51.43 40.62
C PHE G 150 -21.14 50.98 39.39
N PHE G 151 -20.50 49.81 39.49
CA PHE G 151 -19.71 49.27 38.39
C PHE G 151 -20.56 48.88 37.20
N GLY G 152 -20.26 49.49 36.06
CA GLY G 152 -21.00 49.18 34.85
C GLY G 152 -20.55 47.83 34.30
N PRO G 153 -21.28 47.27 33.32
CA PRO G 153 -20.90 45.97 32.77
C PRO G 153 -19.50 45.93 32.17
N LYS G 154 -19.10 47.02 31.52
CA LYS G 154 -17.79 47.10 30.90
C LYS G 154 -16.64 47.10 31.91
N PHE G 155 -16.70 48.00 32.88
CA PHE G 155 -15.66 48.09 33.90
C PHE G 155 -15.51 46.76 34.63
N LEU G 156 -16.64 46.12 34.86
CA LEU G 156 -16.65 44.84 35.55
C LEU G 156 -15.89 43.80 34.75
N ALA G 157 -16.01 43.85 33.43
CA ALA G 157 -15.37 42.88 32.57
C ALA G 157 -13.98 43.25 32.05
N HIS G 158 -13.65 44.53 32.06
CA HIS G 158 -12.37 44.97 31.56
C HIS G 158 -11.40 45.37 32.66
N LYS G 159 -11.89 45.50 33.89
CA LYS G 159 -11.02 45.90 34.99
C LYS G 159 -11.02 44.96 36.20
N LEU G 160 -12.07 44.15 36.35
CA LEU G 160 -12.17 43.26 37.51
C LEU G 160 -12.25 41.77 37.22
N TYR G 161 -12.91 41.42 36.12
CA TYR G 161 -13.11 40.04 35.71
C TYR G 161 -12.47 39.71 34.35
N GLN G 162 -11.57 40.54 33.84
CA GLN G 162 -10.99 40.30 32.52
C GLN G 162 -10.27 38.96 32.44
N LEU G 163 -9.99 38.36 33.58
CA LEU G 163 -9.34 37.07 33.57
C LEU G 163 -10.26 35.97 34.10
N CYS G 164 -11.54 36.33 34.28
CA CYS G 164 -12.50 35.36 34.77
C CYS G 164 -13.38 34.76 33.68
N SER G 165 -13.94 33.58 33.95
CA SER G 165 -14.80 32.88 33.00
C SER G 165 -16.09 33.64 32.73
N PRO G 166 -16.72 33.37 31.57
CA PRO G 166 -17.96 34.08 31.29
C PRO G 166 -19.00 33.78 32.37
N GLU G 167 -19.00 32.53 32.87
CA GLU G 167 -19.93 32.16 33.94
C GLU G 167 -19.78 33.11 35.13
N ASP G 168 -18.56 33.34 35.57
CA ASP G 168 -18.33 34.24 36.69
C ASP G 168 -18.81 35.66 36.40
N LEU G 169 -18.83 36.06 35.14
CA LEU G 169 -19.29 37.40 34.79
C LEU G 169 -20.79 37.47 34.94
N ALA G 170 -21.49 36.49 34.37
CA ALA G 170 -22.94 36.44 34.49
C ALA G 170 -23.35 36.56 35.96
N LEU G 171 -22.68 35.82 36.86
CA LEU G 171 -23.04 35.88 38.27
C LEU G 171 -22.98 37.30 38.79
N ALA G 172 -21.82 37.92 38.63
CA ALA G 172 -21.62 39.27 39.10
C ALA G 172 -22.56 40.23 38.39
N SER G 173 -22.74 40.05 37.07
CA SER G 173 -23.63 40.95 36.31
C SER G 173 -25.05 40.99 36.85
N SER G 174 -25.45 39.94 37.56
CA SER G 174 -26.78 39.91 38.13
C SER G 174 -26.79 40.16 39.64
N LEU G 175 -25.61 40.16 40.27
CA LEU G 175 -25.55 40.36 41.72
C LEU G 175 -25.03 41.72 42.16
N VAL G 176 -24.16 42.33 41.35
CA VAL G 176 -23.61 43.63 41.72
C VAL G 176 -24.69 44.61 42.11
N ARG G 177 -24.43 45.34 43.19
CA ARG G 177 -25.36 46.36 43.68
C ARG G 177 -24.56 47.63 43.90
N PRO G 178 -25.21 48.79 43.85
CA PRO G 178 -24.48 50.03 44.05
C PRO G 178 -23.86 50.08 45.46
N SER G 179 -22.85 50.93 45.60
CA SER G 179 -22.12 51.09 46.86
C SER G 179 -21.50 52.49 46.84
N SER G 180 -20.42 52.68 47.59
CA SER G 180 -19.71 53.95 47.63
C SER G 180 -18.35 53.75 48.27
N LEU G 181 -17.46 54.72 48.08
CA LEU G 181 -16.11 54.65 48.65
C LEU G 181 -16.14 55.30 50.03
N PHE G 182 -17.07 56.24 50.21
CA PHE G 182 -17.26 56.98 51.45
C PHE G 182 -16.13 57.95 51.72
N GLU G 184 -15.75 61.31 51.30
CA GLU G 184 -16.11 62.51 52.05
C GLU G 184 -16.12 62.22 53.55
N ASP G 185 -16.85 61.18 53.92
CA ASP G 185 -16.98 60.78 55.31
C ASP G 185 -15.62 60.42 55.87
N LEU G 186 -14.77 59.88 55.02
CA LEU G 186 -13.45 59.48 55.47
C LEU G 186 -12.57 60.70 55.67
N SER G 187 -12.59 61.60 54.69
CA SER G 187 -11.76 62.80 54.70
C SER G 187 -11.88 63.63 55.97
N LYS G 188 -13.09 63.74 56.50
CA LYS G 188 -13.29 64.53 57.70
C LYS G 188 -13.30 63.65 58.93
N ALA G 189 -12.85 62.41 58.81
CA ALA G 189 -12.85 61.51 59.95
C ALA G 189 -11.48 61.01 60.38
N LYS G 190 -11.48 60.25 61.47
CA LYS G 190 -10.26 59.66 62.01
C LYS G 190 -10.69 58.33 62.62
N TYR G 191 -10.75 57.30 61.80
CA TYR G 191 -11.16 55.97 62.25
C TYR G 191 -10.03 55.06 62.71
N PHE G 192 -8.80 55.39 62.32
CA PHE G 192 -7.66 54.55 62.66
C PHE G 192 -6.66 55.20 63.61
N THR G 193 -6.29 54.44 64.64
CA THR G 193 -5.37 54.85 65.68
C THR G 193 -4.16 53.95 65.65
N ASP G 194 -3.01 54.49 66.05
CA ASP G 194 -1.81 53.71 66.06
C ASP G 194 -1.86 52.60 67.13
N GLU G 195 -2.35 52.96 68.30
CA GLU G 195 -2.43 52.05 69.44
C GLU G 195 -3.44 50.90 69.23
N ARG G 196 -4.51 51.17 68.48
CA ARG G 196 -5.53 50.16 68.22
C ARG G 196 -5.41 49.49 66.85
N PHE G 197 -5.57 50.28 65.79
CA PHE G 197 -5.48 49.77 64.41
C PHE G 197 -4.06 49.28 64.12
N GLY G 198 -3.08 50.09 64.50
CA GLY G 198 -1.70 49.74 64.27
C GLY G 198 -1.25 48.50 65.02
N SER G 199 -1.88 48.18 66.14
CA SER G 199 -1.48 47.00 66.89
C SER G 199 -1.85 45.69 66.20
N VAL G 200 -2.75 45.73 65.21
CA VAL G 200 -3.14 44.52 64.52
C VAL G 200 -2.22 44.17 63.37
N LYS G 201 -1.54 43.03 63.50
CA LYS G 201 -0.64 42.56 62.47
C LYS G 201 -1.39 42.41 61.15
N ARG G 202 -0.84 42.96 60.08
CA ARG G 202 -1.51 42.89 58.80
C ARG G 202 -0.70 42.16 57.76
N VAL G 203 -1.42 41.48 56.86
CA VAL G 203 -0.80 40.73 55.78
C VAL G 203 -1.42 41.20 54.47
N TYR G 204 -0.62 41.36 53.43
CA TYR G 204 -1.19 41.81 52.16
C TYR G 204 -0.90 40.84 51.01
N ILE G 205 -1.97 40.46 50.31
CA ILE G 205 -1.89 39.55 49.18
C ILE G 205 -2.01 40.31 47.88
N VAL G 206 -0.89 40.44 47.18
CA VAL G 206 -0.84 41.15 45.90
C VAL G 206 -1.44 40.34 44.75
N CYS G 207 -2.10 41.03 43.82
CA CYS G 207 -2.70 40.39 42.65
C CYS G 207 -2.14 41.05 41.40
N THR G 208 -0.99 40.54 40.96
CA THR G 208 -0.24 41.03 39.80
C THR G 208 -1.04 41.48 38.60
N GLU G 209 -1.98 40.66 38.16
CA GLU G 209 -2.79 41.00 36.99
C GLU G 209 -3.99 41.88 37.27
N ASP G 210 -3.98 42.57 38.41
CA ASP G 210 -5.10 43.42 38.79
C ASP G 210 -5.22 44.70 37.97
N LYS G 211 -6.36 44.91 37.29
CA LYS G 211 -6.56 46.13 36.50
C LYS G 211 -7.48 47.14 37.18
N GLY G 212 -8.08 46.74 38.29
CA GLY G 212 -8.97 47.63 39.01
C GLY G 212 -8.11 48.45 39.95
N ILE G 213 -7.21 47.75 40.62
CA ILE G 213 -6.27 48.38 41.53
C ILE G 213 -4.93 47.85 41.09
N PRO G 214 -4.26 48.57 40.20
CA PRO G 214 -2.96 48.20 39.65
C PRO G 214 -1.93 47.74 40.67
N GLU G 215 -1.14 46.74 40.29
CA GLU G 215 -0.08 46.17 41.15
C GLU G 215 0.83 47.24 41.76
N GLU G 216 1.11 48.30 40.98
CA GLU G 216 1.96 49.38 41.43
C GLU G 216 1.43 49.98 42.73
N PHE G 217 0.18 50.44 42.67
CA PHE G 217 -0.45 51.07 43.82
C PHE G 217 -0.60 50.08 44.97
N GLN G 218 -0.73 48.80 44.62
CA GLN G 218 -0.85 47.79 45.64
C GLN G 218 0.47 47.66 46.38
N ARG G 219 1.59 47.74 45.64
CA ARG G 219 2.90 47.63 46.28
C ARG G 219 3.20 48.89 47.06
N TRP G 220 2.67 50.02 46.58
CA TRP G 220 2.90 51.30 47.25
C TRP G 220 2.30 51.34 48.65
N GLN G 221 1.09 50.83 48.82
CA GLN G 221 0.47 50.85 50.14
C GLN G 221 1.29 50.00 51.10
N ILE G 222 2.00 49.02 50.55
CA ILE G 222 2.84 48.18 51.41
C ILE G 222 4.05 48.98 51.92
N ASP G 223 4.56 49.86 51.06
CA ASP G 223 5.71 50.69 51.39
C ASP G 223 5.32 51.80 52.36
N ASN G 224 4.31 52.55 51.96
CA ASN G 224 3.82 53.66 52.76
C ASN G 224 3.49 53.28 54.19
N ILE G 225 2.59 52.31 54.33
CA ILE G 225 2.15 51.85 55.65
C ILE G 225 3.05 50.80 56.26
N GLY G 226 3.08 49.62 55.65
CA GLY G 226 3.91 48.53 56.16
C GLY G 226 3.09 47.29 56.52
N VAL G 227 3.68 46.11 56.35
CA VAL G 227 2.99 44.86 56.65
C VAL G 227 3.93 43.85 57.30
N THR G 228 3.36 42.92 58.04
CA THR G 228 4.15 41.88 58.70
C THR G 228 4.61 40.86 57.68
N GLU G 229 3.79 40.68 56.64
CA GLU G 229 4.08 39.72 55.58
C GLU G 229 3.37 40.17 54.31
N ALA G 230 4.01 39.93 53.16
CA ALA G 230 3.43 40.29 51.88
C ALA G 230 3.43 39.09 50.95
N ILE G 231 2.25 38.55 50.70
CA ILE G 231 2.12 37.41 49.81
C ILE G 231 1.81 37.96 48.41
N GLU G 232 1.73 37.07 47.43
CA GLU G 232 1.48 37.48 46.07
C GLU G 232 0.89 36.31 45.29
N ILE G 233 -0.03 36.61 44.39
CA ILE G 233 -0.67 35.60 43.56
C ILE G 233 -0.51 36.08 42.12
N LYS G 234 0.46 35.49 41.42
CA LYS G 234 0.73 35.87 40.03
C LYS G 234 -0.33 35.32 39.10
N GLY G 235 -0.78 36.15 38.17
CA GLY G 235 -1.78 35.73 37.20
C GLY G 235 -3.23 35.82 37.67
N ALA G 236 -3.45 36.48 38.80
CA ALA G 236 -4.79 36.60 39.30
C ALA G 236 -5.28 38.03 39.06
N ASP G 237 -6.56 38.16 38.70
CA ASP G 237 -7.14 39.48 38.49
C ASP G 237 -7.76 39.97 39.79
N HIS G 238 -8.36 41.15 39.78
CA HIS G 238 -8.95 41.68 41.00
C HIS G 238 -9.85 40.71 41.71
N ALA G 240 -9.42 37.67 42.63
CA ALA G 240 -8.57 36.52 42.93
C ALA G 240 -9.34 35.32 43.48
N LEU G 242 -12.06 34.32 42.63
CA LEU G 242 -12.86 33.70 41.57
C LEU G 242 -12.01 32.99 40.50
N CYS G 243 -10.86 33.56 40.14
CA CYS G 243 -9.97 32.96 39.14
C CYS G 243 -8.90 32.09 39.78
N GLU G 244 -8.46 32.45 40.99
CA GLU G 244 -7.43 31.66 41.68
C GLU G 244 -7.83 31.21 43.09
N PRO G 245 -9.02 30.59 43.22
CA PRO G 245 -9.51 30.12 44.52
C PRO G 245 -8.55 29.19 45.25
N GLN G 246 -7.84 28.38 44.49
CA GLN G 246 -6.89 27.44 45.08
C GLN G 246 -5.59 28.10 45.58
N LYS G 247 -5.05 29.05 44.80
CA LYS G 247 -3.83 29.74 45.21
C LYS G 247 -4.11 30.75 46.32
N LEU G 248 -5.37 31.11 46.49
CA LEU G 248 -5.76 32.07 47.53
C LEU G 248 -5.88 31.28 48.82
N CYS G 249 -6.50 30.11 48.71
CA CYS G 249 -6.70 29.22 49.86
C CYS G 249 -5.34 28.76 50.39
N ALA G 250 -4.43 28.40 49.47
CA ALA G 250 -3.09 27.99 49.89
C ALA G 250 -2.42 29.18 50.58
N SER G 251 -2.50 30.36 49.97
CA SER G 251 -1.90 31.55 50.58
C SER G 251 -2.54 31.87 51.94
N LEU G 252 -3.85 31.76 52.04
CA LEU G 252 -4.51 32.05 53.34
C LEU G 252 -4.14 31.04 54.41
N LEU G 253 -3.93 29.79 54.00
CA LEU G 253 -3.57 28.74 54.96
C LEU G 253 -2.12 28.90 55.48
N GLU G 254 -1.18 29.21 54.58
CA GLU G 254 0.20 29.41 55.01
C GLU G 254 0.27 30.58 55.98
N ILE G 255 -0.47 31.65 55.69
CA ILE G 255 -0.49 32.83 56.55
C ILE G 255 -1.10 32.52 57.93
N ALA G 256 -2.13 31.68 57.93
CA ALA G 256 -2.82 31.30 59.15
C ALA G 256 -1.88 30.88 60.28
N HIS G 257 -1.32 29.67 60.20
CA HIS G 257 -0.39 29.18 61.23
C HIS G 257 0.88 30.02 61.31
N LYS G 258 1.31 30.57 60.19
CA LYS G 258 2.50 31.41 60.16
C LYS G 258 2.29 32.67 59.30
N LYS H 2 -33.87 37.98 11.36
CA LYS H 2 -33.51 38.08 12.80
C LYS H 2 -32.43 37.05 13.18
N GLU H 3 -31.78 37.28 14.32
CA GLU H 3 -30.76 36.36 14.80
C GLU H 3 -31.37 35.24 15.64
N GLY H 4 -30.75 34.94 16.78
CA GLY H 4 -31.26 33.89 17.63
C GLY H 4 -32.56 34.25 18.34
N LYS H 5 -33.11 33.29 19.07
CA LYS H 5 -34.35 33.46 19.81
C LYS H 5 -34.08 34.24 21.11
N HIS H 6 -35.10 34.39 21.96
CA HIS H 6 -34.92 35.10 23.22
C HIS H 6 -35.34 34.17 24.34
N PHE H 7 -34.42 33.88 25.26
CA PHE H 7 -34.77 32.99 26.37
C PHE H 7 -35.04 33.83 27.62
N VAL H 8 -36.19 33.61 28.23
CA VAL H 8 -36.54 34.32 29.44
C VAL H 8 -36.50 33.22 30.46
N LEU H 9 -35.54 33.31 31.37
CA LEU H 9 -35.37 32.31 32.41
C LEU H 9 -36.02 32.75 33.70
N VAL H 10 -36.90 31.91 34.23
CA VAL H 10 -37.62 32.22 35.47
C VAL H 10 -37.21 31.28 36.62
N HIS H 11 -36.57 31.84 37.66
CA HIS H 11 -36.12 31.10 38.83
C HIS H 11 -37.26 30.68 39.76
N GLY H 12 -36.97 29.77 40.69
CA GLY H 12 -37.99 29.32 41.63
C GLY H 12 -38.03 30.13 42.93
N ALA H 13 -38.52 29.51 44.00
CA ALA H 13 -38.65 30.17 45.29
C ALA H 13 -37.35 30.26 46.10
N CYS H 14 -37.08 31.45 46.61
CA CYS H 14 -35.88 31.72 47.43
C CYS H 14 -34.64 32.00 46.61
N HIS H 15 -34.72 31.74 45.31
CA HIS H 15 -33.57 31.96 44.46
C HIS H 15 -33.73 33.24 43.63
N GLY H 16 -32.84 33.45 42.66
CA GLY H 16 -32.93 34.65 41.85
C GLY H 16 -32.25 34.44 40.50
N GLY H 17 -32.20 35.48 39.66
CA GLY H 17 -31.56 35.36 38.36
C GLY H 17 -30.17 34.77 38.41
N TRP H 18 -29.48 34.92 39.54
CA TRP H 18 -28.14 34.38 39.70
C TRP H 18 -28.11 32.87 39.55
N SER H 19 -29.24 32.22 39.81
CA SER H 19 -29.27 30.77 39.71
C SER H 19 -28.95 30.25 38.30
N TRP H 20 -29.04 31.12 37.28
CA TRP H 20 -28.77 30.74 35.88
C TRP H 20 -27.42 31.17 35.34
N TYR H 21 -26.51 31.55 36.24
CA TYR H 21 -25.21 32.04 35.80
C TYR H 21 -24.39 31.06 34.97
N LYS H 22 -24.56 29.75 35.20
CA LYS H 22 -23.83 28.77 34.42
C LYS H 22 -24.53 28.45 33.10
N LEU H 23 -25.86 28.56 33.08
CA LEU H 23 -26.59 28.27 31.85
C LEU H 23 -26.60 29.47 30.89
N LYS H 24 -26.75 30.67 31.45
CA LYS H 24 -26.81 31.89 30.65
C LYS H 24 -25.75 32.05 29.56
N PRO H 25 -24.46 31.83 29.90
CA PRO H 25 -23.36 31.96 28.93
C PRO H 25 -23.39 30.91 27.83
N LEU H 26 -23.76 29.67 28.20
CA LEU H 26 -23.85 28.56 27.26
C LEU H 26 -24.92 28.76 26.18
N LEU H 27 -25.91 29.61 26.50
CA LEU H 27 -26.99 29.90 25.56
C LEU H 27 -26.60 31.04 24.63
N GLU H 28 -25.91 32.03 25.20
CA GLU H 28 -25.45 33.19 24.45
C GLU H 28 -24.40 32.86 23.41
N ALA H 29 -23.64 31.80 23.66
CA ALA H 29 -22.59 31.37 22.74
C ALA H 29 -23.23 30.70 21.54
N ALA H 30 -24.51 30.36 21.67
CA ALA H 30 -25.24 29.72 20.57
C ALA H 30 -26.02 30.77 19.76
N GLY H 31 -25.79 32.05 20.09
CA GLY H 31 -26.44 33.12 19.36
C GLY H 31 -27.78 33.59 19.91
N HIS H 32 -28.16 33.07 21.07
CA HIS H 32 -29.43 33.44 21.68
C HIS H 32 -29.33 34.51 22.76
N LYS H 33 -30.39 35.30 22.88
CA LYS H 33 -30.46 36.35 23.88
C LYS H 33 -31.01 35.66 25.12
N VAL H 34 -30.65 36.18 26.27
CA VAL H 34 -31.08 35.60 27.53
C VAL H 34 -31.44 36.70 28.55
N THR H 35 -32.42 36.43 29.40
CA THR H 35 -32.80 37.37 30.44
C THR H 35 -33.01 36.53 31.70
N ALA H 36 -32.13 36.68 32.68
CA ALA H 36 -32.30 35.92 33.91
C ALA H 36 -32.82 36.89 34.96
N LEU H 37 -34.02 37.42 34.76
CA LEU H 37 -34.63 38.41 35.67
C LEU H 37 -34.83 37.96 37.12
N ASP H 38 -35.02 38.94 38.00
CA ASP H 38 -35.24 38.66 39.43
C ASP H 38 -36.72 38.85 39.74
N LEU H 39 -37.35 37.86 40.36
CA LEU H 39 -38.76 38.06 40.69
C LEU H 39 -38.86 39.05 41.86
N ALA H 40 -40.06 39.49 42.20
CA ALA H 40 -40.22 40.44 43.28
C ALA H 40 -39.63 39.82 44.54
N ALA H 41 -38.97 40.64 45.35
CA ALA H 41 -38.34 40.19 46.60
C ALA H 41 -37.33 39.04 46.43
N SER H 42 -36.77 38.93 45.23
CA SER H 42 -35.80 37.88 44.95
C SER H 42 -34.47 38.50 44.51
N GLY H 43 -33.38 37.76 44.69
CA GLY H 43 -32.06 38.26 44.30
C GLY H 43 -31.74 39.66 44.81
N THR H 44 -31.53 40.61 43.92
CA THR H 44 -31.20 41.95 44.40
C THR H 44 -32.41 42.89 44.46
N ASP H 45 -33.61 42.36 44.21
CA ASP H 45 -34.83 43.15 44.27
C ASP H 45 -34.96 43.62 45.72
N LEU H 46 -35.06 44.94 45.93
CA LEU H 46 -35.15 45.50 47.28
C LEU H 46 -36.53 45.35 47.95
N ARG H 47 -37.51 44.84 47.21
CA ARG H 47 -38.84 44.63 47.79
C ARG H 47 -38.80 43.51 48.82
N LYS H 48 -39.62 43.59 49.85
CA LYS H 48 -39.62 42.55 50.89
C LYS H 48 -40.72 41.53 50.64
N ILE H 49 -40.53 40.31 51.13
CA ILE H 49 -41.54 39.27 50.93
C ILE H 49 -42.85 39.75 51.57
N GLU H 50 -42.74 40.40 52.72
CA GLU H 50 -43.91 40.92 53.44
C GLU H 50 -44.79 41.85 52.60
N GLU H 51 -44.25 42.42 51.54
CA GLU H 51 -45.06 43.30 50.72
C GLU H 51 -45.82 42.51 49.66
N LEU H 52 -45.51 41.23 49.52
CA LEU H 52 -46.19 40.41 48.52
C LEU H 52 -47.46 39.71 49.03
N ARG H 53 -48.60 40.09 48.45
CA ARG H 53 -49.89 39.54 48.84
C ARG H 53 -50.37 38.46 47.89
N THR H 54 -50.24 38.72 46.59
CA THR H 54 -50.70 37.79 45.57
C THR H 54 -49.60 37.25 44.65
N LEU H 55 -49.94 36.24 43.85
CA LEU H 55 -49.00 35.65 42.92
C LEU H 55 -48.62 36.65 41.84
N TYR H 56 -49.47 37.65 41.63
CA TYR H 56 -49.25 38.68 40.61
C TYR H 56 -48.21 39.70 41.09
N ASP H 57 -48.17 39.92 42.40
CA ASP H 57 -47.23 40.85 43.01
C ASP H 57 -45.81 40.30 42.91
N TYR H 58 -45.72 38.98 42.86
CA TYR H 58 -44.45 38.26 42.78
C TYR H 58 -43.94 38.16 41.34
N THR H 59 -44.85 37.95 40.41
CA THR H 59 -44.55 37.81 38.99
C THR H 59 -44.50 39.13 38.24
N LEU H 60 -44.81 40.20 38.96
CA LEU H 60 -44.82 41.55 38.40
C LEU H 60 -43.64 41.84 37.46
N PRO H 61 -42.40 41.56 37.89
CA PRO H 61 -41.28 41.85 36.98
C PRO H 61 -41.36 41.14 35.61
N LEU H 62 -41.89 39.91 35.60
CA LEU H 62 -42.03 39.14 34.37
C LEU H 62 -43.16 39.69 33.48
N GLU H 64 -43.96 42.79 33.43
CA GLU H 64 -43.41 44.06 32.91
C GLU H 64 -42.53 43.80 31.69
N LEU H 65 -41.74 42.74 31.72
CA LEU H 65 -40.90 42.37 30.59
C LEU H 65 -41.80 42.01 29.40
N GLU H 67 -44.92 42.66 28.91
CA GLU H 67 -45.67 43.82 28.47
C GLU H 67 -44.79 44.69 27.57
N SER H 68 -43.49 44.73 27.85
CA SER H 68 -42.59 45.55 27.05
C SER H 68 -42.21 44.99 25.68
N LEU H 69 -42.35 43.67 25.50
CA LEU H 69 -42.00 43.05 24.22
C LEU H 69 -42.80 43.63 23.04
N SER H 70 -42.12 43.70 21.89
CA SER H 70 -42.68 44.22 20.64
C SER H 70 -43.74 43.30 20.05
N ALA H 71 -44.17 43.63 18.83
CA ALA H 71 -45.19 42.84 18.15
C ALA H 71 -44.64 41.51 17.68
N ASP H 72 -43.48 41.55 17.02
CA ASP H 72 -42.83 40.35 16.48
C ASP H 72 -41.66 39.86 17.33
N GLU H 73 -41.65 40.25 18.59
CA GLU H 73 -40.58 39.85 19.49
C GLU H 73 -41.07 38.73 20.41
N LYS H 74 -41.00 37.50 19.94
CA LYS H 74 -41.45 36.35 20.72
C LYS H 74 -40.30 35.72 21.51
N VAL H 75 -40.62 35.14 22.66
CA VAL H 75 -39.59 34.52 23.48
C VAL H 75 -39.98 33.12 23.95
N ILE H 76 -38.98 32.38 24.43
CA ILE H 76 -39.15 31.04 24.95
C ILE H 76 -39.06 31.15 26.48
N LEU H 77 -40.16 30.89 27.18
CA LEU H 77 -40.17 30.96 28.65
C LEU H 77 -39.60 29.70 29.30
N VAL H 78 -38.89 29.87 30.40
CA VAL H 78 -38.32 28.72 31.08
C VAL H 78 -38.60 28.85 32.57
N GLY H 79 -39.51 28.04 33.09
CA GLY H 79 -39.83 28.15 34.50
C GLY H 79 -39.27 27.03 35.34
N HIS H 80 -38.46 27.36 36.36
CA HIS H 80 -37.90 26.32 37.20
C HIS H 80 -38.58 26.25 38.56
N SER H 81 -38.95 25.04 38.96
CA SER H 81 -39.62 24.81 40.24
C SER H 81 -40.88 25.68 40.45
N LEU H 82 -40.83 26.64 41.37
CA LEU H 82 -41.98 27.49 41.60
C LEU H 82 -42.16 28.42 40.39
N GLY H 83 -41.12 28.49 39.55
CA GLY H 83 -41.14 29.32 38.36
C GLY H 83 -42.31 29.00 37.45
N GLY H 84 -42.75 27.74 37.50
CA GLY H 84 -43.88 27.30 36.69
C GLY H 84 -45.13 28.11 36.98
N ASN H 86 -45.17 31.11 37.91
CA ASN H 86 -44.95 32.44 37.35
C ASN H 86 -45.26 32.38 35.84
N LEU H 87 -44.76 31.33 35.20
CA LEU H 87 -44.96 31.11 33.77
C LEU H 87 -46.42 31.14 33.37
N GLY H 88 -47.29 30.81 34.32
CA GLY H 88 -48.71 30.78 34.06
C GLY H 88 -49.30 32.14 33.75
N LEU H 89 -49.13 33.09 34.68
CA LEU H 89 -49.64 34.45 34.49
C LEU H 89 -49.21 35.04 33.14
N ALA H 90 -47.97 34.77 32.78
CA ALA H 90 -47.39 35.26 31.53
C ALA H 90 -48.05 34.59 30.34
N GLU H 92 -51.03 33.28 30.42
CA GLU H 92 -52.42 33.71 30.36
C GLU H 92 -52.51 35.10 29.75
N LYS H 93 -51.69 36.04 30.22
CA LYS H 93 -51.75 37.40 29.72
C LYS H 93 -51.22 37.55 28.29
N TYR H 94 -50.02 37.04 28.03
CA TYR H 94 -49.39 37.17 26.73
C TYR H 94 -49.14 35.83 26.05
N PRO H 95 -50.20 35.10 25.70
CA PRO H 95 -50.01 33.80 25.04
C PRO H 95 -49.48 33.89 23.61
N GLN H 96 -49.92 34.91 22.88
CA GLN H 96 -49.51 35.07 21.50
C GLN H 96 -48.04 35.51 21.37
N LYS H 97 -47.32 35.60 22.48
CA LYS H 97 -45.92 36.01 22.44
C LYS H 97 -44.93 35.02 23.08
N ILE H 98 -45.26 33.73 23.00
CA ILE H 98 -44.45 32.67 23.57
C ILE H 98 -44.39 31.45 22.65
N TYR H 99 -43.18 31.10 22.18
CA TYR H 99 -43.05 29.94 21.30
C TYR H 99 -43.46 28.68 22.04
N ALA H 100 -43.20 28.67 23.34
CA ALA H 100 -43.55 27.54 24.16
C ALA H 100 -43.07 27.79 25.57
N ALA H 101 -43.66 27.07 26.52
CA ALA H 101 -43.29 27.21 27.90
C ALA H 101 -42.53 25.96 28.34
N VAL H 102 -41.39 26.18 28.99
CA VAL H 102 -40.56 25.09 29.45
C VAL H 102 -40.58 25.06 30.99
N PHE H 103 -41.18 23.99 31.53
CA PHE H 103 -41.29 23.77 32.97
C PHE H 103 -40.17 22.84 33.44
N LEU H 104 -39.06 23.45 33.88
CA LEU H 104 -37.87 22.74 34.35
C LEU H 104 -38.05 22.21 35.76
N ALA H 105 -38.44 20.93 35.87
CA ALA H 105 -38.70 20.29 37.16
C ALA H 105 -39.44 21.31 38.01
N ALA H 106 -40.52 21.83 37.44
CA ALA H 106 -41.34 22.84 38.09
C ALA H 106 -42.74 22.37 38.42
N PHE H 107 -43.48 23.28 39.06
CA PHE H 107 -44.86 23.06 39.41
C PHE H 107 -45.60 23.63 38.23
N PRO H 109 -48.94 24.28 36.43
CA PRO H 109 -50.40 24.36 36.64
C PRO H 109 -51.23 23.99 35.42
N ASP H 110 -52.55 24.02 35.59
CA ASP H 110 -53.44 23.72 34.48
C ASP H 110 -54.63 24.66 34.54
N SER H 111 -55.43 24.64 33.49
CA SER H 111 -56.61 25.49 33.41
C SER H 111 -57.90 24.69 33.58
N VAL H 112 -57.94 23.80 34.57
CA VAL H 112 -59.13 22.98 34.80
C VAL H 112 -59.53 23.00 36.25
N HIS H 113 -58.54 23.11 37.13
CA HIS H 113 -58.77 23.13 38.57
C HIS H 113 -58.35 24.48 39.10
N ASN H 114 -58.41 24.65 40.42
CA ASN H 114 -57.98 25.90 41.02
C ASN H 114 -56.51 26.07 40.74
N SER H 115 -56.04 27.30 40.83
CA SER H 115 -54.65 27.62 40.56
C SER H 115 -53.65 26.97 41.52
N SER H 116 -54.11 26.57 42.71
CA SER H 116 -53.24 25.92 43.70
C SER H 116 -53.32 24.39 43.66
N PHE H 117 -53.94 23.86 42.60
CA PHE H 117 -54.10 22.43 42.40
C PHE H 117 -52.80 21.63 42.51
N VAL H 118 -51.86 21.86 41.60
CA VAL H 118 -50.59 21.13 41.61
C VAL H 118 -49.86 21.12 42.94
N LEU H 119 -49.88 22.24 43.64
CA LEU H 119 -49.21 22.39 44.93
C LEU H 119 -49.90 21.56 46.00
N GLU H 120 -51.22 21.56 45.99
CA GLU H 120 -51.98 20.78 46.95
C GLU H 120 -51.58 19.32 46.75
N GLN H 121 -51.52 18.87 45.50
CA GLN H 121 -51.16 17.50 45.20
C GLN H 121 -49.75 17.16 45.65
N TYR H 122 -48.87 18.15 45.57
CA TYR H 122 -47.50 17.98 45.99
C TYR H 122 -47.51 17.81 47.51
N ASN H 123 -48.30 18.62 48.21
CA ASN H 123 -48.38 18.54 49.67
C ASN H 123 -48.94 17.22 50.18
N GLU H 124 -49.98 16.72 49.53
CA GLU H 124 -50.60 15.46 49.94
C GLU H 124 -49.66 14.29 49.69
N ARG H 125 -48.59 14.53 48.94
CA ARG H 125 -47.62 13.50 48.60
C ARG H 125 -46.23 13.74 49.16
N THR H 126 -46.14 14.65 50.14
CA THR H 126 -44.86 14.99 50.75
C THR H 126 -45.02 15.33 52.22
N PRO H 127 -44.59 14.44 53.11
CA PRO H 127 -44.68 14.62 54.57
C PRO H 127 -43.85 15.80 55.07
N ALA H 128 -44.39 16.49 56.07
CA ALA H 128 -43.74 17.65 56.66
C ALA H 128 -42.21 17.50 56.86
N GLU H 129 -41.76 16.30 57.24
CA GLU H 129 -40.34 16.02 57.49
C GLU H 129 -39.42 16.29 56.29
N ASN H 130 -39.97 16.16 55.09
CA ASN H 130 -39.20 16.39 53.89
C ASN H 130 -38.68 17.83 53.80
N TRP H 131 -39.33 18.75 54.50
CA TRP H 131 -38.92 20.15 54.45
C TRP H 131 -37.72 20.45 55.36
N LEU H 132 -37.24 19.42 56.07
CA LEU H 132 -36.12 19.55 57.00
C LEU H 132 -36.17 20.87 57.78
N ASP H 133 -35.17 21.73 57.57
CA ASP H 133 -35.09 23.00 58.30
C ASP H 133 -35.71 24.22 57.65
N THR H 134 -36.50 24.02 56.60
CA THR H 134 -37.13 25.15 55.94
C THR H 134 -37.99 25.90 56.95
N GLN H 135 -38.04 27.23 56.80
CA GLN H 135 -38.76 28.12 57.70
C GLN H 135 -40.10 28.60 57.14
N PHE H 136 -41.17 28.29 57.87
CA PHE H 136 -42.50 28.71 57.47
C PHE H 136 -43.00 29.69 58.55
N LEU H 137 -43.10 30.98 58.21
CA LEU H 137 -43.56 31.98 59.16
C LEU H 137 -44.70 32.82 58.63
N PRO H 138 -45.61 33.25 59.50
CA PRO H 138 -46.76 34.08 59.12
C PRO H 138 -46.37 35.53 58.98
N TYR H 139 -47.02 36.24 58.06
CA TYR H 139 -46.73 37.66 57.88
C TYR H 139 -47.97 38.40 57.44
N GLY H 140 -49.13 37.81 57.72
CA GLY H 140 -50.38 38.43 57.32
C GLY H 140 -51.16 38.98 58.51
N SER H 141 -52.43 39.29 58.28
CA SER H 141 -53.29 39.80 59.33
C SER H 141 -54.10 38.63 59.87
N PRO H 142 -54.93 38.86 60.90
CA PRO H 142 -55.75 37.79 61.47
C PRO H 142 -56.77 37.24 60.47
N GLU H 143 -57.35 38.15 59.68
CA GLU H 143 -58.34 37.79 58.68
C GLU H 143 -57.71 37.58 57.28
N GLU H 144 -56.49 38.09 57.11
CA GLU H 144 -55.76 37.96 55.85
C GLU H 144 -54.40 37.29 56.10
N PRO H 145 -54.40 35.95 56.30
CA PRO H 145 -53.20 35.12 56.56
C PRO H 145 -52.19 35.04 55.42
N LEU H 146 -50.92 35.19 55.77
CA LEU H 146 -49.85 35.12 54.78
C LEU H 146 -48.65 34.34 55.32
N THR H 147 -48.28 33.28 54.61
CA THR H 147 -47.16 32.46 55.03
C THR H 147 -45.96 32.61 54.11
N SER H 148 -44.79 32.83 54.70
CA SER H 148 -43.54 32.97 53.96
C SER H 148 -42.73 31.70 54.18
N PHE H 150 -38.90 29.87 53.68
CA PHE H 150 -37.47 30.18 53.55
C PHE H 150 -36.59 28.95 53.73
N PHE H 151 -36.04 28.47 52.63
CA PHE H 151 -35.19 27.28 52.65
C PHE H 151 -34.05 27.35 53.65
N GLY H 152 -33.80 26.21 54.31
CA GLY H 152 -32.75 26.09 55.29
C GLY H 152 -31.54 25.44 54.66
N PRO H 153 -30.36 25.52 55.30
CA PRO H 153 -29.14 24.91 54.74
C PRO H 153 -29.18 23.39 54.59
N LYS H 154 -29.84 22.70 55.52
CA LYS H 154 -29.96 21.25 55.47
C LYS H 154 -30.91 20.87 54.33
N PHE H 155 -32.04 21.56 54.22
CA PHE H 155 -33.00 21.27 53.16
C PHE H 155 -32.45 21.71 51.82
N LEU H 156 -31.35 22.45 51.87
CA LEU H 156 -30.75 22.92 50.66
C LEU H 156 -29.73 21.92 50.12
N ALA H 157 -28.97 21.32 51.02
CA ALA H 157 -27.96 20.37 50.63
C ALA H 157 -28.43 18.93 50.52
N HIS H 158 -29.56 18.62 51.16
CA HIS H 158 -30.02 17.24 51.08
C HIS H 158 -31.17 17.01 50.13
N LYS H 159 -31.83 18.06 49.67
CA LYS H 159 -32.97 17.88 48.77
C LYS H 159 -32.90 18.64 47.45
N LEU H 160 -31.95 19.57 47.31
CA LEU H 160 -31.89 20.37 46.10
C LEU H 160 -30.55 20.34 45.39
N TYR H 161 -29.47 20.42 46.18
CA TYR H 161 -28.10 20.46 45.67
C TYR H 161 -27.28 19.20 45.93
N GLN H 162 -27.90 18.09 46.33
CA GLN H 162 -27.13 16.90 46.66
C GLN H 162 -26.11 16.45 45.60
N LEU H 163 -26.43 16.67 44.33
CA LEU H 163 -25.54 16.30 43.25
C LEU H 163 -24.78 17.50 42.74
N CYS H 164 -24.93 18.61 43.47
CA CYS H 164 -24.26 19.83 43.12
C CYS H 164 -22.93 19.98 43.85
N SER H 165 -22.13 20.94 43.41
CA SER H 165 -20.84 21.14 44.03
C SER H 165 -20.97 21.93 45.33
N PRO H 166 -19.95 21.84 46.18
CA PRO H 166 -20.02 22.59 47.43
C PRO H 166 -20.00 24.08 47.11
N GLU H 167 -19.34 24.44 46.01
CA GLU H 167 -19.27 25.85 45.61
C GLU H 167 -20.68 26.37 45.36
N ASP H 168 -21.42 25.65 44.52
CA ASP H 168 -22.79 26.03 44.20
C ASP H 168 -23.67 25.97 45.45
N LEU H 169 -23.28 25.17 46.44
CA LEU H 169 -24.07 25.10 47.68
C LEU H 169 -23.77 26.35 48.49
N ALA H 170 -22.49 26.59 48.74
CA ALA H 170 -22.08 27.76 49.52
C ALA H 170 -22.70 29.02 48.90
N LEU H 171 -22.64 29.12 47.58
CA LEU H 171 -23.18 30.27 46.87
C LEU H 171 -24.64 30.49 47.23
N ALA H 172 -25.41 29.41 47.15
CA ALA H 172 -26.84 29.42 47.42
C ALA H 172 -27.12 29.79 48.87
N SER H 173 -26.27 29.28 49.76
CA SER H 173 -26.46 29.57 51.16
C SER H 173 -26.43 31.06 51.43
N SER H 174 -25.65 31.79 50.66
CA SER H 174 -25.58 33.23 50.88
C SER H 174 -26.56 34.07 50.08
N LEU H 175 -27.28 33.46 49.14
CA LEU H 175 -28.21 34.23 48.33
C LEU H 175 -29.69 33.92 48.56
N VAL H 176 -29.99 32.77 49.16
CA VAL H 176 -31.37 32.39 49.41
C VAL H 176 -32.12 33.37 50.29
N ARG H 177 -33.21 33.89 49.77
CA ARG H 177 -34.02 34.82 50.52
C ARG H 177 -35.40 34.20 50.76
N PRO H 178 -36.14 34.71 51.74
CA PRO H 178 -37.46 34.13 51.98
C PRO H 178 -38.41 34.46 50.81
N SER H 179 -39.26 33.50 50.46
CA SER H 179 -40.24 33.66 49.39
C SER H 179 -41.60 33.18 49.90
N SER H 180 -42.49 32.81 48.99
CA SER H 180 -43.80 32.32 49.38
C SER H 180 -44.45 31.49 48.27
N LEU H 181 -45.28 30.54 48.68
CA LEU H 181 -45.99 29.69 47.74
C LEU H 181 -47.30 30.35 47.34
N PHE H 182 -47.68 31.36 48.10
CA PHE H 182 -48.90 32.10 47.84
C PHE H 182 -50.15 31.21 47.79
N GLU H 184 -52.65 30.63 50.06
CA GLU H 184 -53.86 31.34 50.48
C GLU H 184 -54.46 32.15 49.34
N ASP H 185 -53.59 32.58 48.43
CA ASP H 185 -54.04 33.35 47.29
C ASP H 185 -54.47 32.44 46.15
N LEU H 186 -53.56 31.55 45.75
CA LEU H 186 -53.84 30.65 44.64
C LEU H 186 -55.08 29.76 44.85
N SER H 187 -55.36 29.37 46.08
CA SER H 187 -56.52 28.51 46.38
C SER H 187 -57.87 29.19 46.19
N LYS H 188 -57.88 30.52 46.31
CA LYS H 188 -59.11 31.29 46.17
C LYS H 188 -59.08 32.16 44.91
N ALA H 189 -58.56 31.60 43.82
CA ALA H 189 -58.47 32.32 42.54
C ALA H 189 -58.23 31.39 41.34
N LYS H 190 -58.79 31.77 40.20
CA LYS H 190 -58.62 31.00 38.97
C LYS H 190 -57.86 31.91 38.01
N TYR H 191 -56.54 31.79 38.03
CA TYR H 191 -55.66 32.62 37.21
C TYR H 191 -55.62 32.31 35.72
N PHE H 192 -55.60 31.03 35.40
CA PHE H 192 -55.47 30.60 34.01
C PHE H 192 -56.72 29.98 33.39
N THR H 193 -56.75 29.92 32.07
CA THR H 193 -57.88 29.33 31.36
C THR H 193 -57.39 28.58 30.13
N ASP H 194 -58.33 27.93 29.45
CA ASP H 194 -57.98 27.19 28.26
C ASP H 194 -57.73 28.07 27.04
N GLU H 195 -58.40 29.23 26.99
CA GLU H 195 -58.27 30.17 25.86
C GLU H 195 -56.88 30.83 25.74
N ARG H 196 -56.32 31.24 26.87
CA ARG H 196 -55.03 31.90 26.88
C ARG H 196 -53.89 30.98 27.34
N PHE H 197 -53.87 30.66 28.63
CA PHE H 197 -52.85 29.78 29.19
C PHE H 197 -52.77 28.48 28.36
N GLY H 198 -53.89 27.78 28.28
CA GLY H 198 -53.94 26.54 27.54
C GLY H 198 -53.61 26.61 26.05
N SER H 199 -53.32 27.80 25.54
CA SER H 199 -53.01 27.90 24.12
C SER H 199 -51.50 27.95 23.86
N VAL H 200 -50.72 27.74 24.91
CA VAL H 200 -49.26 27.75 24.77
C VAL H 200 -48.66 26.34 24.90
N LYS H 201 -47.91 25.94 23.88
CA LYS H 201 -47.27 24.63 23.87
C LYS H 201 -46.47 24.45 25.16
N ARG H 202 -46.78 23.42 25.93
CA ARG H 202 -46.08 23.16 27.19
C ARG H 202 -45.02 22.06 27.10
N VAL H 203 -43.77 22.38 27.44
CA VAL H 203 -42.69 21.41 27.43
C VAL H 203 -42.27 21.19 28.87
N TYR H 204 -42.04 19.93 29.26
CA TYR H 204 -41.65 19.59 30.62
C TYR H 204 -40.35 18.79 30.66
N ILE H 205 -39.37 19.29 31.40
CA ILE H 205 -38.10 18.61 31.52
C ILE H 205 -38.00 18.00 32.92
N VAL H 206 -37.86 16.69 32.98
CA VAL H 206 -37.78 15.98 34.25
C VAL H 206 -36.34 15.82 34.72
N CYS H 207 -36.11 16.01 36.01
CA CYS H 207 -34.78 15.84 36.58
C CYS H 207 -34.84 14.60 37.46
N THR H 208 -34.41 13.47 36.89
CA THR H 208 -34.46 12.17 37.54
C THR H 208 -33.96 12.07 38.98
N GLU H 209 -32.91 12.79 39.33
CA GLU H 209 -32.40 12.71 40.70
C GLU H 209 -32.93 13.80 41.65
N ASP H 210 -33.83 14.63 41.12
CA ASP H 210 -34.45 15.70 41.88
C ASP H 210 -35.01 15.17 43.20
N LYS H 211 -34.69 15.83 44.30
CA LYS H 211 -35.20 15.41 45.59
C LYS H 211 -36.21 16.41 46.16
N GLY H 212 -36.35 17.56 45.52
CA GLY H 212 -37.28 18.54 46.03
C GLY H 212 -38.66 18.17 45.57
N ILE H 213 -38.74 17.86 44.29
CA ILE H 213 -39.94 17.45 43.63
C ILE H 213 -39.49 16.18 42.90
N PRO H 214 -39.54 15.03 43.60
CA PRO H 214 -39.14 13.72 43.05
C PRO H 214 -39.79 13.36 41.72
N GLU H 215 -39.02 12.74 40.82
CA GLU H 215 -39.55 12.37 39.51
C GLU H 215 -40.98 11.87 39.54
N GLU H 216 -41.31 11.12 40.57
CA GLU H 216 -42.66 10.58 40.74
C GLU H 216 -43.71 11.66 40.57
N PHE H 217 -43.57 12.74 41.31
CA PHE H 217 -44.53 13.84 41.21
C PHE H 217 -44.42 14.57 39.87
N GLN H 218 -43.21 14.61 39.32
CA GLN H 218 -43.00 15.26 38.03
C GLN H 218 -43.71 14.49 36.92
N ARG H 219 -43.66 13.16 36.99
CA ARG H 219 -44.33 12.32 36.00
C ARG H 219 -45.83 12.41 36.22
N TRP H 220 -46.21 12.67 37.46
CA TRP H 220 -47.60 12.79 37.84
C TRP H 220 -48.22 13.97 37.11
N GLN H 221 -47.51 15.09 37.07
CA GLN H 221 -48.00 16.28 36.40
C GLN H 221 -48.16 16.06 34.91
N ILE H 222 -47.18 15.38 34.32
CA ILE H 222 -47.20 15.09 32.88
C ILE H 222 -48.41 14.26 32.50
N ASP H 223 -48.71 13.27 33.34
CA ASP H 223 -49.84 12.37 33.12
C ASP H 223 -51.19 13.04 33.37
N ASN H 224 -51.28 13.81 34.46
CA ASN H 224 -52.52 14.48 34.79
C ASN H 224 -52.71 15.76 34.00
N ILE H 225 -51.88 16.77 34.26
CA ILE H 225 -52.01 18.03 33.52
C ILE H 225 -51.74 17.81 32.04
N GLY H 226 -50.71 17.02 31.73
CA GLY H 226 -50.39 16.75 30.35
C GLY H 226 -49.41 17.74 29.77
N VAL H 227 -48.65 17.29 28.78
CA VAL H 227 -47.65 18.12 28.13
C VAL H 227 -47.57 17.75 26.66
N THR H 228 -47.32 18.76 25.83
CA THR H 228 -47.17 18.58 24.40
C THR H 228 -45.97 17.66 24.16
N GLU H 229 -44.88 17.92 24.89
CA GLU H 229 -43.64 17.17 24.77
C GLU H 229 -43.02 17.01 26.16
N ALA H 230 -42.25 15.94 26.34
CA ALA H 230 -41.61 15.70 27.62
C ALA H 230 -40.21 15.16 27.44
N ILE H 231 -39.22 15.89 27.96
CA ILE H 231 -37.83 15.46 27.86
C ILE H 231 -37.26 15.23 29.26
N GLU H 232 -36.31 14.31 29.38
CA GLU H 232 -35.72 14.05 30.68
C GLU H 232 -34.22 14.20 30.67
N ILE H 233 -33.70 14.46 31.85
CA ILE H 233 -32.27 14.62 32.02
C ILE H 233 -31.86 13.70 33.16
N LYS H 234 -30.92 12.82 32.85
CA LYS H 234 -30.41 11.85 33.81
C LYS H 234 -29.33 12.46 34.71
N GLY H 235 -29.30 12.01 35.96
CA GLY H 235 -28.29 12.48 36.90
C GLY H 235 -28.45 13.91 37.40
N ALA H 236 -29.48 14.57 36.93
CA ALA H 236 -29.73 15.93 37.30
C ALA H 236 -30.63 15.98 38.52
N ASP H 237 -30.23 16.76 39.50
CA ASP H 237 -31.04 16.92 40.70
C ASP H 237 -32.01 18.04 40.40
N HIS H 238 -32.48 18.70 41.45
CA HIS H 238 -33.41 19.81 41.32
C HIS H 238 -32.73 21.04 40.69
N ALA H 240 -30.75 21.54 38.15
CA ALA H 240 -30.17 21.07 36.91
C ALA H 240 -29.31 22.11 36.16
N LEU H 242 -27.34 24.07 37.43
CA LEU H 242 -26.07 24.17 38.13
C LEU H 242 -25.23 22.89 38.00
N CYS H 243 -25.86 21.73 38.14
CA CYS H 243 -25.16 20.46 38.05
C CYS H 243 -25.09 19.85 36.64
N GLU H 244 -25.94 20.33 35.72
CA GLU H 244 -25.97 19.83 34.34
C GLU H 244 -26.36 20.90 33.32
N PRO H 245 -25.66 22.04 33.32
CA PRO H 245 -25.95 23.13 32.39
C PRO H 245 -25.88 22.81 30.91
N GLN H 246 -24.87 22.04 30.50
CA GLN H 246 -24.76 21.71 29.08
C GLN H 246 -25.89 20.75 28.68
N LYS H 247 -26.30 19.87 29.57
CA LYS H 247 -27.40 18.99 29.19
C LYS H 247 -28.66 19.83 29.06
N LEU H 248 -28.83 20.80 29.95
CA LEU H 248 -30.00 21.68 29.94
C LEU H 248 -29.93 22.57 28.70
N CYS H 249 -28.75 23.15 28.46
CA CYS H 249 -28.56 24.01 27.30
C CYS H 249 -28.86 23.23 26.04
N ALA H 250 -28.43 21.97 26.01
CA ALA H 250 -28.68 21.16 24.82
C ALA H 250 -30.17 20.85 24.66
N SER H 251 -30.82 20.53 25.77
CA SER H 251 -32.23 20.20 25.75
C SER H 251 -33.05 21.46 25.45
N LEU H 252 -32.51 22.61 25.85
CA LEU H 252 -33.18 23.90 25.63
C LEU H 252 -33.02 24.42 24.19
N LEU H 253 -31.86 24.20 23.58
CA LEU H 253 -31.62 24.65 22.21
C LEU H 253 -32.44 23.82 21.22
N GLU H 254 -32.63 22.55 21.53
CA GLU H 254 -33.43 21.67 20.69
C GLU H 254 -34.84 22.27 20.66
N ILE H 255 -35.39 22.52 21.85
CA ILE H 255 -36.73 23.08 21.97
C ILE H 255 -36.92 24.37 21.16
N ALA H 256 -35.86 25.16 21.04
CA ALA H 256 -35.92 26.40 20.29
C ALA H 256 -35.98 26.11 18.80
N HIS H 257 -35.23 25.12 18.35
CA HIS H 257 -35.23 24.76 16.95
C HIS H 257 -36.53 24.09 16.52
N LYS H 258 -37.00 23.12 17.30
CA LYS H 258 -38.20 22.39 16.97
C LYS H 258 -39.45 23.25 16.83
N TYR H 259 -39.95 23.74 17.96
CA TYR H 259 -41.15 24.56 17.99
C TYR H 259 -41.05 25.88 17.23
N ASN H 260 -41.46 25.83 15.97
CA ASN H 260 -41.45 26.98 15.08
C ASN H 260 -40.05 27.40 14.67
#